data_3FRO
#
_entry.id   3FRO
#
_cell.length_a   74.998
_cell.length_b   139.913
_cell.length_c   159.414
_cell.angle_alpha   90.000
_cell.angle_beta   90.000
_cell.angle_gamma   90.000
#
_symmetry.space_group_name_H-M   'P 21 21 21'
#
loop_
_entity.id
_entity.type
_entity.pdbx_description
1 polymer 'GlgA glycogen synthase'
2 non-polymer 2-AMINO-2-HYDROXYMETHYL-PROPANE-1,3-DIOL
3 non-polymer 'PHOSPHATE ION'
4 non-polymer 1,5-anhydro-D-fructose
5 water water
#
_entity_poly.entity_id   1
_entity_poly.type   'polypeptide(L)'
_entity_poly.pdbx_seq_one_letter_code
;RHMKVLLLGFEFLPVKVGGLAEALTAISEALASLGHEVLVFTPSHGRFQGEEIGKIRVFGEEVQVKVSYEERGNLRIYRI
GGGLLDSEDVYGPGWDGLIRKAVTFGRASVLLLNDLLREEPLPDVVHFHDWHTVFAGALIKKYFKIPAVFTIHRLNKSKL
PAFYFHEAGLSELAPYPDIDPEHTGGYIADIVTTVSRGYLIDEWGFFRNFEGKITYVFNGIDCSFWNESYLTGSRDERKK
SLLSKFGMDEGVTFMFIGRFDRGQKGVDVLLKAIEILSSKKEFQEMRFIIIGKGDPELEGWARSLEEKHGNVKVITEMLS
REFVRELYGSVDFVIIPSYFEPFGLVALEAMCLGAIPIASAVGGLRDIITNETGILVKAGDPGELANAILKALELSRSDL
SKFRENCKKRAMSFSWEKSAERYVKAYTGSIDRAFDFIL
;
_entity_poly.pdbx_strand_id   A,B,C
#
# COMPACT_ATOMS: atom_id res chain seq x y z
N ARG A 1 -17.82 6.14 -3.00
CA ARG A 1 -16.56 5.38 -3.25
C ARG A 1 -16.73 4.39 -4.40
N HIS A 2 -17.82 3.63 -4.35
CA HIS A 2 -18.07 2.51 -5.26
C HIS A 2 -16.96 1.46 -5.20
N MET A 3 -16.68 1.01 -3.97
CA MET A 3 -15.78 -0.10 -3.74
C MET A 3 -16.46 -1.41 -4.10
N LYS A 4 -15.65 -2.46 -4.23
CA LYS A 4 -16.16 -3.82 -4.41
C LYS A 4 -15.96 -4.55 -3.09
N VAL A 5 -17.06 -5.06 -2.53
CA VAL A 5 -17.04 -5.69 -1.20
C VAL A 5 -17.29 -7.19 -1.26
N LEU A 6 -16.35 -7.97 -0.71
CA LEU A 6 -16.57 -9.39 -0.49
C LEU A 6 -16.99 -9.59 0.96
N LEU A 7 -18.23 -10.01 1.17
CA LEU A 7 -18.77 -10.19 2.51
C LEU A 7 -18.90 -11.68 2.86
N LEU A 8 -18.38 -12.07 4.02
CA LEU A 8 -18.42 -13.46 4.48
C LEU A 8 -19.35 -13.62 5.67
N GLY A 9 -20.33 -14.51 5.56
CA GLY A 9 -21.28 -14.77 6.64
C GLY A 9 -21.69 -16.22 6.73
N PHE A 10 -21.78 -16.74 7.96
CA PHE A 10 -22.09 -18.16 8.15
C PHE A 10 -23.58 -18.48 8.01
N GLU A 11 -24.41 -17.45 8.07
CA GLU A 11 -25.81 -17.56 7.67
C GLU A 11 -26.24 -16.32 6.92
N PHE A 12 -27.23 -16.50 6.05
CA PHE A 12 -27.71 -15.46 5.16
C PHE A 12 -29.12 -15.89 4.78
N LEU A 13 -30.08 -14.96 4.78
CA LEU A 13 -31.45 -15.30 4.38
C LEU A 13 -31.40 -16.08 3.07
N PRO A 14 -32.27 -17.11 2.93
CA PRO A 14 -33.35 -17.52 3.84
C PRO A 14 -32.94 -18.43 5.02
N VAL A 15 -31.65 -18.81 5.10
CA VAL A 15 -31.19 -19.67 6.19
C VAL A 15 -31.14 -18.90 7.52
N LYS A 16 -32.19 -19.04 8.32
CA LYS A 16 -32.32 -18.27 9.56
C LYS A 16 -32.07 -19.17 10.78
N VAL A 17 -31.17 -18.72 11.64
CA VAL A 17 -30.97 -19.35 12.94
C VAL A 17 -31.24 -18.29 14.02
N GLY A 18 -30.36 -17.29 14.11
CA GLY A 18 -30.57 -16.17 15.03
C GLY A 18 -31.03 -14.93 14.28
N GLY A 19 -30.54 -13.77 14.71
CA GLY A 19 -30.79 -12.51 14.01
C GLY A 19 -29.72 -12.18 12.99
N LEU A 20 -28.62 -12.92 13.02
CA LEU A 20 -27.47 -12.66 12.14
C LEU A 20 -27.83 -12.69 10.66
N ALA A 21 -28.66 -13.66 10.25
CA ALA A 21 -29.03 -13.83 8.84
C ALA A 21 -29.72 -12.59 8.28
N GLU A 22 -30.66 -12.06 9.04
CA GLU A 22 -31.42 -10.88 8.63
C GLU A 22 -30.54 -9.64 8.65
N ALA A 23 -29.66 -9.56 9.65
CA ALA A 23 -28.75 -8.43 9.80
C ALA A 23 -27.70 -8.34 8.68
N LEU A 24 -27.23 -9.48 8.17
CA LEU A 24 -26.24 -9.48 7.09
C LEU A 24 -26.86 -9.15 5.74
N THR A 25 -28.06 -9.68 5.48
CA THR A 25 -28.80 -9.39 4.26
C THR A 25 -29.13 -7.90 4.14
N ALA A 26 -29.50 -7.28 5.25
CA ALA A 26 -29.82 -5.85 5.28
C ALA A 26 -28.58 -4.98 5.03
N ILE A 27 -27.43 -5.40 5.57
CA ILE A 27 -26.15 -4.72 5.33
C ILE A 27 -25.77 -4.84 3.86
N SER A 28 -25.93 -6.03 3.31
CA SER A 28 -25.56 -6.31 1.92
C SER A 28 -26.41 -5.54 0.92
N GLU A 29 -27.72 -5.50 1.13
CA GLU A 29 -28.64 -4.79 0.24
C GLU A 29 -28.46 -3.27 0.32
N ALA A 30 -28.18 -2.77 1.51
CA ALA A 30 -27.93 -1.34 1.71
C ALA A 30 -26.69 -0.88 0.94
N LEU A 31 -25.60 -1.64 1.06
CA LEU A 31 -24.37 -1.41 0.28
C LEU A 31 -24.65 -1.46 -1.23
N ALA A 32 -25.43 -2.46 -1.65
CA ALA A 32 -25.81 -2.59 -3.05
C ALA A 32 -26.63 -1.39 -3.55
N SER A 33 -27.47 -0.84 -2.68
CA SER A 33 -28.29 0.33 -3.02
C SER A 33 -27.46 1.60 -3.14
N LEU A 34 -26.40 1.71 -2.34
CA LEU A 34 -25.51 2.87 -2.41
C LEU A 34 -24.57 2.82 -3.63
N GLY A 35 -24.67 1.77 -4.43
CA GLY A 35 -23.93 1.68 -5.69
C GLY A 35 -22.66 0.86 -5.63
N HIS A 36 -22.48 0.11 -4.54
CA HIS A 36 -21.33 -0.79 -4.41
C HIS A 36 -21.67 -2.16 -4.97
N GLU A 37 -20.67 -2.79 -5.58
CA GLU A 37 -20.79 -4.17 -6.01
C GLU A 37 -20.50 -5.03 -4.80
N VAL A 38 -21.46 -5.87 -4.41
CA VAL A 38 -21.31 -6.70 -3.22
C VAL A 38 -21.33 -8.18 -3.58
N LEU A 39 -20.34 -8.92 -3.08
CA LEU A 39 -20.26 -10.36 -3.26
C LEU A 39 -20.42 -11.01 -1.89
N VAL A 40 -21.38 -11.93 -1.78
CA VAL A 40 -21.59 -12.66 -0.53
C VAL A 40 -21.22 -14.12 -0.72
N PHE A 41 -20.27 -14.60 0.07
CA PHE A 41 -20.02 -16.04 0.22
C PHE A 41 -20.66 -16.49 1.52
N THR A 42 -21.40 -17.59 1.46
CA THR A 42 -22.03 -18.19 2.64
C THR A 42 -22.22 -19.68 2.39
N PRO A 43 -22.21 -20.52 3.45
CA PRO A 43 -22.43 -21.94 3.19
C PRO A 43 -23.86 -22.27 2.76
N SER A 44 -24.02 -23.31 1.95
CA SER A 44 -25.34 -23.72 1.49
C SER A 44 -26.12 -24.48 2.57
N HIS A 45 -25.38 -25.13 3.48
CA HIS A 45 -25.98 -25.93 4.58
C HIS A 45 -26.95 -27.00 4.05
N GLY A 46 -26.58 -27.64 2.95
CA GLY A 46 -27.35 -28.74 2.38
C GLY A 46 -28.71 -28.38 1.81
N ARG A 47 -28.91 -27.10 1.49
CA ARG A 47 -30.22 -26.59 1.10
C ARG A 47 -30.40 -26.39 -0.40
N PHE A 48 -29.39 -25.83 -1.06
CA PHE A 48 -29.52 -25.32 -2.42
C PHE A 48 -28.75 -26.15 -3.47
N GLN A 49 -29.33 -26.27 -4.66
CA GLN A 49 -28.68 -26.95 -5.78
C GLN A 49 -27.55 -26.09 -6.32
N GLY A 50 -26.39 -26.72 -6.55
CA GLY A 50 -25.22 -26.02 -7.09
C GLY A 50 -24.51 -26.82 -8.15
N GLU A 51 -23.67 -26.14 -8.93
CA GLU A 51 -22.85 -26.81 -9.94
C GLU A 51 -21.42 -26.82 -9.43
N GLU A 52 -20.68 -27.88 -9.76
CA GLU A 52 -19.33 -28.06 -9.23
C GLU A 52 -18.34 -27.09 -9.89
N ILE A 53 -17.51 -26.46 -9.06
CA ILE A 53 -16.48 -25.54 -9.54
C ILE A 53 -15.05 -26.02 -9.24
N GLY A 54 -14.91 -27.24 -8.74
CA GLY A 54 -13.59 -27.81 -8.47
C GLY A 54 -13.53 -28.67 -7.22
N LYS A 55 -12.33 -29.13 -6.89
CA LYS A 55 -12.09 -29.97 -5.73
C LYS A 55 -11.02 -29.36 -4.83
N ILE A 56 -11.11 -29.66 -3.54
CA ILE A 56 -10.09 -29.24 -2.58
C ILE A 56 -9.73 -30.40 -1.65
N ARG A 57 -8.57 -30.29 -1.01
CA ARG A 57 -8.15 -31.23 0.01
C ARG A 57 -8.40 -30.61 1.39
N VAL A 58 -9.15 -31.32 2.23
CA VAL A 58 -9.34 -30.93 3.63
C VAL A 58 -9.40 -32.17 4.52
N PHE A 59 -8.61 -32.16 5.59
CA PHE A 59 -8.55 -33.28 6.54
C PHE A 59 -8.19 -34.58 5.84
N GLY A 60 -7.20 -34.52 4.96
CA GLY A 60 -6.73 -35.70 4.22
C GLY A 60 -7.75 -36.31 3.27
N GLU A 61 -8.71 -35.51 2.81
CA GLU A 61 -9.78 -35.99 1.95
C GLU A 61 -10.11 -35.01 0.82
N GLU A 62 -10.59 -35.57 -0.28
CA GLU A 62 -10.98 -34.84 -1.47
C GLU A 62 -12.44 -34.42 -1.35
N VAL A 63 -12.72 -33.13 -1.51
CA VAL A 63 -14.08 -32.59 -1.41
C VAL A 63 -14.46 -31.87 -2.70
N GLN A 64 -15.63 -32.21 -3.23
CA GLN A 64 -16.16 -31.57 -4.43
C GLN A 64 -16.94 -30.32 -4.02
N VAL A 65 -16.45 -29.16 -4.43
CA VAL A 65 -17.08 -27.88 -4.10
C VAL A 65 -18.18 -27.55 -5.12
N LYS A 66 -19.33 -27.13 -4.61
CA LYS A 66 -20.50 -26.77 -5.41
C LYS A 66 -20.89 -25.33 -5.08
N VAL A 67 -21.51 -24.64 -6.04
CA VAL A 67 -21.94 -23.26 -5.82
C VAL A 67 -23.31 -22.97 -6.44
N SER A 68 -24.14 -22.22 -5.70
CA SER A 68 -25.40 -21.66 -6.22
C SER A 68 -25.22 -20.17 -6.38
N TYR A 69 -25.74 -19.62 -7.47
CA TYR A 69 -25.60 -18.19 -7.76
C TYR A 69 -26.95 -17.49 -7.74
N GLU A 70 -27.03 -16.38 -7.00
CA GLU A 70 -28.21 -15.50 -7.06
C GLU A 70 -27.76 -14.04 -7.20
N GLU A 71 -28.38 -13.34 -8.16
CA GLU A 71 -28.06 -11.95 -8.45
C GLU A 71 -29.28 -11.07 -8.18
N ARG A 72 -29.08 -9.99 -7.42
CA ARG A 72 -30.15 -9.05 -7.08
C ARG A 72 -29.62 -7.62 -7.18
N GLY A 73 -29.69 -7.06 -8.39
CA GLY A 73 -29.11 -5.74 -8.66
C GLY A 73 -27.60 -5.78 -8.55
N ASN A 74 -27.05 -5.01 -7.61
CA ASN A 74 -25.60 -5.00 -7.36
C ASN A 74 -25.16 -6.11 -6.39
N LEU A 75 -26.12 -6.79 -5.79
CA LEU A 75 -25.82 -7.87 -4.86
C LEU A 75 -25.67 -9.18 -5.61
N ARG A 76 -24.59 -9.90 -5.30
CA ARG A 76 -24.32 -11.20 -5.91
C ARG A 76 -24.05 -12.22 -4.80
N ILE A 77 -24.88 -13.25 -4.73
CA ILE A 77 -24.86 -14.20 -3.62
C ILE A 77 -24.38 -15.57 -4.09
N TYR A 78 -23.34 -16.05 -3.42
CA TYR A 78 -22.76 -17.37 -3.68
C TYR A 78 -22.95 -18.27 -2.45
N ARG A 79 -23.75 -19.32 -2.61
CA ARG A 79 -24.00 -20.27 -1.53
C ARG A 79 -23.18 -21.54 -1.78
N ILE A 80 -22.15 -21.73 -0.96
CA ILE A 80 -21.11 -22.72 -1.24
C ILE A 80 -21.39 -24.07 -0.57
N GLY A 81 -21.58 -25.11 -1.39
CA GLY A 81 -21.79 -26.47 -0.88
C GLY A 81 -20.57 -27.36 -1.07
N GLY A 82 -20.62 -28.54 -0.46
CA GLY A 82 -19.56 -29.54 -0.61
C GLY A 82 -19.04 -30.03 0.72
N GLY A 83 -18.93 -31.35 0.87
CA GLY A 83 -18.42 -31.95 2.09
C GLY A 83 -19.31 -31.64 3.28
N LEU A 84 -18.71 -31.12 4.36
CA LEU A 84 -19.46 -30.76 5.56
C LEU A 84 -20.30 -29.50 5.37
N LEU A 85 -20.06 -28.73 4.31
CA LEU A 85 -20.91 -27.58 3.97
C LEU A 85 -22.31 -28.00 3.50
N ASP A 86 -22.47 -29.30 3.21
CA ASP A 86 -23.78 -29.87 2.91
C ASP A 86 -24.55 -30.33 4.15
N SER A 87 -24.00 -30.11 5.34
CA SER A 87 -24.71 -30.47 6.59
C SER A 87 -25.84 -29.49 6.86
N GLU A 88 -27.04 -30.01 7.08
CA GLU A 88 -28.22 -29.17 7.31
C GLU A 88 -28.17 -28.47 8.66
N ASP A 89 -27.54 -29.10 9.65
CA ASP A 89 -27.30 -28.48 10.94
C ASP A 89 -26.38 -27.27 10.70
N VAL A 90 -26.94 -26.07 10.79
CA VAL A 90 -26.20 -24.85 10.45
C VAL A 90 -24.94 -24.69 11.31
N TYR A 91 -25.11 -24.65 12.63
CA TYR A 91 -23.98 -24.62 13.56
C TYR A 91 -23.73 -26.03 14.10
N GLY A 92 -23.41 -26.94 13.18
CA GLY A 92 -23.08 -28.33 13.50
C GLY A 92 -22.35 -28.97 12.33
N PRO A 93 -22.38 -30.32 12.23
CA PRO A 93 -23.02 -31.29 13.11
C PRO A 93 -22.14 -31.60 14.31
N GLY A 94 -22.52 -31.09 15.48
CA GLY A 94 -21.71 -31.20 16.68
C GLY A 94 -20.65 -30.12 16.68
N TRP A 95 -19.87 -30.07 17.76
CA TRP A 95 -18.84 -29.05 17.92
C TRP A 95 -17.65 -29.28 16.98
N ASP A 96 -17.12 -30.49 16.97
CA ASP A 96 -16.00 -30.83 16.07
C ASP A 96 -16.40 -30.64 14.61
N GLY A 97 -17.59 -31.13 14.26
CA GLY A 97 -18.13 -30.98 12.91
C GLY A 97 -18.28 -29.52 12.47
N LEU A 98 -18.72 -28.66 13.39
CA LEU A 98 -18.85 -27.23 13.11
C LEU A 98 -17.52 -26.58 12.80
N ILE A 99 -16.48 -26.96 13.52
CA ILE A 99 -15.14 -26.39 13.31
C ILE A 99 -14.60 -26.86 11.95
N ARG A 100 -14.77 -28.14 11.65
CA ARG A 100 -14.37 -28.70 10.36
C ARG A 100 -15.13 -28.05 9.20
N LYS A 101 -16.41 -27.81 9.41
CA LYS A 101 -17.26 -27.12 8.44
C LYS A 101 -16.74 -25.71 8.20
N ALA A 102 -16.39 -25.01 9.28
CA ALA A 102 -15.82 -23.67 9.19
C ALA A 102 -14.48 -23.65 8.45
N VAL A 103 -13.64 -24.67 8.70
CA VAL A 103 -12.37 -24.82 8.00
C VAL A 103 -12.62 -25.09 6.51
N THR A 104 -13.56 -25.97 6.21
CA THR A 104 -13.92 -26.28 4.82
C THR A 104 -14.42 -25.04 4.09
N PHE A 105 -15.16 -24.19 4.80
CA PHE A 105 -15.64 -22.92 4.24
C PHE A 105 -14.47 -21.99 3.87
N GLY A 106 -13.37 -22.09 4.61
CA GLY A 106 -12.17 -21.29 4.34
C GLY A 106 -11.52 -21.64 3.02
N ARG A 107 -11.21 -22.92 2.83
CA ARG A 107 -10.54 -23.39 1.61
C ARG A 107 -11.44 -23.39 0.38
N ALA A 108 -12.74 -23.54 0.59
CA ALA A 108 -13.73 -23.48 -0.50
C ALA A 108 -13.93 -22.03 -0.95
N SER A 109 -13.88 -21.10 -0.01
CA SER A 109 -13.96 -19.68 -0.34
C SER A 109 -12.74 -19.23 -1.14
N VAL A 110 -11.56 -19.69 -0.74
CA VAL A 110 -10.34 -19.40 -1.50
C VAL A 110 -10.45 -19.92 -2.91
N LEU A 111 -11.03 -21.11 -3.08
CA LEU A 111 -11.22 -21.74 -4.39
C LEU A 111 -12.19 -20.95 -5.28
N LEU A 112 -13.25 -20.40 -4.68
CA LEU A 112 -14.26 -19.67 -5.42
C LEU A 112 -13.71 -18.32 -5.88
N LEU A 113 -13.14 -17.57 -4.93
CA LEU A 113 -12.50 -16.30 -5.25
C LEU A 113 -11.40 -16.48 -6.30
N ASN A 114 -10.67 -17.58 -6.20
CA ASN A 114 -9.63 -17.92 -7.19
C ASN A 114 -10.22 -18.03 -8.59
N ASP A 115 -11.37 -18.67 -8.72
CA ASP A 115 -12.02 -18.84 -10.04
C ASP A 115 -12.64 -17.54 -10.55
N LEU A 116 -13.21 -16.75 -9.64
CA LEU A 116 -13.80 -15.46 -10.02
C LEU A 116 -12.73 -14.47 -10.52
N LEU A 117 -11.56 -14.49 -9.89
CA LEU A 117 -10.44 -13.63 -10.29
C LEU A 117 -9.85 -13.99 -11.66
N ARG A 118 -10.34 -15.08 -12.25
CA ARG A 118 -9.98 -15.45 -13.60
C ARG A 118 -10.61 -14.48 -14.62
N GLU A 119 -11.71 -13.84 -14.24
CA GLU A 119 -12.45 -12.93 -15.13
C GLU A 119 -12.97 -11.64 -14.49
N GLU A 120 -12.48 -11.27 -13.31
CA GLU A 120 -12.86 -10.00 -12.70
C GLU A 120 -11.81 -9.51 -11.68
N PRO A 121 -11.86 -8.21 -11.32
CA PRO A 121 -10.88 -7.68 -10.38
C PRO A 121 -11.08 -8.14 -8.94
N LEU A 122 -9.99 -8.05 -8.16
CA LEU A 122 -9.98 -8.38 -6.75
C LEU A 122 -10.83 -7.36 -6.01
N PRO A 123 -11.65 -7.80 -5.04
CA PRO A 123 -12.44 -6.84 -4.28
C PRO A 123 -11.57 -5.94 -3.39
N ASP A 124 -12.08 -4.76 -3.07
CA ASP A 124 -11.31 -3.76 -2.33
C ASP A 124 -11.19 -4.09 -0.85
N VAL A 125 -12.19 -4.77 -0.30
CA VAL A 125 -12.16 -5.16 1.11
C VAL A 125 -12.84 -6.50 1.32
N VAL A 126 -12.35 -7.27 2.30
CA VAL A 126 -13.02 -8.49 2.75
C VAL A 126 -13.64 -8.26 4.13
N HIS A 127 -14.96 -8.36 4.20
CA HIS A 127 -15.71 -8.04 5.41
C HIS A 127 -16.35 -9.31 5.95
N PHE A 128 -15.79 -9.84 7.03
CA PHE A 128 -16.22 -11.12 7.57
C PHE A 128 -16.79 -10.97 8.97
N HIS A 129 -17.82 -11.76 9.26
CA HIS A 129 -18.67 -11.57 10.44
C HIS A 129 -18.67 -12.79 11.37
N ASP A 130 -18.30 -12.55 12.63
CA ASP A 130 -18.22 -13.58 13.69
C ASP A 130 -17.17 -14.66 13.43
N TRP A 131 -16.89 -15.47 14.45
CA TRP A 131 -15.73 -16.35 14.44
C TRP A 131 -15.80 -17.48 13.43
N HIS A 132 -17.02 -17.86 13.03
CA HIS A 132 -17.22 -18.99 12.11
C HIS A 132 -16.58 -18.75 10.72
N THR A 133 -16.33 -17.48 10.38
CA THR A 133 -15.77 -17.11 9.08
C THR A 133 -14.28 -16.72 9.15
N VAL A 134 -13.67 -16.85 10.32
CA VAL A 134 -12.27 -16.44 10.53
C VAL A 134 -11.26 -17.26 9.73
N PHE A 135 -11.55 -18.54 9.47
CA PHE A 135 -10.68 -19.35 8.63
C PHE A 135 -10.70 -18.84 7.18
N ALA A 136 -11.87 -18.42 6.72
CA ALA A 136 -12.02 -17.82 5.40
C ALA A 136 -11.35 -16.46 5.31
N GLY A 137 -11.68 -15.58 6.25
CA GLY A 137 -11.09 -14.24 6.31
C GLY A 137 -9.58 -14.25 6.36
N ALA A 138 -9.02 -15.07 7.24
CA ALA A 138 -7.57 -15.15 7.43
C ALA A 138 -6.86 -15.70 6.20
N LEU A 139 -7.42 -16.75 5.60
CA LEU A 139 -6.86 -17.34 4.38
C LEU A 139 -6.89 -16.36 3.20
N ILE A 140 -8.00 -15.64 3.04
CA ILE A 140 -8.12 -14.66 1.95
C ILE A 140 -7.12 -13.50 2.16
N LYS A 141 -7.06 -13.00 3.38
CA LYS A 141 -6.09 -11.97 3.75
C LYS A 141 -4.65 -12.41 3.52
N LYS A 142 -4.36 -13.68 3.83
CA LYS A 142 -3.01 -14.24 3.71
C LYS A 142 -2.48 -14.23 2.29
N TYR A 143 -3.28 -14.76 1.36
CA TYR A 143 -2.84 -14.95 -0.02
C TYR A 143 -3.07 -13.73 -0.92
N PHE A 144 -4.24 -13.10 -0.79
CA PHE A 144 -4.62 -12.03 -1.72
C PHE A 144 -4.28 -10.62 -1.23
N LYS A 145 -3.96 -10.50 0.06
CA LYS A 145 -3.39 -9.26 0.63
C LYS A 145 -4.32 -8.05 0.57
N ILE A 146 -5.64 -8.28 0.59
CA ILE A 146 -6.60 -7.18 0.53
C ILE A 146 -7.06 -6.76 1.93
N PRO A 147 -7.38 -5.47 2.13
CA PRO A 147 -7.92 -4.95 3.38
C PRO A 147 -9.01 -5.83 4.02
N ALA A 148 -8.86 -6.09 5.32
CA ALA A 148 -9.79 -6.95 6.06
C ALA A 148 -10.48 -6.16 7.16
N VAL A 149 -11.78 -6.38 7.31
CA VAL A 149 -12.57 -5.79 8.40
C VAL A 149 -13.36 -6.90 9.08
N PHE A 150 -13.25 -6.98 10.40
CA PHE A 150 -13.86 -8.04 11.18
C PHE A 150 -14.93 -7.45 12.10
N THR A 151 -16.18 -7.87 11.87
CA THR A 151 -17.30 -7.40 12.67
C THR A 151 -17.76 -8.48 13.65
N ILE A 152 -17.87 -8.10 14.92
CA ILE A 152 -18.34 -9.00 15.96
C ILE A 152 -19.78 -8.65 16.32
N HIS A 153 -20.69 -9.58 16.06
CA HIS A 153 -22.10 -9.44 16.45
C HIS A 153 -22.34 -10.03 17.83
N ARG A 154 -21.58 -11.07 18.15
CA ARG A 154 -21.77 -11.85 19.36
C ARG A 154 -20.43 -12.52 19.70
N LEU A 155 -20.07 -12.49 20.98
CA LEU A 155 -18.83 -13.11 21.45
C LEU A 155 -19.13 -14.50 22.04
N ASN A 156 -18.51 -15.53 21.49
CA ASN A 156 -18.69 -16.90 21.97
C ASN A 156 -17.70 -17.30 23.07
N LYS A 157 -16.54 -16.64 23.11
CA LYS A 157 -15.57 -16.82 24.20
C LYS A 157 -15.12 -18.27 24.43
N SER A 158 -14.58 -18.91 23.39
CA SER A 158 -14.01 -20.24 23.52
C SER A 158 -12.71 -20.36 22.74
N LYS A 159 -11.91 -21.38 23.06
CA LYS A 159 -10.67 -21.67 22.35
C LYS A 159 -10.78 -23.00 21.63
N LEU A 160 -10.21 -23.07 20.43
CA LEU A 160 -10.19 -24.30 19.64
C LEU A 160 -8.77 -24.85 19.63
N PRO A 161 -8.62 -26.19 19.53
CA PRO A 161 -7.31 -26.81 19.40
C PRO A 161 -6.52 -26.32 18.18
N ALA A 162 -5.18 -26.35 18.29
CA ALA A 162 -4.28 -25.91 17.22
C ALA A 162 -4.45 -26.74 15.94
N PHE A 163 -4.77 -28.02 16.10
CA PHE A 163 -5.03 -28.94 14.99
C PHE A 163 -5.82 -28.32 13.83
N TYR A 164 -6.90 -27.60 14.15
CA TYR A 164 -7.80 -27.06 13.13
C TYR A 164 -7.18 -25.93 12.31
N PHE A 165 -6.31 -25.13 12.94
CA PHE A 165 -5.60 -24.06 12.24
C PHE A 165 -4.50 -24.62 11.32
N HIS A 166 -3.88 -25.73 11.73
N HIS A 166 -3.88 -25.73 11.73
CA HIS A 166 -2.89 -26.42 10.90
CA HIS A 166 -2.90 -26.45 10.90
C HIS A 166 -3.55 -27.04 9.65
C HIS A 166 -3.57 -27.01 9.65
N GLU A 167 -4.76 -27.57 9.80
CA GLU A 167 -5.52 -28.15 8.69
C GLU A 167 -6.09 -27.09 7.75
N ALA A 168 -6.30 -25.89 8.27
CA ALA A 168 -6.81 -24.77 7.48
C ALA A 168 -5.69 -24.03 6.74
N GLY A 169 -4.45 -24.45 6.97
CA GLY A 169 -3.29 -23.81 6.34
C GLY A 169 -2.83 -22.54 7.05
N LEU A 170 -3.18 -22.43 8.33
CA LEU A 170 -2.86 -21.25 9.13
C LEU A 170 -2.07 -21.62 10.39
N SER A 171 -1.03 -22.45 10.21
CA SER A 171 -0.18 -22.90 11.32
C SER A 171 0.46 -21.73 12.07
N GLU A 172 0.81 -20.69 11.32
CA GLU A 172 1.46 -19.51 11.87
C GLU A 172 0.57 -18.68 12.80
N LEU A 173 -0.75 -18.90 12.74
CA LEU A 173 -1.70 -18.23 13.63
C LEU A 173 -2.03 -19.06 14.89
N ALA A 174 -1.35 -20.18 15.07
CA ALA A 174 -1.60 -21.08 16.21
C ALA A 174 -0.31 -21.54 16.88
N PRO A 175 0.45 -20.60 17.48
CA PRO A 175 1.68 -20.95 18.21
C PRO A 175 1.46 -21.59 19.59
N TYR A 176 0.22 -21.52 20.09
CA TYR A 176 -0.14 -22.17 21.35
C TYR A 176 -1.03 -23.38 21.08
N PRO A 177 -1.13 -24.31 22.05
CA PRO A 177 -1.99 -25.50 21.88
C PRO A 177 -3.47 -25.19 21.60
N ASP A 178 -3.98 -24.11 22.18
CA ASP A 178 -5.38 -23.69 22.01
C ASP A 178 -5.45 -22.24 21.57
N ILE A 179 -6.41 -21.90 20.69
CA ILE A 179 -6.51 -20.55 20.13
C ILE A 179 -7.95 -20.05 20.09
N ASP A 180 -8.16 -18.84 20.60
CA ASP A 180 -9.45 -18.16 20.53
C ASP A 180 -9.61 -17.58 19.12
N PRO A 181 -10.57 -18.09 18.33
CA PRO A 181 -10.67 -17.65 16.94
C PRO A 181 -11.15 -16.21 16.80
N GLU A 182 -11.80 -15.67 17.83
CA GLU A 182 -12.22 -14.27 17.86
C GLU A 182 -11.04 -13.34 18.07
N HIS A 183 -10.05 -13.78 18.85
CA HIS A 183 -8.76 -13.08 18.92
C HIS A 183 -8.05 -13.08 17.58
N THR A 184 -8.00 -14.25 16.94
CA THR A 184 -7.32 -14.40 15.65
C THR A 184 -7.93 -13.50 14.57
N GLY A 185 -9.25 -13.40 14.56
CA GLY A 185 -9.96 -12.58 13.57
C GLY A 185 -9.70 -11.09 13.70
N GLY A 186 -9.48 -10.63 14.94
CA GLY A 186 -9.15 -9.24 15.18
C GLY A 186 -7.69 -8.92 14.89
N TYR A 187 -6.80 -9.83 15.28
CA TYR A 187 -5.36 -9.69 15.05
C TYR A 187 -5.04 -9.49 13.57
N ILE A 188 -5.57 -10.36 12.72
CA ILE A 188 -5.31 -10.28 11.27
C ILE A 188 -6.11 -9.17 10.58
N ALA A 189 -7.18 -8.70 11.22
CA ALA A 189 -8.03 -7.66 10.65
C ALA A 189 -7.35 -6.28 10.69
N ASP A 190 -7.60 -5.46 9.66
CA ASP A 190 -7.10 -4.09 9.62
C ASP A 190 -7.95 -3.15 10.49
N ILE A 191 -9.25 -3.34 10.48
CA ILE A 191 -10.17 -2.62 11.36
C ILE A 191 -11.22 -3.58 11.91
N VAL A 192 -11.47 -3.52 13.22
CA VAL A 192 -12.49 -4.35 13.86
C VAL A 192 -13.68 -3.49 14.27
N THR A 193 -14.89 -4.00 14.06
CA THR A 193 -16.10 -3.28 14.43
C THR A 193 -17.05 -4.15 15.25
N THR A 194 -17.97 -3.50 15.95
CA THR A 194 -19.02 -4.19 16.70
C THR A 194 -20.30 -3.35 16.62
N VAL A 195 -21.44 -3.99 16.88
CA VAL A 195 -22.74 -3.44 16.48
C VAL A 195 -23.32 -2.34 17.38
N SER A 196 -22.60 -1.93 18.42
CA SER A 196 -23.02 -0.80 19.24
C SER A 196 -21.85 -0.25 20.06
N ARG A 197 -22.01 0.99 20.49
CA ARG A 197 -21.04 1.63 21.39
C ARG A 197 -21.13 1.01 22.79
N GLY A 198 -22.34 0.73 23.24
CA GLY A 198 -22.56 0.15 24.58
C GLY A 198 -22.03 -1.27 24.74
N TYR A 199 -22.19 -2.10 23.72
CA TYR A 199 -21.67 -3.46 23.73
C TYR A 199 -20.14 -3.47 23.59
N LEU A 200 -19.59 -2.49 22.88
CA LEU A 200 -18.15 -2.26 22.83
C LEU A 200 -17.60 -1.98 24.22
N ILE A 201 -18.32 -1.17 24.99
CA ILE A 201 -17.93 -0.81 26.36
C ILE A 201 -18.05 -2.00 27.30
N ASP A 202 -19.16 -2.73 27.21
CA ASP A 202 -19.42 -3.91 28.07
C ASP A 202 -18.35 -4.99 27.94
N GLU A 203 -17.92 -5.25 26.71
CA GLU A 203 -16.91 -6.26 26.43
C GLU A 203 -15.55 -5.65 26.13
N TRP A 204 -15.21 -4.57 26.84
CA TRP A 204 -13.95 -3.88 26.61
C TRP A 204 -12.77 -4.77 27.01
N GLY A 205 -12.97 -5.65 27.98
CA GLY A 205 -11.96 -6.64 28.36
C GLY A 205 -11.40 -7.42 27.17
N PHE A 206 -12.27 -7.70 26.19
CA PHE A 206 -11.86 -8.36 24.95
C PHE A 206 -11.38 -7.37 23.88
N PHE A 207 -12.17 -6.32 23.65
CA PHE A 207 -11.91 -5.37 22.55
C PHE A 207 -10.66 -4.51 22.77
N ARG A 208 -10.31 -4.27 24.03
CA ARG A 208 -9.08 -3.56 24.42
C ARG A 208 -7.82 -4.14 23.75
N ASN A 209 -7.83 -5.44 23.45
CA ASN A 209 -6.72 -6.09 22.73
C ASN A 209 -6.47 -5.51 21.32
N PHE A 210 -7.50 -4.91 20.73
CA PHE A 210 -7.39 -4.30 19.40
C PHE A 210 -7.57 -2.79 19.50
N GLU A 211 -7.10 -2.25 20.62
CA GLU A 211 -7.12 -0.82 20.89
C GLU A 211 -6.49 -0.04 19.74
N GLY A 212 -7.24 0.90 19.17
CA GLY A 212 -6.76 1.74 18.09
C GLY A 212 -7.28 1.33 16.72
N LYS A 213 -7.70 0.08 16.58
CA LYS A 213 -8.33 -0.38 15.34
C LYS A 213 -9.73 -0.96 15.56
N ILE A 214 -10.29 -0.72 16.75
CA ILE A 214 -11.62 -1.20 17.10
C ILE A 214 -12.60 -0.03 17.15
N THR A 215 -13.78 -0.22 16.56
CA THR A 215 -14.79 0.82 16.52
C THR A 215 -16.19 0.19 16.53
N TYR A 216 -17.23 1.01 16.46
CA TYR A 216 -18.60 0.51 16.40
C TYR A 216 -19.29 0.95 15.11
N VAL A 217 -20.19 0.11 14.62
CA VAL A 217 -21.10 0.48 13.53
C VAL A 217 -22.46 -0.14 13.83
N PHE A 218 -23.43 0.72 14.18
CA PHE A 218 -24.78 0.27 14.55
C PHE A 218 -25.43 -0.56 13.44
N ASN A 219 -26.25 -1.53 13.84
CA ASN A 219 -27.20 -2.16 12.93
C ASN A 219 -28.32 -1.15 12.63
N GLY A 220 -29.28 -1.54 11.80
CA GLY A 220 -30.37 -0.67 11.42
C GLY A 220 -31.73 -1.33 11.56
N ILE A 221 -32.74 -0.65 11.05
CA ILE A 221 -34.11 -1.18 11.08
C ILE A 221 -34.86 -0.71 9.84
N ASP A 222 -35.69 -1.60 9.31
CA ASP A 222 -36.46 -1.32 8.09
C ASP A 222 -37.76 -0.60 8.45
N CYS A 223 -37.73 0.72 8.49
CA CYS A 223 -38.93 1.52 8.76
C CYS A 223 -39.80 1.76 7.51
N SER A 224 -39.52 1.02 6.42
CA SER A 224 -40.45 0.92 5.30
C SER A 224 -41.58 -0.04 5.66
N PHE A 225 -41.30 -0.99 6.55
CA PHE A 225 -42.28 -1.99 6.98
C PHE A 225 -42.86 -1.64 8.34
N TRP A 226 -41.99 -1.45 9.32
CA TRP A 226 -42.41 -1.12 10.69
C TRP A 226 -42.86 0.34 10.73
N ASN A 227 -44.07 0.58 10.23
CA ASN A 227 -44.59 1.92 10.00
C ASN A 227 -46.07 2.02 10.37
N GLU A 228 -46.46 3.14 10.99
CA GLU A 228 -47.86 3.34 11.39
C GLU A 228 -48.80 3.54 10.21
N SER A 229 -48.26 3.97 9.07
CA SER A 229 -49.05 4.23 7.87
C SER A 229 -49.95 3.05 7.45
N TYR A 230 -49.47 1.83 7.67
CA TYR A 230 -50.25 0.63 7.33
C TYR A 230 -51.44 0.41 8.27
N LEU A 231 -51.30 0.84 9.52
CA LEU A 231 -52.35 0.64 10.52
C LEU A 231 -53.49 1.64 10.32
N THR A 232 -54.72 1.12 10.30
CA THR A 232 -55.91 1.95 10.14
C THR A 232 -56.47 2.35 11.50
N GLY A 233 -57.19 3.47 11.53
CA GLY A 233 -57.77 4.00 12.76
C GLY A 233 -56.73 4.71 13.62
N SER A 234 -57.19 5.31 14.72
CA SER A 234 -56.30 5.98 15.65
C SER A 234 -55.76 4.97 16.65
N ARG A 235 -54.74 5.36 17.41
CA ARG A 235 -54.12 4.46 18.39
C ARG A 235 -55.09 4.07 19.50
N ASP A 236 -55.95 5.02 19.91
CA ASP A 236 -56.96 4.75 20.93
C ASP A 236 -57.92 3.66 20.49
N GLU A 237 -58.42 3.79 19.26
CA GLU A 237 -59.31 2.79 18.67
C GLU A 237 -58.69 1.40 18.68
N ARG A 238 -57.44 1.31 18.23
CA ARG A 238 -56.74 0.04 18.12
C ARG A 238 -56.53 -0.64 19.46
N LYS A 239 -56.12 0.12 20.46
CA LYS A 239 -55.87 -0.43 21.79
C LYS A 239 -57.14 -1.03 22.40
N LYS A 240 -58.25 -0.30 22.31
CA LYS A 240 -59.53 -0.78 22.81
C LYS A 240 -59.97 -2.03 22.08
N SER A 241 -59.86 -2.03 20.76
CA SER A 241 -60.21 -3.19 19.94
C SER A 241 -59.32 -4.39 20.26
N LEU A 242 -58.05 -4.11 20.57
CA LEU A 242 -57.11 -5.15 20.96
C LEU A 242 -57.47 -5.77 22.32
N LEU A 243 -57.78 -4.92 23.29
CA LEU A 243 -58.12 -5.37 24.64
C LEU A 243 -59.42 -6.19 24.69
N SER A 244 -60.36 -5.89 23.80
CA SER A 244 -61.61 -6.65 23.74
C SER A 244 -61.41 -8.03 23.09
N LYS A 245 -60.46 -8.12 22.15
CA LYS A 245 -60.10 -9.43 21.57
C LYS A 245 -59.58 -10.37 22.64
N PHE A 246 -58.61 -9.90 23.42
CA PHE A 246 -58.02 -10.71 24.49
C PHE A 246 -58.93 -10.85 25.72
N GLY A 247 -60.00 -10.07 25.77
CA GLY A 247 -61.02 -10.20 26.81
C GLY A 247 -60.70 -9.44 28.08
N MET A 248 -60.39 -8.15 27.93
CA MET A 248 -60.09 -7.26 29.06
C MET A 248 -60.79 -5.91 28.84
N ASP A 249 -60.61 -4.99 29.77
CA ASP A 249 -61.15 -3.62 29.63
C ASP A 249 -60.04 -2.67 29.20
N GLU A 250 -60.34 -1.37 29.14
CA GLU A 250 -59.33 -0.36 28.80
C GLU A 250 -58.26 -0.20 29.90
N GLY A 251 -57.04 0.15 29.51
CA GLY A 251 -55.96 0.38 30.48
C GLY A 251 -54.61 0.63 29.83
N VAL A 252 -53.62 0.95 30.66
CA VAL A 252 -52.24 1.13 30.19
C VAL A 252 -51.60 -0.23 29.86
N THR A 253 -51.46 -0.52 28.57
CA THR A 253 -51.06 -1.85 28.11
C THR A 253 -49.55 -2.00 27.97
N PHE A 254 -49.00 -3.02 28.61
CA PHE A 254 -47.59 -3.37 28.51
C PHE A 254 -47.45 -4.68 27.74
N MET A 255 -46.34 -4.84 27.03
CA MET A 255 -46.12 -6.01 26.18
C MET A 255 -44.71 -6.55 26.32
N PHE A 256 -44.58 -7.87 26.21
CA PHE A 256 -43.28 -8.54 26.07
C PHE A 256 -43.31 -9.46 24.85
N ILE A 257 -42.39 -9.20 23.91
CA ILE A 257 -42.24 -10.02 22.70
C ILE A 257 -40.85 -10.65 22.69
N GLY A 258 -40.75 -11.85 23.25
CA GLY A 258 -39.47 -12.56 23.32
C GLY A 258 -39.61 -14.04 23.60
N ARG A 259 -38.58 -14.80 23.21
CA ARG A 259 -38.57 -16.24 23.40
C ARG A 259 -38.11 -16.54 24.83
N PHE A 260 -38.89 -17.35 25.53
CA PHE A 260 -38.67 -17.62 26.96
C PHE A 260 -37.36 -18.37 27.19
N ASP A 261 -37.21 -19.51 26.51
CA ASP A 261 -36.03 -20.37 26.68
C ASP A 261 -34.73 -19.66 26.26
N ARG A 262 -34.86 -18.63 25.42
CA ARG A 262 -33.81 -17.61 25.28
C ARG A 262 -33.74 -16.86 26.61
N GLY A 263 -32.96 -17.41 27.53
CA GLY A 263 -32.80 -16.84 28.87
C GLY A 263 -32.38 -15.39 28.81
N GLN A 264 -31.57 -15.06 27.81
CA GLN A 264 -30.94 -13.74 27.69
C GLN A 264 -31.96 -12.61 27.55
N LYS A 265 -33.22 -12.97 27.29
CA LYS A 265 -34.35 -12.06 27.42
C LYS A 265 -35.02 -12.41 28.74
N GLY A 266 -34.94 -11.52 29.73
CA GLY A 266 -35.33 -11.86 31.10
C GLY A 266 -36.82 -11.87 31.38
N VAL A 267 -37.54 -12.82 30.78
CA VAL A 267 -38.98 -12.93 30.99
C VAL A 267 -39.31 -13.29 32.45
N ASP A 268 -38.41 -14.04 33.10
CA ASP A 268 -38.56 -14.36 34.52
C ASP A 268 -38.49 -13.11 35.41
N VAL A 269 -37.75 -12.09 34.97
CA VAL A 269 -37.70 -10.81 35.68
C VAL A 269 -39.07 -10.12 35.61
N LEU A 270 -39.65 -10.12 34.42
CA LEU A 270 -40.98 -9.53 34.22
C LEU A 270 -42.03 -10.24 35.08
N LEU A 271 -42.05 -11.57 35.03
CA LEU A 271 -43.05 -12.35 35.75
C LEU A 271 -43.01 -12.08 37.26
N LYS A 272 -41.80 -12.01 37.82
CA LYS A 272 -41.64 -11.68 39.24
C LYS A 272 -42.09 -10.24 39.55
N ALA A 273 -41.80 -9.32 38.63
CA ALA A 273 -42.21 -7.92 38.79
C ALA A 273 -43.73 -7.78 38.81
N ILE A 274 -44.41 -8.54 37.95
CA ILE A 274 -45.86 -8.56 37.90
C ILE A 274 -46.45 -9.05 39.23
N GLU A 275 -45.79 -10.02 39.85
CA GLU A 275 -46.18 -10.50 41.18
C GLU A 275 -45.98 -9.43 42.25
N ILE A 276 -44.87 -8.71 42.18
CA ILE A 276 -44.62 -7.58 43.09
C ILE A 276 -45.74 -6.54 42.97
N LEU A 277 -46.12 -6.22 41.74
CA LEU A 277 -47.12 -5.19 41.47
C LEU A 277 -48.55 -5.61 41.83
N SER A 278 -48.81 -6.91 41.82
CA SER A 278 -50.18 -7.43 42.04
C SER A 278 -50.80 -7.03 43.40
N SER A 279 -49.96 -6.81 44.41
CA SER A 279 -50.45 -6.36 45.72
C SER A 279 -50.70 -4.86 45.77
N LYS A 280 -50.17 -4.11 44.81
CA LYS A 280 -50.40 -2.67 44.72
C LYS A 280 -51.79 -2.38 44.14
N LYS A 281 -52.37 -1.24 44.53
CA LYS A 281 -53.72 -0.87 44.08
C LYS A 281 -53.76 -0.48 42.60
N GLU A 282 -52.72 0.21 42.14
CA GLU A 282 -52.64 0.67 40.74
C GLU A 282 -52.38 -0.46 39.72
N PHE A 283 -52.22 -1.69 40.21
CA PHE A 283 -52.16 -2.87 39.36
C PHE A 283 -53.40 -3.03 38.49
N GLN A 284 -54.56 -2.67 39.02
CA GLN A 284 -55.83 -2.80 38.28
C GLN A 284 -55.92 -1.85 37.07
N GLU A 285 -55.00 -0.89 36.97
CA GLU A 285 -54.93 -0.01 35.81
C GLU A 285 -54.01 -0.57 34.73
N MET A 286 -53.16 -1.54 35.10
CA MET A 286 -52.18 -2.13 34.18
C MET A 286 -52.76 -3.32 33.42
N ARG A 287 -52.35 -3.45 32.15
CA ARG A 287 -52.69 -4.61 31.33
C ARG A 287 -51.40 -5.20 30.76
N PHE A 288 -51.27 -6.52 30.83
CA PHE A 288 -50.05 -7.19 30.37
C PHE A 288 -50.32 -8.21 29.27
N ILE A 289 -49.44 -8.21 28.25
CA ILE A 289 -49.48 -9.18 27.16
C ILE A 289 -48.09 -9.77 26.98
N ILE A 290 -47.89 -11.00 27.47
CA ILE A 290 -46.62 -11.70 27.29
C ILE A 290 -46.74 -12.62 26.09
N ILE A 291 -45.77 -12.53 25.19
CA ILE A 291 -45.78 -13.29 23.95
C ILE A 291 -44.50 -14.09 23.81
N GLY A 292 -44.63 -15.33 23.36
CA GLY A 292 -43.50 -16.22 23.23
C GLY A 292 -43.79 -17.58 23.83
N LYS A 293 -42.77 -18.42 23.90
CA LYS A 293 -42.91 -19.78 24.38
C LYS A 293 -41.56 -20.32 24.82
N GLY A 294 -41.59 -21.39 25.60
CA GLY A 294 -40.35 -22.06 26.00
C GLY A 294 -40.56 -23.06 27.13
N ASP A 295 -39.68 -22.96 28.13
CA ASP A 295 -39.63 -23.91 29.26
C ASP A 295 -41.03 -24.22 29.83
N PRO A 296 -41.37 -25.52 29.96
CA PRO A 296 -42.66 -25.86 30.58
C PRO A 296 -42.84 -25.28 31.98
N GLU A 297 -41.76 -25.25 32.76
CA GLU A 297 -41.75 -24.62 34.07
C GLU A 297 -42.06 -23.13 34.00
N LEU A 298 -41.48 -22.45 33.01
CA LEU A 298 -41.65 -21.00 32.86
C LEU A 298 -42.99 -20.65 32.20
N GLU A 299 -43.44 -21.49 31.26
CA GLU A 299 -44.77 -21.35 30.67
C GLU A 299 -45.84 -21.54 31.73
N GLY A 300 -45.65 -22.56 32.58
CA GLY A 300 -46.56 -22.81 33.70
C GLY A 300 -46.67 -21.62 34.64
N TRP A 301 -45.52 -20.97 34.91
CA TRP A 301 -45.49 -19.79 35.76
C TRP A 301 -46.29 -18.64 35.12
N ALA A 302 -46.09 -18.42 33.83
CA ALA A 302 -46.83 -17.38 33.10
C ALA A 302 -48.33 -17.67 33.07
N ARG A 303 -48.69 -18.91 32.77
CA ARG A 303 -50.11 -19.30 32.67
C ARG A 303 -50.77 -19.43 34.04
N SER A 304 -49.96 -19.52 35.10
CA SER A 304 -50.46 -19.42 36.48
C SER A 304 -50.89 -17.98 36.78
N LEU A 305 -50.04 -17.01 36.42
CA LEU A 305 -50.37 -15.60 36.60
C LEU A 305 -51.55 -15.17 35.73
N GLU A 306 -51.62 -15.73 34.52
CA GLU A 306 -52.76 -15.49 33.63
C GLU A 306 -54.06 -15.98 34.27
N GLU A 307 -53.97 -17.08 35.02
CA GLU A 307 -55.12 -17.66 35.71
C GLU A 307 -55.54 -16.85 36.93
N LYS A 308 -54.55 -16.45 37.74
CA LYS A 308 -54.82 -15.66 38.94
C LYS A 308 -55.28 -14.23 38.65
N HIS A 309 -54.94 -13.70 37.46
CA HIS A 309 -55.24 -12.31 37.11
C HIS A 309 -55.84 -12.16 35.72
N GLY A 310 -56.96 -11.43 35.63
CA GLY A 310 -57.54 -11.04 34.34
C GLY A 310 -56.72 -9.96 33.66
N ASN A 311 -55.87 -9.30 34.44
CA ASN A 311 -54.87 -8.35 33.93
C ASN A 311 -53.91 -8.94 32.87
N VAL A 312 -53.53 -10.19 33.06
CA VAL A 312 -52.43 -10.79 32.31
C VAL A 312 -52.92 -11.66 31.15
N LYS A 313 -52.19 -11.62 30.04
CA LYS A 313 -52.50 -12.43 28.87
C LYS A 313 -51.23 -13.07 28.32
N VAL A 314 -51.25 -14.39 28.14
CA VAL A 314 -50.12 -15.14 27.64
C VAL A 314 -50.48 -15.78 26.31
N ILE A 315 -49.77 -15.40 25.25
CA ILE A 315 -49.98 -15.95 23.91
C ILE A 315 -48.75 -16.73 23.45
N THR A 316 -48.90 -18.04 23.29
CA THR A 316 -47.80 -18.92 22.92
C THR A 316 -47.78 -19.32 21.43
N GLU A 317 -48.92 -19.21 20.76
CA GLU A 317 -48.99 -19.56 19.33
C GLU A 317 -48.15 -18.61 18.49
N MET A 318 -47.64 -19.11 17.37
N MET A 318 -47.63 -19.12 17.38
CA MET A 318 -46.76 -18.31 16.50
CA MET A 318 -46.80 -18.33 16.47
C MET A 318 -47.57 -17.21 15.81
C MET A 318 -47.61 -17.20 15.83
N LEU A 319 -47.16 -15.96 16.02
CA LEU A 319 -47.87 -14.79 15.51
C LEU A 319 -47.40 -14.38 14.12
N SER A 320 -48.29 -13.69 13.41
CA SER A 320 -47.99 -13.08 12.12
C SER A 320 -47.08 -11.87 12.32
N ARG A 321 -46.27 -11.58 11.30
CA ARG A 321 -45.37 -10.42 11.32
C ARG A 321 -46.18 -9.12 11.18
N GLU A 322 -47.27 -9.19 10.42
CA GLU A 322 -48.23 -8.09 10.32
C GLU A 322 -48.93 -7.84 11.66
N PHE A 323 -49.32 -8.93 12.33
CA PHE A 323 -50.01 -8.83 13.62
C PHE A 323 -49.11 -8.22 14.69
N VAL A 324 -47.85 -8.63 14.72
CA VAL A 324 -46.86 -8.08 15.65
C VAL A 324 -46.67 -6.58 15.40
N ARG A 325 -46.80 -6.15 14.15
CA ARG A 325 -46.73 -4.72 13.81
C ARG A 325 -47.87 -3.96 14.50
N GLU A 326 -49.09 -4.51 14.41
CA GLU A 326 -50.26 -3.88 15.00
C GLU A 326 -50.21 -3.83 16.53
N LEU A 327 -49.59 -4.83 17.15
CA LEU A 327 -49.40 -4.84 18.60
C LEU A 327 -48.54 -3.67 19.06
N TYR A 328 -47.36 -3.52 18.44
CA TYR A 328 -46.47 -2.37 18.69
C TYR A 328 -47.17 -1.04 18.47
N GLY A 329 -48.02 -0.98 17.45
CA GLY A 329 -48.71 0.25 17.07
C GLY A 329 -50.00 0.54 17.81
N SER A 330 -50.32 -0.28 18.82
CA SER A 330 -51.52 -0.07 19.63
C SER A 330 -51.30 -0.20 21.15
N VAL A 331 -50.28 -0.95 21.58
CA VAL A 331 -49.89 -0.99 22.98
C VAL A 331 -49.29 0.36 23.41
N ASP A 332 -49.15 0.57 24.71
CA ASP A 332 -48.55 1.79 25.24
C ASP A 332 -47.05 1.63 25.47
N PHE A 333 -46.66 0.51 26.08
CA PHE A 333 -45.26 0.27 26.43
C PHE A 333 -44.80 -1.13 26.05
N VAL A 334 -43.53 -1.23 25.68
CA VAL A 334 -42.88 -2.51 25.43
C VAL A 334 -41.75 -2.70 26.44
N ILE A 335 -41.71 -3.89 27.06
CA ILE A 335 -40.75 -4.18 28.12
C ILE A 335 -39.65 -5.12 27.61
N ILE A 336 -38.40 -4.70 27.76
CA ILE A 336 -37.25 -5.45 27.27
C ILE A 336 -36.24 -5.69 28.41
N PRO A 337 -36.53 -6.67 29.27
CA PRO A 337 -35.69 -6.95 30.43
C PRO A 337 -34.50 -7.86 30.12
N SER A 338 -33.81 -7.63 29.01
CA SER A 338 -32.67 -8.47 28.61
C SER A 338 -31.54 -8.41 29.64
N TYR A 339 -30.82 -9.52 29.77
CA TYR A 339 -29.63 -9.57 30.61
C TYR A 339 -28.43 -8.98 29.85
N PHE A 340 -28.44 -9.14 28.53
CA PHE A 340 -27.49 -8.48 27.64
C PHE A 340 -28.10 -8.32 26.25
N GLU A 341 -27.61 -7.33 25.51
CA GLU A 341 -28.16 -7.05 24.19
C GLU A 341 -27.13 -6.26 23.37
N PRO A 342 -26.45 -6.93 22.42
CA PRO A 342 -25.48 -6.25 21.57
C PRO A 342 -26.04 -5.06 20.78
N PHE A 343 -27.27 -5.18 20.30
CA PHE A 343 -27.92 -4.09 19.56
C PHE A 343 -29.26 -3.69 20.20
N GLY A 344 -30.32 -4.45 19.91
CA GLY A 344 -31.64 -4.16 20.45
C GLY A 344 -32.65 -3.80 19.38
N LEU A 345 -32.74 -4.64 18.34
CA LEU A 345 -33.69 -4.44 17.25
C LEU A 345 -35.14 -4.33 17.72
N VAL A 346 -35.51 -5.10 18.75
CA VAL A 346 -36.88 -5.09 19.29
C VAL A 346 -37.29 -3.70 19.78
N ALA A 347 -36.35 -2.99 20.40
CA ALA A 347 -36.60 -1.63 20.88
C ALA A 347 -36.86 -0.65 19.74
N LEU A 348 -36.16 -0.82 18.62
CA LEU A 348 -36.35 0.04 17.46
C LEU A 348 -37.67 -0.27 16.74
N GLU A 349 -38.05 -1.54 16.72
CA GLU A 349 -39.31 -1.96 16.09
C GLU A 349 -40.51 -1.37 16.82
N ALA A 350 -40.46 -1.36 18.16
CA ALA A 350 -41.49 -0.74 18.97
C ALA A 350 -41.49 0.78 18.78
N MET A 351 -40.32 1.39 18.91
CA MET A 351 -40.16 2.84 18.80
C MET A 351 -40.60 3.40 17.46
N CYS A 352 -40.22 2.74 16.36
CA CYS A 352 -40.62 3.17 15.02
C CYS A 352 -42.14 3.08 14.85
N LEU A 353 -42.79 2.25 15.67
CA LEU A 353 -44.26 2.11 15.66
C LEU A 353 -44.98 2.88 16.79
N GLY A 354 -44.23 3.59 17.63
CA GLY A 354 -44.82 4.47 18.62
C GLY A 354 -44.83 3.94 20.05
N ALA A 355 -44.61 2.64 20.22
CA ALA A 355 -44.57 2.03 21.54
C ALA A 355 -43.35 2.54 22.32
N ILE A 356 -43.57 2.95 23.57
CA ILE A 356 -42.50 3.51 24.39
C ILE A 356 -41.76 2.38 25.11
N PRO A 357 -40.46 2.24 24.87
CA PRO A 357 -39.73 1.13 25.45
C PRO A 357 -39.34 1.33 26.91
N ILE A 358 -39.52 0.27 27.71
CA ILE A 358 -38.96 0.17 29.06
C ILE A 358 -37.95 -0.96 29.00
N ALA A 359 -36.66 -0.65 29.13
CA ALA A 359 -35.61 -1.60 28.80
C ALA A 359 -34.44 -1.62 29.78
N SER A 360 -33.75 -2.76 29.83
CA SER A 360 -32.51 -2.90 30.62
C SER A 360 -31.40 -2.05 30.03
N ALA A 361 -30.60 -1.42 30.90
CA ALA A 361 -29.49 -0.58 30.47
C ALA A 361 -28.24 -1.42 30.23
N VAL A 362 -28.25 -2.18 29.13
CA VAL A 362 -27.13 -3.03 28.75
C VAL A 362 -26.90 -2.98 27.24
N GLY A 363 -25.62 -2.96 26.86
CA GLY A 363 -25.23 -2.97 25.45
C GLY A 363 -25.85 -1.83 24.65
N GLY A 364 -26.37 -2.17 23.47
CA GLY A 364 -26.92 -1.18 22.54
C GLY A 364 -28.24 -0.56 22.95
N LEU A 365 -28.90 -1.11 23.96
CA LEU A 365 -30.14 -0.53 24.48
C LEU A 365 -29.90 0.83 25.14
N ARG A 366 -28.71 1.02 25.70
CA ARG A 366 -28.30 2.32 26.21
C ARG A 366 -28.14 3.35 25.10
N ASP A 367 -27.60 2.90 23.96
CA ASP A 367 -27.41 3.78 22.80
C ASP A 367 -28.72 4.12 22.09
N ILE A 368 -29.66 3.18 22.07
CA ILE A 368 -30.94 3.36 21.38
C ILE A 368 -31.94 4.18 22.19
N ILE A 369 -31.98 3.96 23.51
CA ILE A 369 -32.97 4.60 24.38
C ILE A 369 -32.38 5.74 25.20
N THR A 370 -32.94 6.93 25.02
CA THR A 370 -32.53 8.12 25.78
C THR A 370 -33.64 8.51 26.77
N ASN A 371 -33.37 9.52 27.58
CA ASN A 371 -34.38 10.03 28.54
C ASN A 371 -35.60 10.65 27.86
N GLU A 372 -35.44 11.11 26.62
CA GLU A 372 -36.52 11.77 25.90
C GLU A 372 -37.30 10.76 25.04
N THR A 373 -36.91 9.49 25.08
CA THR A 373 -37.52 8.45 24.24
C THR A 373 -38.06 7.25 25.02
N GLY A 374 -37.48 6.93 26.18
CA GLY A 374 -37.93 5.77 26.96
C GLY A 374 -37.37 5.72 28.37
N ILE A 375 -37.45 4.54 28.97
CA ILE A 375 -37.06 4.35 30.36
C ILE A 375 -36.03 3.23 30.47
N LEU A 376 -34.88 3.53 31.07
CA LEU A 376 -33.83 2.54 31.30
C LEU A 376 -33.85 2.05 32.75
N VAL A 377 -33.69 0.74 32.91
CA VAL A 377 -33.72 0.09 34.22
C VAL A 377 -32.42 -0.67 34.44
N LYS A 378 -32.06 -0.89 35.70
CA LYS A 378 -30.94 -1.75 36.06
C LYS A 378 -31.31 -3.19 35.73
N ALA A 379 -30.43 -3.88 35.02
CA ALA A 379 -30.73 -5.21 34.46
C ALA A 379 -30.89 -6.28 35.54
N GLY A 380 -31.84 -7.19 35.32
CA GLY A 380 -32.01 -8.38 36.16
C GLY A 380 -32.60 -8.15 37.54
N ASP A 381 -33.24 -7.00 37.74
CA ASP A 381 -33.80 -6.63 39.05
C ASP A 381 -35.32 -6.41 38.96
N PRO A 382 -36.12 -7.40 39.43
CA PRO A 382 -37.58 -7.32 39.37
C PRO A 382 -38.17 -6.09 40.08
N GLY A 383 -37.59 -5.72 41.22
CA GLY A 383 -38.05 -4.57 41.98
C GLY A 383 -37.90 -3.27 41.23
N GLU A 384 -36.76 -3.08 40.58
CA GLU A 384 -36.51 -1.86 39.81
C GLU A 384 -37.35 -1.81 38.54
N LEU A 385 -37.66 -2.97 37.98
CA LEU A 385 -38.59 -3.07 36.84
C LEU A 385 -40.01 -2.72 37.28
N ALA A 386 -40.39 -3.11 38.50
CA ALA A 386 -41.70 -2.78 39.06
C ALA A 386 -41.86 -1.27 39.28
N ASN A 387 -40.79 -0.61 39.71
CA ASN A 387 -40.78 0.84 39.88
C ASN A 387 -40.91 1.56 38.55
N ALA A 388 -40.14 1.09 37.55
CA ALA A 388 -40.20 1.65 36.20
C ALA A 388 -41.63 1.59 35.66
N ILE A 389 -42.32 0.49 35.89
CA ILE A 389 -43.70 0.31 35.45
C ILE A 389 -44.64 1.27 36.19
N LEU A 390 -44.41 1.45 37.49
CA LEU A 390 -45.18 2.41 38.29
C LEU A 390 -44.98 3.85 37.80
N LYS A 391 -43.72 4.20 37.56
CA LYS A 391 -43.37 5.52 37.01
C LYS A 391 -44.03 5.76 35.65
N ALA A 392 -44.18 4.69 34.86
CA ALA A 392 -44.82 4.77 33.54
C ALA A 392 -46.29 5.17 33.63
N LEU A 393 -46.98 4.74 34.69
CA LEU A 393 -48.39 5.08 34.89
C LEU A 393 -48.59 6.57 35.16
N GLU A 394 -47.59 7.21 35.75
CA GLU A 394 -47.62 8.65 36.00
C GLU A 394 -47.46 9.44 34.71
N LEU A 395 -46.57 8.97 33.83
CA LEU A 395 -46.38 9.59 32.51
C LEU A 395 -47.63 9.46 31.64
N SER A 396 -48.45 8.45 31.93
CA SER A 396 -49.72 8.24 31.24
C SER A 396 -50.71 9.38 31.54
N ARG A 397 -50.16 10.57 31.80
CA ARG A 397 -50.93 11.79 32.00
C ARG A 397 -51.33 12.41 30.66
N SER A 398 -50.91 11.79 29.56
CA SER A 398 -51.26 12.15 28.18
C SER A 398 -50.12 12.88 27.48
N ASP A 399 -49.08 13.24 28.24
CA ASP A 399 -47.86 13.84 27.68
C ASP A 399 -46.78 12.78 27.41
N LEU A 400 -47.24 11.57 27.11
CA LEU A 400 -46.39 10.54 26.50
C LEU A 400 -46.62 10.53 24.98
N SER A 401 -47.46 11.43 24.49
CA SER A 401 -47.69 11.60 23.06
C SER A 401 -46.44 12.16 22.40
N LYS A 402 -45.73 13.04 23.12
CA LYS A 402 -44.46 13.59 22.64
C LYS A 402 -43.36 12.54 22.74
N PHE A 403 -43.47 11.64 23.72
CA PHE A 403 -42.59 10.45 23.79
C PHE A 403 -42.67 9.65 22.49
N ARG A 404 -43.89 9.39 22.03
CA ARG A 404 -44.10 8.59 20.81
C ARG A 404 -43.53 9.27 19.58
N GLU A 405 -43.68 10.59 19.51
CA GLU A 405 -43.15 11.38 18.40
C GLU A 405 -41.62 11.37 18.42
N ASN A 406 -41.03 11.50 19.61
CA ASN A 406 -39.58 11.38 19.79
C ASN A 406 -39.05 10.01 19.41
N CYS A 407 -39.81 8.97 19.75
CA CYS A 407 -39.43 7.58 19.45
C CYS A 407 -39.35 7.31 17.95
N LYS A 408 -40.37 7.75 17.22
CA LYS A 408 -40.42 7.54 15.77
C LYS A 408 -39.28 8.29 15.06
N LYS A 409 -39.02 9.51 15.50
CA LYS A 409 -37.89 10.30 14.99
C LYS A 409 -36.56 9.59 15.23
N ARG A 410 -36.37 9.10 16.46
CA ARG A 410 -35.12 8.45 16.85
C ARG A 410 -34.95 7.08 16.20
N ALA A 411 -36.02 6.29 16.18
CA ALA A 411 -35.99 4.97 15.56
C ALA A 411 -35.60 5.05 14.08
N MET A 412 -36.20 5.99 13.35
CA MET A 412 -35.96 6.12 11.91
C MET A 412 -34.52 6.51 11.58
N SER A 413 -33.85 7.21 12.47
CA SER A 413 -32.46 7.62 12.24
C SER A 413 -31.46 6.45 12.32
N PHE A 414 -31.91 5.28 12.79
CA PHE A 414 -31.10 4.07 12.74
C PHE A 414 -31.41 3.27 11.47
N SER A 415 -31.17 3.88 10.31
CA SER A 415 -31.41 3.22 9.04
C SER A 415 -30.25 2.28 8.69
N TRP A 416 -30.50 1.36 7.77
CA TRP A 416 -29.43 0.52 7.23
C TRP A 416 -28.52 1.29 6.28
N GLU A 417 -29.05 2.37 5.71
CA GLU A 417 -28.24 3.23 4.82
C GLU A 417 -27.10 3.88 5.60
N LYS A 418 -27.43 4.49 6.74
CA LYS A 418 -26.43 5.13 7.59
C LYS A 418 -25.40 4.13 8.12
N SER A 419 -25.85 2.91 8.36
CA SER A 419 -24.97 1.82 8.76
C SER A 419 -24.01 1.45 7.62
N ALA A 420 -24.55 1.34 6.41
CA ALA A 420 -23.76 1.02 5.23
C ALA A 420 -22.70 2.07 4.94
N GLU A 421 -23.06 3.34 5.09
CA GLU A 421 -22.13 4.45 4.91
C GLU A 421 -20.96 4.40 5.89
N ARG A 422 -21.25 4.08 7.16
CA ARG A 422 -20.21 4.04 8.18
C ARG A 422 -19.30 2.81 8.03
N TYR A 423 -19.83 1.73 7.48
CA TYR A 423 -19.00 0.58 7.12
C TYR A 423 -18.03 0.92 5.99
N VAL A 424 -18.47 1.76 5.05
CA VAL A 424 -17.61 2.19 3.94
C VAL A 424 -16.43 3.03 4.45
N LYS A 425 -16.67 3.86 5.47
CA LYS A 425 -15.60 4.56 6.17
C LYS A 425 -14.66 3.56 6.85
N ALA A 426 -15.21 2.48 7.40
CA ALA A 426 -14.41 1.43 8.04
C ALA A 426 -13.52 0.68 7.04
N TYR A 427 -14.04 0.43 5.84
CA TYR A 427 -13.30 -0.31 4.82
C TYR A 427 -12.04 0.43 4.38
N THR A 428 -12.09 1.76 4.38
CA THR A 428 -10.93 2.58 4.03
C THR A 428 -10.03 2.88 5.23
N GLY A 429 -10.58 2.73 6.44
CA GLY A 429 -9.88 3.10 7.67
C GLY A 429 -10.13 4.54 8.10
N SER A 430 -10.84 5.30 7.28
CA SER A 430 -11.18 6.68 7.60
C SER A 430 -12.37 6.71 8.57
N ILE A 431 -12.12 6.31 9.82
CA ILE A 431 -13.16 6.21 10.84
C ILE A 431 -12.58 6.37 12.24
N ASP A 432 -13.38 6.91 13.16
CA ASP A 432 -12.97 7.01 14.56
C ASP A 432 -12.99 5.62 15.22
N ARG A 433 -12.18 5.48 16.26
CA ARG A 433 -11.98 4.19 16.90
C ARG A 433 -11.77 4.36 18.42
N ALA A 434 -11.75 3.24 19.12
CA ALA A 434 -11.59 3.24 20.57
C ALA A 434 -10.12 3.12 20.96
N PHE A 435 -9.66 4.04 21.80
CA PHE A 435 -8.30 4.04 22.32
C PHE A 435 -8.32 3.86 23.84
N ASP A 436 -7.21 3.39 24.39
CA ASP A 436 -7.11 3.08 25.81
C ASP A 436 -6.86 4.36 26.60
N PHE A 437 -6.09 5.26 26.00
CA PHE A 437 -5.70 6.51 26.67
C PHE A 437 -6.66 7.67 26.42
N ILE A 438 -7.72 7.44 25.64
CA ILE A 438 -8.80 8.43 25.48
C ILE A 438 -9.89 8.15 26.52
N LEU A 439 -9.94 8.99 27.55
CA LEU A 439 -10.88 8.82 28.66
C LEU A 439 -12.19 9.54 28.38
N ARG B 1 -7.30 2.48 -13.79
CA ARG B 1 -7.06 1.38 -14.77
C ARG B 1 -5.63 1.40 -15.27
N HIS B 2 -5.20 2.56 -15.78
CA HIS B 2 -3.91 2.67 -16.46
C HIS B 2 -2.75 2.84 -15.47
N MET B 3 -1.63 2.19 -15.79
CA MET B 3 -0.54 2.00 -14.85
C MET B 3 0.79 2.34 -15.48
N LYS B 4 1.71 2.82 -14.65
CA LYS B 4 3.09 3.00 -15.06
C LYS B 4 3.82 1.70 -14.74
N VAL B 5 4.33 1.03 -15.78
CA VAL B 5 4.99 -0.27 -15.62
C VAL B 5 6.48 -0.17 -15.91
N LEU B 6 7.29 -0.66 -14.98
CA LEU B 6 8.73 -0.75 -15.18
C LEU B 6 9.08 -2.20 -15.48
N LEU B 7 9.52 -2.48 -16.70
CA LEU B 7 9.82 -3.85 -17.12
C LEU B 7 11.33 -4.04 -17.25
N LEU B 8 11.85 -5.07 -16.58
CA LEU B 8 13.28 -5.38 -16.60
C LEU B 8 13.52 -6.66 -17.40
N GLY B 9 14.26 -6.55 -18.49
CA GLY B 9 14.58 -7.70 -19.35
C GLY B 9 16.03 -7.68 -19.76
N PHE B 10 16.62 -8.86 -19.95
CA PHE B 10 18.03 -8.97 -20.29
C PHE B 10 18.27 -9.00 -21.80
N GLU B 11 17.19 -9.20 -22.56
CA GLU B 11 17.24 -9.45 -24.00
C GLU B 11 16.09 -8.66 -24.60
N PHE B 12 16.36 -7.94 -25.68
CA PHE B 12 15.34 -7.09 -26.29
C PHE B 12 15.69 -6.84 -27.75
N LEU B 13 14.73 -7.02 -28.65
CA LEU B 13 14.96 -6.72 -30.08
C LEU B 13 15.56 -5.31 -30.18
N PRO B 14 16.58 -5.12 -31.04
CA PRO B 14 17.12 -6.05 -32.04
C PRO B 14 18.14 -7.08 -31.52
N VAL B 15 18.49 -7.02 -30.23
CA VAL B 15 19.36 -8.05 -29.65
C VAL B 15 18.57 -9.34 -29.55
N LYS B 16 19.16 -10.45 -29.98
CA LYS B 16 18.39 -11.68 -30.18
C LYS B 16 19.23 -12.95 -30.04
N VAL B 17 19.13 -13.59 -28.88
CA VAL B 17 19.78 -14.89 -28.64
C VAL B 17 18.78 -16.02 -28.91
N GLY B 18 17.66 -16.02 -28.18
CA GLY B 18 16.59 -17.00 -28.40
C GLY B 18 15.27 -16.30 -28.65
N GLY B 19 14.18 -16.96 -28.27
CA GLY B 19 12.83 -16.39 -28.41
C GLY B 19 12.47 -15.39 -27.31
N LEU B 20 13.34 -15.27 -26.31
CA LEU B 20 13.11 -14.38 -25.18
C LEU B 20 12.99 -12.92 -25.61
N ALA B 21 13.92 -12.48 -26.46
CA ALA B 21 13.93 -11.10 -26.97
C ALA B 21 12.60 -10.73 -27.63
N GLU B 22 12.09 -11.64 -28.46
CA GLU B 22 10.82 -11.43 -29.15
C GLU B 22 9.65 -11.42 -28.18
N ALA B 23 9.73 -12.28 -27.16
CA ALA B 23 8.68 -12.36 -26.13
C ALA B 23 8.57 -11.04 -25.36
N LEU B 24 9.69 -10.53 -24.89
CA LEU B 24 9.72 -9.31 -24.08
C LEU B 24 9.35 -8.05 -24.87
N THR B 25 9.74 -8.01 -26.14
CA THR B 25 9.39 -6.88 -27.01
C THR B 25 7.88 -6.85 -27.27
N ALA B 26 7.32 -8.01 -27.61
CA ALA B 26 5.89 -8.13 -27.89
C ALA B 26 5.02 -7.81 -26.68
N ILE B 27 5.40 -8.34 -25.51
CA ILE B 27 4.71 -8.04 -24.25
C ILE B 27 4.69 -6.53 -23.99
N SER B 28 5.84 -5.89 -24.15
CA SER B 28 5.99 -4.46 -23.90
C SER B 28 5.15 -3.61 -24.85
N GLU B 29 5.12 -3.98 -26.13
CA GLU B 29 4.31 -3.29 -27.12
C GLU B 29 2.81 -3.50 -26.88
N ALA B 30 2.44 -4.70 -26.45
CA ALA B 30 1.04 -5.03 -26.14
C ALA B 30 0.54 -4.24 -24.92
N LEU B 31 1.36 -4.19 -23.88
CA LEU B 31 1.08 -3.35 -22.70
C LEU B 31 0.86 -1.91 -23.15
N ALA B 32 1.78 -1.41 -23.96
CA ALA B 32 1.70 -0.04 -24.50
C ALA B 32 0.46 0.19 -25.36
N SER B 33 0.12 -0.81 -26.18
CA SER B 33 -1.08 -0.74 -27.03
C SER B 33 -2.37 -0.57 -26.23
N LEU B 34 -2.40 -1.16 -25.03
CA LEU B 34 -3.55 -1.04 -24.14
C LEU B 34 -3.64 0.32 -23.44
N GLY B 35 -2.66 1.20 -23.65
CA GLY B 35 -2.70 2.56 -23.12
C GLY B 35 -1.80 2.78 -21.92
N HIS B 36 -1.14 1.73 -21.47
CA HIS B 36 -0.27 1.81 -20.30
C HIS B 36 1.09 2.44 -20.65
N GLU B 37 1.63 3.19 -19.70
CA GLU B 37 2.96 3.77 -19.82
C GLU B 37 3.99 2.70 -19.44
N VAL B 38 4.79 2.26 -20.41
CA VAL B 38 5.77 1.19 -20.17
C VAL B 38 7.22 1.66 -20.28
N LEU B 39 7.98 1.50 -19.19
CA LEU B 39 9.41 1.80 -19.18
C LEU B 39 10.22 0.51 -19.19
N VAL B 40 11.00 0.30 -20.24
CA VAL B 40 11.87 -0.87 -20.34
C VAL B 40 13.31 -0.48 -20.01
N PHE B 41 13.91 -1.16 -19.04
CA PHE B 41 15.35 -1.13 -18.82
C PHE B 41 15.92 -2.43 -19.37
N THR B 42 17.02 -2.34 -20.11
CA THR B 42 17.66 -3.53 -20.67
C THR B 42 19.11 -3.22 -21.01
N PRO B 43 20.02 -4.21 -20.87
CA PRO B 43 21.41 -3.92 -21.23
C PRO B 43 21.59 -3.70 -22.72
N SER B 44 22.56 -2.87 -23.09
CA SER B 44 22.84 -2.61 -24.50
C SER B 44 23.55 -3.79 -25.16
N HIS B 45 24.39 -4.50 -24.39
CA HIS B 45 25.23 -5.58 -24.90
C HIS B 45 26.17 -5.11 -26.01
N GLY B 46 26.56 -3.84 -25.98
CA GLY B 46 27.45 -3.26 -26.98
C GLY B 46 26.80 -2.89 -28.30
N ARG B 47 25.48 -3.11 -28.43
CA ARG B 47 24.76 -2.81 -29.67
C ARG B 47 24.38 -1.35 -29.75
N PHE B 48 24.34 -0.67 -28.59
CA PHE B 48 23.97 0.74 -28.52
C PHE B 48 25.02 1.50 -27.73
N GLN B 49 25.45 2.63 -28.26
CA GLN B 49 26.38 3.51 -27.58
C GLN B 49 25.56 4.70 -27.11
N GLY B 50 25.55 4.92 -25.80
CA GLY B 50 24.69 5.93 -25.20
C GLY B 50 25.43 7.04 -24.49
N GLU B 51 24.66 7.98 -23.95
CA GLU B 51 25.17 9.12 -23.20
C GLU B 51 25.40 8.72 -21.75
N GLU B 52 26.44 9.26 -21.13
CA GLU B 52 26.65 9.07 -19.69
C GLU B 52 25.53 9.74 -18.92
N ILE B 53 24.96 9.04 -17.96
CA ILE B 53 24.02 9.63 -16.99
C ILE B 53 24.59 9.67 -15.57
N GLY B 54 25.73 9.01 -15.36
CA GLY B 54 26.44 9.06 -14.07
C GLY B 54 27.46 7.95 -13.93
N LYS B 55 27.93 7.75 -12.70
CA LYS B 55 28.91 6.70 -12.39
C LYS B 55 28.47 5.92 -11.14
N ILE B 56 28.84 4.65 -11.07
CA ILE B 56 28.54 3.82 -9.90
C ILE B 56 29.71 2.95 -9.51
N ARG B 57 29.85 2.69 -8.21
CA ARG B 57 30.83 1.72 -7.70
C ARG B 57 30.23 0.33 -7.81
N VAL B 58 30.92 -0.57 -8.50
CA VAL B 58 30.55 -1.99 -8.53
C VAL B 58 31.82 -2.82 -8.55
N PHE B 59 31.90 -3.80 -7.65
CA PHE B 59 33.10 -4.63 -7.47
C PHE B 59 34.36 -3.79 -7.19
N GLY B 60 34.18 -2.70 -6.46
CA GLY B 60 35.30 -1.85 -6.03
C GLY B 60 35.92 -0.96 -7.09
N GLU B 61 35.22 -0.78 -8.22
CA GLU B 61 35.70 0.08 -9.30
C GLU B 61 34.62 1.04 -9.77
N GLU B 62 35.05 2.20 -10.28
CA GLU B 62 34.13 3.18 -10.85
C GLU B 62 33.70 2.73 -12.24
N VAL B 63 32.40 2.55 -12.43
CA VAL B 63 31.84 2.14 -13.72
C VAL B 63 30.98 3.26 -14.27
N GLN B 64 31.30 3.70 -15.49
CA GLN B 64 30.56 4.75 -16.18
C GLN B 64 29.26 4.17 -16.74
N VAL B 65 28.12 4.70 -16.31
CA VAL B 65 26.82 4.23 -16.77
C VAL B 65 26.31 5.12 -17.90
N LYS B 66 25.95 4.48 -19.02
CA LYS B 66 25.46 5.19 -20.20
C LYS B 66 24.08 4.68 -20.60
N VAL B 67 23.32 5.53 -21.29
CA VAL B 67 21.93 5.23 -21.66
C VAL B 67 21.63 5.62 -23.10
N SER B 68 20.96 4.73 -23.84
CA SER B 68 20.43 5.03 -25.16
C SER B 68 18.91 4.97 -25.09
N TYR B 69 18.25 6.07 -25.46
CA TYR B 69 16.82 6.21 -25.25
C TYR B 69 16.05 6.16 -26.56
N GLU B 70 15.01 5.32 -26.60
CA GLU B 70 14.11 5.23 -27.74
C GLU B 70 12.67 5.33 -27.25
N GLU B 71 11.90 6.24 -27.84
CA GLU B 71 10.48 6.40 -27.50
C GLU B 71 9.62 5.99 -28.69
N ARG B 72 8.60 5.19 -28.42
CA ARG B 72 7.82 4.55 -29.46
C ARG B 72 6.37 4.38 -28.97
N GLY B 73 5.60 5.45 -29.10
CA GLY B 73 4.25 5.51 -28.52
C GLY B 73 4.35 5.65 -27.02
N ASN B 74 3.63 4.79 -26.30
CA ASN B 74 3.71 4.75 -24.84
C ASN B 74 4.88 3.89 -24.34
N LEU B 75 5.57 3.21 -25.27
CA LEU B 75 6.71 2.37 -24.92
C LEU B 75 8.00 3.20 -24.90
N ARG B 76 8.72 3.12 -23.78
CA ARG B 76 10.00 3.84 -23.63
C ARG B 76 11.11 2.86 -23.27
N ILE B 77 12.13 2.81 -24.12
CA ILE B 77 13.22 1.84 -23.97
C ILE B 77 14.50 2.53 -23.53
N TYR B 78 15.19 1.92 -22.56
CA TYR B 78 16.47 2.43 -22.06
C TYR B 78 17.51 1.32 -22.13
N ARG B 79 18.31 1.33 -23.20
CA ARG B 79 19.45 0.41 -23.30
C ARG B 79 20.59 0.94 -22.45
N ILE B 80 20.97 0.18 -21.42
CA ILE B 80 21.96 0.62 -20.44
C ILE B 80 23.34 0.01 -20.70
N GLY B 81 24.33 0.86 -20.93
CA GLY B 81 25.71 0.44 -21.15
C GLY B 81 26.58 0.75 -19.95
N GLY B 82 27.83 0.31 -20.01
CA GLY B 82 28.81 0.53 -18.94
C GLY B 82 29.37 -0.78 -18.41
N GLY B 83 30.68 -0.84 -18.26
CA GLY B 83 31.35 -2.05 -17.82
C GLY B 83 31.04 -3.23 -18.73
N LEU B 84 30.70 -4.37 -18.13
CA LEU B 84 30.40 -5.59 -18.86
C LEU B 84 29.07 -5.54 -19.64
N LEU B 85 28.26 -4.51 -19.41
CA LEU B 85 27.04 -4.32 -20.19
C LEU B 85 27.36 -3.92 -21.65
N ASP B 86 28.60 -3.51 -21.89
CA ASP B 86 29.09 -3.25 -23.25
C ASP B 86 29.59 -4.51 -23.96
N SER B 87 29.60 -5.65 -23.27
CA SER B 87 30.07 -6.91 -23.86
C SER B 87 29.10 -7.43 -24.91
N GLU B 88 29.64 -7.84 -26.05
CA GLU B 88 28.84 -8.32 -27.18
C GLU B 88 28.28 -9.72 -26.93
N ASP B 89 28.83 -10.41 -25.93
CA ASP B 89 28.39 -11.74 -25.53
C ASP B 89 27.22 -11.61 -24.54
N VAL B 90 25.99 -11.74 -25.05
CA VAL B 90 24.79 -11.45 -24.26
C VAL B 90 24.76 -12.18 -22.92
N TYR B 91 24.85 -13.50 -22.96
CA TYR B 91 24.85 -14.33 -21.75
C TYR B 91 26.27 -14.76 -21.42
N GLY B 92 27.12 -13.76 -21.19
CA GLY B 92 28.53 -13.97 -20.91
C GLY B 92 29.19 -12.66 -20.52
N PRO B 93 30.53 -12.58 -20.57
CA PRO B 93 31.47 -13.65 -20.95
C PRO B 93 31.54 -14.80 -19.95
N GLY B 94 30.95 -15.93 -20.31
CA GLY B 94 30.93 -17.10 -19.45
C GLY B 94 29.99 -16.97 -18.27
N TRP B 95 30.13 -17.90 -17.33
CA TRP B 95 29.27 -17.96 -16.16
C TRP B 95 29.45 -16.74 -15.26
N ASP B 96 30.67 -16.51 -14.78
CA ASP B 96 30.95 -15.38 -13.88
C ASP B 96 30.81 -14.02 -14.56
N GLY B 97 31.12 -13.95 -15.85
CA GLY B 97 30.92 -12.73 -16.62
C GLY B 97 29.46 -12.31 -16.66
N LEU B 98 28.58 -13.28 -16.88
CA LEU B 98 27.14 -13.04 -16.87
C LEU B 98 26.63 -12.59 -15.49
N ILE B 99 27.18 -13.17 -14.43
CA ILE B 99 26.73 -12.86 -13.08
C ILE B 99 27.03 -11.41 -12.69
N ARG B 100 28.27 -10.97 -12.94
CA ARG B 100 28.65 -9.59 -12.60
C ARG B 100 28.09 -8.57 -13.60
N LYS B 101 27.71 -9.05 -14.77
CA LYS B 101 26.93 -8.27 -15.72
C LYS B 101 25.53 -8.03 -15.15
N ALA B 102 24.97 -9.07 -14.53
CA ALA B 102 23.66 -8.99 -13.89
C ALA B 102 23.67 -8.11 -12.63
N VAL B 103 24.77 -8.18 -11.87
CA VAL B 103 24.96 -7.33 -10.70
C VAL B 103 25.13 -5.86 -11.12
N THR B 104 25.90 -5.64 -12.18
CA THR B 104 26.06 -4.32 -12.74
C THR B 104 24.73 -3.75 -13.23
N PHE B 105 23.91 -4.60 -13.84
CA PHE B 105 22.57 -4.21 -14.30
C PHE B 105 21.70 -3.74 -13.14
N GLY B 106 21.92 -4.33 -11.96
CA GLY B 106 21.17 -3.98 -10.77
C GLY B 106 21.41 -2.55 -10.28
N ARG B 107 22.67 -2.20 -10.07
CA ARG B 107 23.02 -0.88 -9.54
C ARG B 107 22.82 0.22 -10.58
N ALA B 108 23.10 -0.10 -11.84
CA ALA B 108 22.84 0.81 -12.95
C ALA B 108 21.36 1.11 -13.11
N SER B 109 20.52 0.10 -12.89
CA SER B 109 19.06 0.27 -12.98
C SER B 109 18.54 1.17 -11.87
N VAL B 110 19.09 1.04 -10.68
CA VAL B 110 18.73 1.91 -9.55
C VAL B 110 19.12 3.36 -9.85
N LEU B 111 20.31 3.55 -10.41
CA LEU B 111 20.81 4.88 -10.78
C LEU B 111 19.89 5.57 -11.78
N LEU B 112 19.48 4.83 -12.81
CA LEU B 112 18.59 5.39 -13.84
C LEU B 112 17.22 5.75 -13.27
N LEU B 113 16.62 4.84 -12.51
CA LEU B 113 15.32 5.08 -11.88
C LEU B 113 15.39 6.30 -10.96
N ASN B 114 16.42 6.34 -10.11
CA ASN B 114 16.64 7.46 -9.22
C ASN B 114 16.63 8.79 -9.98
N ASP B 115 17.29 8.81 -11.15
CA ASP B 115 17.35 10.00 -12.01
C ASP B 115 16.01 10.35 -12.65
N LEU B 116 15.28 9.33 -13.10
CA LEU B 116 13.94 9.54 -13.66
C LEU B 116 12.98 10.11 -12.61
N LEU B 117 13.07 9.60 -11.38
CA LEU B 117 12.22 10.03 -10.28
C LEU B 117 12.45 11.49 -9.88
N ARG B 118 13.54 12.07 -10.38
CA ARG B 118 13.84 13.48 -10.17
C ARG B 118 12.86 14.38 -10.93
N GLU B 119 12.24 13.85 -11.98
CA GLU B 119 11.28 14.61 -12.78
C GLU B 119 10.00 13.86 -13.18
N GLU B 120 9.76 12.67 -12.62
CA GLU B 120 8.52 11.95 -12.93
C GLU B 120 8.04 11.02 -11.81
N PRO B 121 6.74 10.64 -11.82
CA PRO B 121 6.18 9.81 -10.76
C PRO B 121 6.76 8.40 -10.72
N LEU B 122 6.65 7.76 -9.56
CA LEU B 122 7.15 6.42 -9.33
C LEU B 122 6.26 5.40 -10.05
N PRO B 123 6.87 4.38 -10.69
CA PRO B 123 6.04 3.35 -11.34
C PRO B 123 5.19 2.54 -10.36
N ASP B 124 4.05 2.05 -10.84
CA ASP B 124 3.10 1.31 -10.01
C ASP B 124 3.53 -0.14 -9.78
N VAL B 125 4.36 -0.67 -10.66
CA VAL B 125 4.82 -2.05 -10.57
C VAL B 125 6.16 -2.24 -11.26
N VAL B 126 6.95 -3.19 -10.76
CA VAL B 126 8.16 -3.61 -11.44
C VAL B 126 7.99 -5.08 -11.85
N HIS B 127 8.07 -5.32 -13.16
CA HIS B 127 7.88 -6.63 -13.75
C HIS B 127 9.24 -7.08 -14.30
N PHE B 128 9.93 -7.95 -13.57
CA PHE B 128 11.27 -8.38 -13.95
C PHE B 128 11.29 -9.83 -14.42
N HIS B 129 12.13 -10.12 -15.41
CA HIS B 129 12.07 -11.37 -16.17
C HIS B 129 13.35 -12.18 -16.07
N ASP B 130 13.20 -13.48 -15.78
CA ASP B 130 14.31 -14.42 -15.59
C ASP B 130 15.31 -14.01 -14.50
N TRP B 131 16.16 -14.96 -14.09
CA TRP B 131 17.02 -14.74 -12.93
C TRP B 131 18.09 -13.65 -13.13
N HIS B 132 18.38 -13.35 -14.40
CA HIS B 132 19.41 -12.37 -14.75
C HIS B 132 19.06 -10.97 -14.29
N THR B 133 17.76 -10.69 -14.14
CA THR B 133 17.29 -9.38 -13.70
C THR B 133 16.91 -9.34 -12.21
N VAL B 134 17.25 -10.38 -11.47
CA VAL B 134 16.86 -10.51 -10.05
C VAL B 134 17.57 -9.48 -9.16
N PHE B 135 18.85 -9.25 -9.42
CA PHE B 135 19.60 -8.22 -8.68
C PHE B 135 18.94 -6.85 -8.86
N ALA B 136 18.54 -6.53 -10.09
CA ALA B 136 17.83 -5.28 -10.38
C ALA B 136 16.44 -5.26 -9.74
N GLY B 137 15.72 -6.37 -9.83
CA GLY B 137 14.37 -6.48 -9.25
C GLY B 137 14.38 -6.38 -7.74
N ALA B 138 15.34 -7.04 -7.11
CA ALA B 138 15.45 -7.05 -5.66
C ALA B 138 15.81 -5.67 -5.10
N LEU B 139 16.80 -5.02 -5.71
CA LEU B 139 17.24 -3.70 -5.26
C LEU B 139 16.11 -2.67 -5.35
N ILE B 140 15.42 -2.65 -6.49
CA ILE B 140 14.29 -1.73 -6.70
C ILE B 140 13.14 -2.02 -5.72
N LYS B 141 12.93 -3.29 -5.41
CA LYS B 141 11.94 -3.71 -4.39
C LYS B 141 12.36 -3.25 -3.00
N LYS B 142 13.61 -3.54 -2.64
CA LYS B 142 14.14 -3.24 -1.31
C LYS B 142 13.98 -1.76 -0.92
N TYR B 143 14.38 -0.87 -1.82
CA TYR B 143 14.47 0.56 -1.51
C TYR B 143 13.22 1.34 -1.88
N PHE B 144 12.71 1.12 -3.09
CA PHE B 144 11.57 1.90 -3.58
C PHE B 144 10.22 1.33 -3.15
N LYS B 145 10.23 0.08 -2.68
CA LYS B 145 9.06 -0.52 -2.02
C LYS B 145 7.84 -0.54 -2.93
N ILE B 146 8.02 -0.93 -4.19
CA ILE B 146 6.90 -1.04 -5.12
C ILE B 146 6.60 -2.52 -5.42
N PRO B 147 5.34 -2.84 -5.76
CA PRO B 147 4.96 -4.23 -6.02
C PRO B 147 5.79 -4.85 -7.13
N ALA B 148 6.21 -6.10 -6.95
CA ALA B 148 7.09 -6.77 -7.91
C ALA B 148 6.49 -8.07 -8.43
N VAL B 149 6.53 -8.26 -9.75
CA VAL B 149 6.08 -9.49 -10.39
C VAL B 149 7.25 -10.15 -11.09
N PHE B 150 7.54 -11.39 -10.74
CA PHE B 150 8.69 -12.13 -11.27
C PHE B 150 8.19 -13.18 -12.27
N THR B 151 8.64 -13.08 -13.52
CA THR B 151 8.23 -14.02 -14.56
C THR B 151 9.42 -14.85 -15.05
N ILE B 152 9.27 -16.18 -14.95
CA ILE B 152 10.30 -17.14 -15.32
C ILE B 152 9.99 -17.73 -16.69
N HIS B 153 10.84 -17.41 -17.66
CA HIS B 153 10.71 -17.89 -19.04
C HIS B 153 11.39 -19.25 -19.24
N ARG B 154 12.45 -19.49 -18.48
CA ARG B 154 13.13 -20.79 -18.50
C ARG B 154 13.81 -20.99 -17.16
N LEU B 155 13.76 -22.22 -16.66
CA LEU B 155 14.36 -22.54 -15.37
C LEU B 155 15.80 -23.03 -15.59
N ASN B 156 16.76 -22.27 -15.08
CA ASN B 156 18.19 -22.62 -15.22
C ASN B 156 18.63 -23.68 -14.21
N LYS B 157 18.07 -23.62 -13.00
CA LYS B 157 18.33 -24.61 -11.94
C LYS B 157 19.81 -24.72 -11.53
N SER B 158 20.36 -23.61 -11.04
CA SER B 158 21.71 -23.62 -10.45
C SER B 158 21.87 -22.48 -9.45
N LYS B 159 23.03 -22.42 -8.80
CA LYS B 159 23.29 -21.47 -7.73
C LYS B 159 24.50 -20.59 -8.00
N LEU B 160 24.43 -19.33 -7.57
CA LEU B 160 25.56 -18.40 -7.63
C LEU B 160 26.21 -18.35 -6.25
N PRO B 161 27.52 -18.06 -6.18
CA PRO B 161 28.16 -17.79 -4.88
C PRO B 161 27.57 -16.58 -4.16
N ALA B 162 27.66 -16.58 -2.83
CA ALA B 162 27.15 -15.47 -2.00
C ALA B 162 27.89 -14.16 -2.26
N PHE B 163 29.17 -14.27 -2.64
CA PHE B 163 30.01 -13.12 -3.03
C PHE B 163 29.28 -12.08 -3.89
N TYR B 164 28.50 -12.56 -4.86
CA TYR B 164 27.84 -11.66 -5.81
C TYR B 164 26.62 -10.96 -5.21
N PHE B 165 25.92 -11.62 -4.30
CA PHE B 165 24.83 -10.96 -3.55
C PHE B 165 25.36 -9.90 -2.59
N HIS B 166 26.52 -10.17 -1.98
CA HIS B 166 27.19 -9.19 -1.14
C HIS B 166 27.55 -7.94 -1.96
N GLU B 167 28.20 -8.16 -3.10
CA GLU B 167 28.64 -7.08 -3.99
C GLU B 167 27.47 -6.29 -4.59
N ALA B 168 26.33 -6.96 -4.76
CA ALA B 168 25.13 -6.31 -5.29
C ALA B 168 24.37 -5.52 -4.23
N GLY B 169 24.78 -5.62 -2.98
CA GLY B 169 24.12 -4.92 -1.88
C GLY B 169 22.87 -5.63 -1.38
N LEU B 170 22.92 -6.96 -1.37
CA LEU B 170 21.77 -7.79 -0.98
C LEU B 170 22.23 -8.95 -0.08
N SER B 171 23.04 -8.63 0.92
CA SER B 171 23.56 -9.63 1.86
C SER B 171 22.44 -10.40 2.57
N GLU B 172 21.35 -9.71 2.87
CA GLU B 172 20.22 -10.32 3.57
C GLU B 172 19.48 -11.38 2.73
N LEU B 173 19.82 -11.48 1.44
CA LEU B 173 19.25 -12.51 0.57
C LEU B 173 20.16 -13.73 0.39
N ALA B 174 21.34 -13.72 1.02
CA ALA B 174 22.32 -14.79 0.86
C ALA B 174 22.83 -15.34 2.20
N PRO B 175 21.99 -16.08 2.93
CA PRO B 175 22.37 -16.69 4.21
C PRO B 175 23.17 -18.00 4.10
N TYR B 176 23.42 -18.47 2.89
CA TYR B 176 24.26 -19.67 2.65
C TYR B 176 25.41 -19.29 1.74
N PRO B 177 26.40 -20.20 1.54
CA PRO B 177 27.51 -19.87 0.65
C PRO B 177 27.12 -19.77 -0.84
N ASP B 178 26.12 -20.55 -1.25
CA ASP B 178 25.65 -20.56 -2.64
C ASP B 178 24.13 -20.41 -2.67
N ILE B 179 23.63 -19.60 -3.63
CA ILE B 179 22.22 -19.20 -3.66
C ILE B 179 21.61 -19.34 -5.06
N ASP B 180 20.46 -20.00 -5.12
CA ASP B 180 19.69 -20.07 -6.36
C ASP B 180 18.96 -18.72 -6.56
N PRO B 181 19.29 -18.00 -7.64
CA PRO B 181 18.68 -16.69 -7.86
C PRO B 181 17.22 -16.75 -8.30
N GLU B 182 16.78 -17.91 -8.79
CA GLU B 182 15.36 -18.13 -9.10
C GLU B 182 14.53 -18.28 -7.83
N HIS B 183 15.10 -18.87 -6.78
N HIS B 183 15.10 -18.90 -6.80
CA HIS B 183 14.41 -18.94 -5.49
CA HIS B 183 14.46 -18.96 -5.47
C HIS B 183 14.34 -17.55 -4.85
C HIS B 183 14.34 -17.55 -4.89
N THR B 184 15.44 -16.80 -4.92
CA THR B 184 15.47 -15.42 -4.44
C THR B 184 14.42 -14.54 -5.12
N GLY B 185 14.34 -14.64 -6.43
CA GLY B 185 13.36 -13.90 -7.22
C GLY B 185 11.94 -14.18 -6.79
N GLY B 186 11.59 -15.47 -6.66
CA GLY B 186 10.26 -15.88 -6.25
C GLY B 186 9.93 -15.38 -4.85
N TYR B 187 10.88 -15.54 -3.94
CA TYR B 187 10.74 -15.10 -2.56
C TYR B 187 10.33 -13.63 -2.46
N ILE B 188 11.14 -12.75 -3.03
CA ILE B 188 10.91 -11.30 -2.90
C ILE B 188 9.73 -10.78 -3.72
N ALA B 189 9.26 -11.55 -4.70
CA ALA B 189 8.15 -11.14 -5.56
C ALA B 189 6.78 -11.24 -4.87
N ASP B 190 5.85 -10.41 -5.33
CA ASP B 190 4.46 -10.47 -4.87
C ASP B 190 3.66 -11.49 -5.67
N ILE B 191 3.92 -11.58 -6.97
CA ILE B 191 3.27 -12.56 -7.84
C ILE B 191 4.31 -13.15 -8.80
N VAL B 192 4.50 -14.46 -8.74
CA VAL B 192 5.40 -15.16 -9.66
C VAL B 192 4.59 -15.74 -10.82
N THR B 193 5.13 -15.65 -12.03
CA THR B 193 4.46 -16.22 -13.21
C THR B 193 5.43 -16.99 -14.11
N THR B 194 4.88 -17.93 -14.89
CA THR B 194 5.63 -18.60 -15.94
C THR B 194 4.83 -18.63 -17.24
N VAL B 195 5.49 -19.00 -18.33
CA VAL B 195 4.96 -18.72 -19.67
C VAL B 195 3.95 -19.74 -20.20
N SER B 196 3.68 -20.80 -19.43
CA SER B 196 2.62 -21.74 -19.79
C SER B 196 2.14 -22.57 -18.61
N ARG B 197 0.93 -23.09 -18.73
CA ARG B 197 0.32 -23.94 -17.71
C ARG B 197 1.03 -25.30 -17.65
N GLY B 198 1.40 -25.84 -18.80
CA GLY B 198 2.08 -27.13 -18.88
C GLY B 198 3.45 -27.13 -18.21
N TYR B 199 4.16 -26.01 -18.32
CA TYR B 199 5.49 -25.88 -17.72
C TYR B 199 5.38 -25.71 -16.21
N LEU B 200 4.34 -25.01 -15.77
CA LEU B 200 4.02 -24.87 -14.35
C LEU B 200 3.80 -26.23 -13.71
N ILE B 201 3.10 -27.13 -14.42
CA ILE B 201 2.85 -28.49 -13.93
C ILE B 201 4.15 -29.32 -13.96
N ASP B 202 4.85 -29.29 -15.09
CA ASP B 202 6.10 -30.04 -15.26
C ASP B 202 7.12 -29.71 -14.18
N GLU B 203 7.35 -28.42 -13.98
CA GLU B 203 8.32 -27.94 -13.00
C GLU B 203 7.65 -27.53 -11.67
N TRP B 204 6.60 -28.26 -11.30
CA TRP B 204 5.90 -27.97 -10.05
C TRP B 204 6.81 -28.19 -8.84
N GLY B 205 7.72 -29.15 -8.93
CA GLY B 205 8.72 -29.38 -7.89
C GLY B 205 9.39 -28.11 -7.40
N PHE B 206 9.59 -27.16 -8.28
CA PHE B 206 10.14 -25.85 -7.92
C PHE B 206 9.04 -24.85 -7.58
N PHE B 207 8.10 -24.65 -8.52
CA PHE B 207 7.04 -23.64 -8.37
C PHE B 207 6.19 -23.81 -7.11
N ARG B 208 6.03 -25.07 -6.71
CA ARG B 208 5.41 -25.45 -5.44
C ARG B 208 5.82 -24.55 -4.25
N ASN B 209 7.08 -24.13 -4.24
CA ASN B 209 7.61 -23.26 -3.17
C ASN B 209 6.91 -21.89 -3.06
N PHE B 210 6.24 -21.47 -4.12
CA PHE B 210 5.55 -20.17 -4.14
C PHE B 210 4.06 -20.36 -4.34
N GLU B 211 3.60 -21.55 -3.95
CA GLU B 211 2.19 -21.89 -3.87
C GLU B 211 1.37 -20.75 -3.24
N GLY B 212 0.31 -20.34 -3.93
CA GLY B 212 -0.55 -19.25 -3.48
C GLY B 212 -0.32 -17.92 -4.19
N LYS B 213 0.90 -17.72 -4.72
CA LYS B 213 1.21 -16.49 -5.48
C LYS B 213 1.89 -16.81 -6.83
N ILE B 214 1.74 -18.05 -7.29
CA ILE B 214 2.31 -18.50 -8.56
C ILE B 214 1.17 -18.77 -9.53
N THR B 215 1.37 -18.37 -10.78
CA THR B 215 0.37 -18.57 -11.83
C THR B 215 1.05 -18.64 -13.20
N TYR B 216 0.24 -18.80 -14.25
CA TYR B 216 0.76 -18.77 -15.61
C TYR B 216 0.15 -17.62 -16.40
N VAL B 217 0.95 -17.04 -17.29
CA VAL B 217 0.46 -16.12 -18.31
C VAL B 217 1.04 -16.57 -19.65
N PHE B 218 0.19 -17.09 -20.52
CA PHE B 218 0.61 -17.57 -21.84
C PHE B 218 1.27 -16.47 -22.66
N ASN B 219 2.36 -16.81 -23.34
CA ASN B 219 2.89 -15.96 -24.41
C ASN B 219 1.89 -15.89 -25.57
N GLY B 220 2.13 -14.98 -26.50
CA GLY B 220 1.24 -14.80 -27.65
C GLY B 220 1.99 -14.94 -28.95
N ILE B 221 1.42 -14.41 -30.00
CA ILE B 221 2.05 -14.44 -31.32
C ILE B 221 1.59 -13.24 -32.13
N ASP B 222 2.55 -12.54 -32.71
CA ASP B 222 2.29 -11.36 -33.52
C ASP B 222 1.91 -11.81 -34.94
N CYS B 223 0.67 -12.28 -35.10
CA CYS B 223 0.18 -12.73 -36.40
C CYS B 223 -0.04 -11.56 -37.37
N SER B 224 0.11 -10.32 -36.87
CA SER B 224 0.21 -9.14 -37.73
C SER B 224 1.55 -9.09 -38.49
N PHE B 225 2.60 -9.65 -37.89
CA PHE B 225 3.89 -9.80 -38.56
C PHE B 225 3.98 -11.16 -39.22
N TRP B 226 3.90 -12.23 -38.41
CA TRP B 226 3.99 -13.60 -38.91
C TRP B 226 2.73 -13.95 -39.69
N ASN B 227 2.65 -13.50 -40.94
CA ASN B 227 1.45 -13.62 -41.75
C ASN B 227 1.79 -13.96 -43.20
N GLU B 228 0.90 -14.70 -43.85
CA GLU B 228 1.10 -15.10 -45.26
C GLU B 228 0.89 -13.95 -46.25
N SER B 229 0.28 -12.85 -45.80
CA SER B 229 0.07 -11.68 -46.66
C SER B 229 1.37 -11.04 -47.15
N TYR B 230 2.46 -11.22 -46.39
CA TYR B 230 3.78 -10.76 -46.81
C TYR B 230 4.38 -11.65 -47.91
N LEU B 231 3.93 -12.90 -47.97
CA LEU B 231 4.36 -13.84 -49.00
C LEU B 231 3.42 -13.78 -50.21
N THR B 232 3.90 -14.25 -51.36
CA THR B 232 3.13 -14.21 -52.60
C THR B 232 3.12 -15.57 -53.30
N GLY B 233 2.15 -15.77 -54.19
CA GLY B 233 2.00 -17.02 -54.91
C GLY B 233 1.36 -18.11 -54.08
N SER B 234 1.52 -19.36 -54.52
CA SER B 234 0.96 -20.52 -53.84
C SER B 234 2.01 -21.17 -52.94
N ARG B 235 1.58 -22.15 -52.15
CA ARG B 235 2.46 -22.82 -51.19
C ARG B 235 3.44 -23.75 -51.90
N ASP B 236 2.92 -24.59 -52.79
CA ASP B 236 3.75 -25.49 -53.61
C ASP B 236 4.74 -24.73 -54.50
N GLU B 237 4.37 -23.52 -54.90
CA GLU B 237 5.23 -22.66 -55.71
C GLU B 237 6.42 -22.14 -54.89
N ARG B 238 6.15 -21.69 -53.67
CA ARG B 238 7.20 -21.31 -52.72
C ARG B 238 8.02 -22.52 -52.26
N LYS B 239 7.34 -23.66 -52.11
CA LYS B 239 7.98 -24.91 -51.72
C LYS B 239 8.99 -25.37 -52.77
N LYS B 240 8.58 -25.35 -54.04
CA LYS B 240 9.45 -25.71 -55.16
C LYS B 240 10.58 -24.70 -55.32
N SER B 241 10.25 -23.42 -55.16
CA SER B 241 11.22 -22.34 -55.29
C SER B 241 12.31 -22.41 -54.22
N LEU B 242 11.91 -22.69 -52.99
CA LEU B 242 12.84 -22.79 -51.86
C LEU B 242 13.72 -24.03 -51.95
N LEU B 243 13.13 -25.15 -52.34
CA LEU B 243 13.88 -26.41 -52.49
C LEU B 243 14.93 -26.31 -53.59
N SER B 244 14.59 -25.64 -54.69
CA SER B 244 15.52 -25.42 -55.80
C SER B 244 16.62 -24.41 -55.45
N LYS B 245 16.39 -23.58 -54.44
CA LYS B 245 17.39 -22.62 -53.97
C LYS B 245 18.59 -23.34 -53.33
N PHE B 246 18.30 -24.42 -52.60
CA PHE B 246 19.35 -25.24 -51.98
C PHE B 246 19.79 -26.42 -52.87
N GLY B 247 19.28 -26.46 -54.10
CA GLY B 247 19.65 -27.51 -55.06
C GLY B 247 18.94 -28.83 -54.78
N MET B 248 17.62 -28.77 -54.61
CA MET B 248 16.82 -29.96 -54.32
C MET B 248 15.51 -29.92 -55.11
N ASP B 249 15.05 -31.08 -55.56
CA ASP B 249 13.77 -31.18 -56.28
C ASP B 249 12.59 -31.25 -55.30
N GLU B 250 11.37 -31.22 -55.83
CA GLU B 250 10.16 -31.18 -54.99
C GLU B 250 9.97 -32.44 -54.14
N GLY B 251 9.42 -32.24 -52.95
CA GLY B 251 9.19 -33.33 -52.00
C GLY B 251 8.83 -32.78 -50.63
N VAL B 252 8.17 -33.58 -49.81
CA VAL B 252 7.69 -33.14 -48.49
C VAL B 252 8.85 -32.58 -47.65
N THR B 253 8.60 -31.47 -46.97
CA THR B 253 9.66 -30.73 -46.28
C THR B 253 9.40 -30.60 -44.78
N PHE B 254 10.40 -30.95 -43.99
CA PHE B 254 10.38 -30.80 -42.52
C PHE B 254 11.45 -29.80 -42.12
N MET B 255 11.20 -29.04 -41.06
CA MET B 255 12.11 -27.98 -40.61
C MET B 255 12.40 -28.05 -39.11
N PHE B 256 13.57 -27.54 -38.72
CA PHE B 256 13.97 -27.41 -37.32
C PHE B 256 14.69 -26.07 -37.13
N ILE B 257 14.25 -25.27 -36.15
CA ILE B 257 14.90 -23.98 -35.85
C ILE B 257 15.12 -23.86 -34.33
N GLY B 258 16.27 -24.34 -33.87
CA GLY B 258 16.60 -24.30 -32.45
C GLY B 258 18.08 -24.40 -32.18
N ARG B 259 18.49 -23.98 -30.98
CA ARG B 259 19.90 -24.00 -30.59
C ARG B 259 20.40 -25.43 -30.40
N PHE B 260 21.65 -25.67 -30.75
CA PHE B 260 22.26 -26.99 -30.63
C PHE B 260 22.76 -27.18 -29.20
N ASP B 261 22.21 -28.19 -28.52
CA ASP B 261 22.55 -28.45 -27.11
C ASP B 261 22.10 -29.87 -26.74
N ARG B 262 22.55 -30.34 -25.57
CA ARG B 262 22.37 -31.76 -25.21
C ARG B 262 20.98 -32.13 -24.70
N GLY B 263 20.44 -31.35 -23.75
CA GLY B 263 19.18 -31.71 -23.11
C GLY B 263 18.13 -30.61 -23.12
N GLN B 264 18.00 -29.91 -24.25
CA GLN B 264 17.06 -28.80 -24.37
C GLN B 264 16.18 -28.93 -25.62
N LYS B 265 16.62 -28.36 -26.75
CA LYS B 265 15.78 -28.28 -27.96
C LYS B 265 15.71 -29.59 -28.74
N GLY B 266 16.61 -30.52 -28.43
CA GLY B 266 16.52 -31.89 -28.94
C GLY B 266 16.98 -32.12 -30.36
N VAL B 267 18.01 -31.38 -30.78
CA VAL B 267 18.60 -31.59 -32.12
C VAL B 267 19.25 -32.97 -32.20
N ASP B 268 19.78 -33.45 -31.08
CA ASP B 268 20.37 -34.79 -30.99
C ASP B 268 19.36 -35.91 -31.27
N VAL B 269 18.10 -35.69 -30.91
CA VAL B 269 17.02 -36.65 -31.16
C VAL B 269 16.59 -36.61 -32.63
N LEU B 270 16.64 -35.43 -33.24
CA LEU B 270 16.28 -35.26 -34.64
C LEU B 270 17.29 -35.94 -35.57
N LEU B 271 18.58 -35.68 -35.32
CA LEU B 271 19.65 -36.24 -36.15
C LEU B 271 19.68 -37.76 -36.12
N LYS B 272 19.49 -38.35 -34.95
CA LYS B 272 19.41 -39.81 -34.82
C LYS B 272 18.11 -40.34 -35.44
N ALA B 273 17.05 -39.56 -35.38
CA ALA B 273 15.79 -39.91 -36.05
C ALA B 273 15.96 -40.00 -37.56
N ILE B 274 16.75 -39.07 -38.13
CA ILE B 274 17.05 -39.08 -39.56
C ILE B 274 17.89 -40.30 -39.97
N GLU B 275 18.79 -40.75 -39.09
CA GLU B 275 19.60 -41.95 -39.34
C GLU B 275 18.76 -43.23 -39.39
N ILE B 276 17.71 -43.28 -38.58
CA ILE B 276 16.78 -44.42 -38.58
C ILE B 276 16.02 -44.47 -39.91
N LEU B 277 15.52 -43.31 -40.34
CA LEU B 277 14.75 -43.20 -41.56
C LEU B 277 15.60 -43.38 -42.83
N SER B 278 16.89 -43.08 -42.75
CA SER B 278 17.80 -43.19 -43.90
C SER B 278 17.94 -44.63 -44.42
N SER B 279 17.77 -45.60 -43.53
CA SER B 279 17.74 -47.01 -43.92
C SER B 279 16.41 -47.38 -44.58
N LYS B 280 15.37 -46.61 -44.31
CA LYS B 280 14.03 -46.85 -44.86
C LYS B 280 13.90 -46.24 -46.26
N LYS B 281 12.92 -46.72 -47.02
CA LYS B 281 12.76 -46.33 -48.43
C LYS B 281 12.13 -44.94 -48.62
N GLU B 282 11.37 -44.47 -47.63
CA GLU B 282 10.68 -43.18 -47.72
C GLU B 282 11.60 -41.97 -47.59
N PHE B 283 12.86 -42.19 -47.22
CA PHE B 283 13.82 -41.11 -46.97
C PHE B 283 14.07 -40.23 -48.19
N GLN B 284 14.12 -40.83 -49.38
CA GLN B 284 14.34 -40.10 -50.62
C GLN B 284 13.16 -39.19 -50.98
N GLU B 285 11.97 -39.54 -50.49
CA GLU B 285 10.77 -38.73 -50.68
C GLU B 285 10.52 -37.77 -49.50
N MET B 286 11.60 -37.25 -48.93
CA MET B 286 11.54 -36.34 -47.77
C MET B 286 12.67 -35.32 -47.85
N ARG B 287 12.41 -34.10 -47.35
CA ARG B 287 13.41 -33.03 -47.36
C ARG B 287 13.59 -32.47 -45.94
N PHE B 288 14.82 -32.10 -45.60
CA PHE B 288 15.15 -31.60 -44.26
C PHE B 288 15.93 -30.28 -44.32
N ILE B 289 15.55 -29.35 -43.44
CA ILE B 289 16.28 -28.09 -43.26
C ILE B 289 16.50 -27.88 -41.76
N ILE B 290 17.75 -28.02 -41.32
CA ILE B 290 18.09 -27.94 -39.90
C ILE B 290 18.83 -26.64 -39.61
N ILE B 291 18.09 -25.64 -39.13
CA ILE B 291 18.66 -24.33 -38.83
C ILE B 291 19.02 -24.23 -37.35
N GLY B 292 20.20 -23.68 -37.07
CA GLY B 292 20.69 -23.53 -35.70
C GLY B 292 22.20 -23.74 -35.60
N LYS B 293 22.71 -23.63 -34.38
CA LYS B 293 24.14 -23.80 -34.11
C LYS B 293 24.34 -23.89 -32.59
N GLY B 294 25.59 -24.08 -32.16
CA GLY B 294 25.92 -24.05 -30.74
C GLY B 294 27.02 -25.02 -30.35
N ASP B 295 26.65 -26.27 -30.09
CA ASP B 295 27.57 -27.27 -29.57
C ASP B 295 28.46 -27.84 -30.69
N PRO B 296 29.80 -27.84 -30.49
CA PRO B 296 30.74 -28.27 -31.53
C PRO B 296 30.54 -29.69 -32.04
N GLU B 297 30.27 -30.63 -31.12
CA GLU B 297 30.06 -32.03 -31.48
C GLU B 297 28.79 -32.23 -32.30
N LEU B 298 27.73 -31.53 -31.92
CA LEU B 298 26.45 -31.58 -32.64
C LEU B 298 26.51 -30.84 -33.98
N GLU B 299 27.26 -29.73 -34.01
CA GLU B 299 27.50 -28.98 -35.25
C GLU B 299 28.20 -29.84 -36.29
N GLY B 300 29.21 -30.58 -35.85
CA GLY B 300 29.94 -31.51 -36.71
C GLY B 300 29.10 -32.68 -37.16
N TRP B 301 28.20 -33.14 -36.29
CA TRP B 301 27.31 -34.26 -36.61
C TRP B 301 26.23 -33.85 -37.62
N ALA B 302 25.64 -32.68 -37.42
CA ALA B 302 24.67 -32.13 -38.38
C ALA B 302 25.34 -31.81 -39.72
N ARG B 303 26.58 -31.34 -39.66
CA ARG B 303 27.38 -31.08 -40.87
C ARG B 303 27.69 -32.37 -41.63
N SER B 304 27.88 -33.46 -40.89
CA SER B 304 28.23 -34.76 -41.47
C SER B 304 27.07 -35.35 -42.29
N LEU B 305 25.84 -35.25 -41.78
CA LEU B 305 24.65 -35.69 -42.50
C LEU B 305 24.40 -34.87 -43.77
N GLU B 306 24.77 -33.59 -43.74
CA GLU B 306 24.67 -32.72 -44.90
C GLU B 306 25.62 -33.16 -46.01
N GLU B 307 26.81 -33.62 -45.62
CA GLU B 307 27.80 -34.12 -46.56
C GLU B 307 27.41 -35.48 -47.15
N LYS B 308 26.86 -36.36 -46.31
CA LYS B 308 26.45 -37.70 -46.73
C LYS B 308 25.29 -37.64 -47.72
N HIS B 309 24.22 -36.95 -47.33
CA HIS B 309 22.99 -36.89 -48.11
C HIS B 309 22.76 -35.51 -48.71
N GLY B 310 22.39 -35.48 -50.00
CA GLY B 310 21.86 -34.26 -50.62
C GLY B 310 20.39 -34.07 -50.29
N ASN B 311 19.95 -34.67 -49.19
CA ASN B 311 18.56 -34.65 -48.74
C ASN B 311 18.36 -33.70 -47.55
N VAL B 312 19.45 -33.31 -46.89
CA VAL B 312 19.42 -32.50 -45.68
C VAL B 312 20.31 -31.27 -45.85
N LYS B 313 19.80 -30.11 -45.44
CA LYS B 313 20.56 -28.86 -45.48
C LYS B 313 20.72 -28.30 -44.07
N VAL B 314 21.79 -27.54 -43.84
CA VAL B 314 22.07 -26.93 -42.55
C VAL B 314 22.45 -25.45 -42.72
N ILE B 315 21.78 -24.59 -41.95
CA ILE B 315 22.08 -23.16 -41.95
C ILE B 315 22.51 -22.73 -40.55
N THR B 316 23.75 -22.26 -40.45
CA THR B 316 24.34 -21.83 -39.17
C THR B 316 24.29 -20.30 -38.98
N GLU B 317 24.30 -19.56 -40.09
CA GLU B 317 24.37 -18.09 -40.03
C GLU B 317 23.06 -17.44 -39.55
N MET B 318 23.19 -16.22 -39.02
CA MET B 318 22.06 -15.44 -38.52
C MET B 318 21.07 -15.13 -39.64
N LEU B 319 19.90 -15.76 -39.59
CA LEU B 319 18.80 -15.48 -40.51
C LEU B 319 17.91 -14.38 -39.95
N SER B 320 17.38 -13.54 -40.84
CA SER B 320 16.47 -12.48 -40.44
C SER B 320 15.10 -13.05 -40.08
N ARG B 321 14.32 -12.26 -39.35
CA ARG B 321 12.94 -12.62 -39.02
C ARG B 321 12.06 -12.64 -40.27
N GLU B 322 12.40 -11.82 -41.26
CA GLU B 322 11.65 -11.78 -42.52
C GLU B 322 11.87 -13.05 -43.35
N PHE B 323 13.10 -13.57 -43.35
CA PHE B 323 13.42 -14.79 -44.09
C PHE B 323 12.86 -16.03 -43.40
N VAL B 324 12.91 -16.05 -42.07
CA VAL B 324 12.34 -17.16 -41.30
C VAL B 324 10.84 -17.29 -41.57
N ARG B 325 10.15 -16.16 -41.70
CA ARG B 325 8.74 -16.15 -42.08
C ARG B 325 8.51 -16.89 -43.40
N GLU B 326 9.35 -16.58 -44.39
CA GLU B 326 9.26 -17.20 -45.71
C GLU B 326 9.49 -18.71 -45.66
N LEU B 327 10.37 -19.15 -44.77
CA LEU B 327 10.63 -20.58 -44.58
C LEU B 327 9.40 -21.28 -43.99
N TYR B 328 8.81 -20.68 -42.96
CA TYR B 328 7.60 -21.21 -42.33
C TYR B 328 6.46 -21.38 -43.34
N GLY B 329 6.29 -20.39 -44.20
CA GLY B 329 5.24 -20.42 -45.22
C GLY B 329 5.47 -21.41 -46.35
N SER B 330 6.72 -21.84 -46.51
CA SER B 330 7.07 -22.79 -47.58
C SER B 330 6.95 -24.24 -47.11
N VAL B 331 7.63 -24.56 -46.01
CA VAL B 331 7.77 -25.94 -45.55
C VAL B 331 6.43 -26.55 -45.13
N ASP B 332 6.33 -27.87 -45.26
CA ASP B 332 5.09 -28.59 -44.92
C ASP B 332 4.96 -28.77 -43.41
N PHE B 333 6.02 -29.25 -42.77
CA PHE B 333 6.01 -29.52 -41.34
C PHE B 333 7.18 -28.83 -40.63
N VAL B 334 7.05 -28.74 -39.30
CA VAL B 334 8.11 -28.23 -38.43
C VAL B 334 8.29 -29.19 -37.25
N ILE B 335 9.51 -29.70 -37.07
CA ILE B 335 9.81 -30.63 -35.99
C ILE B 335 10.34 -29.86 -34.78
N ILE B 336 9.73 -30.08 -33.62
CA ILE B 336 10.11 -29.39 -32.38
C ILE B 336 10.32 -30.42 -31.26
N PRO B 337 11.39 -31.22 -31.37
CA PRO B 337 11.58 -32.40 -30.52
C PRO B 337 12.31 -32.09 -29.19
N SER B 338 11.80 -31.12 -28.45
CA SER B 338 12.44 -30.68 -27.21
C SER B 338 12.25 -31.68 -26.06
N TYR B 339 13.22 -31.70 -25.14
CA TYR B 339 13.11 -32.49 -23.91
C TYR B 339 12.12 -31.82 -22.95
N PHE B 340 12.24 -30.49 -22.83
CA PHE B 340 11.27 -29.67 -22.11
C PHE B 340 11.00 -28.40 -22.91
N GLU B 341 9.88 -27.74 -22.63
CA GLU B 341 9.49 -26.55 -23.39
C GLU B 341 8.62 -25.59 -22.56
N PRO B 342 9.22 -24.52 -22.04
CA PRO B 342 8.45 -23.53 -21.29
C PRO B 342 7.23 -22.97 -22.03
N PHE B 343 7.37 -22.73 -23.33
CA PHE B 343 6.24 -22.27 -24.15
C PHE B 343 6.22 -22.95 -25.52
N GLY B 344 7.07 -22.50 -26.45
CA GLY B 344 7.09 -23.02 -27.82
C GLY B 344 6.66 -21.98 -28.83
N LEU B 345 7.37 -20.85 -28.84
CA LEU B 345 7.06 -19.74 -29.74
C LEU B 345 7.26 -20.14 -31.20
N VAL B 346 8.17 -21.09 -31.45
CA VAL B 346 8.37 -21.63 -32.79
C VAL B 346 7.10 -22.33 -33.31
N ALA B 347 6.40 -23.01 -32.40
CA ALA B 347 5.14 -23.68 -32.74
C ALA B 347 4.10 -22.71 -33.31
N LEU B 348 3.83 -21.64 -32.58
CA LEU B 348 2.83 -20.64 -33.01
C LEU B 348 3.26 -19.88 -34.27
N GLU B 349 4.56 -19.69 -34.44
CA GLU B 349 5.10 -19.07 -35.66
C GLU B 349 4.84 -19.98 -36.87
N ALA B 350 5.09 -21.27 -36.71
CA ALA B 350 4.83 -22.24 -37.78
C ALA B 350 3.34 -22.35 -38.08
N MET B 351 2.53 -22.46 -37.03
CA MET B 351 1.08 -22.63 -37.18
C MET B 351 0.40 -21.42 -37.82
N CYS B 352 0.77 -20.22 -37.38
CA CYS B 352 0.18 -18.99 -37.92
C CYS B 352 0.53 -18.82 -39.41
N LEU B 353 1.70 -19.31 -39.82
CA LEU B 353 2.13 -19.22 -41.22
C LEU B 353 1.78 -20.44 -42.08
N GLY B 354 1.15 -21.46 -41.47
CA GLY B 354 0.59 -22.58 -42.23
C GLY B 354 1.21 -23.95 -42.00
N ALA B 355 2.46 -24.00 -41.52
CA ALA B 355 3.16 -25.27 -41.31
C ALA B 355 2.56 -26.07 -40.15
N ILE B 356 2.52 -27.39 -40.29
CA ILE B 356 1.99 -28.29 -39.26
C ILE B 356 3.11 -28.73 -38.32
N PRO B 357 2.97 -28.47 -37.01
CA PRO B 357 4.03 -28.82 -36.06
C PRO B 357 4.05 -30.29 -35.65
N ILE B 358 5.25 -30.86 -35.57
CA ILE B 358 5.49 -32.16 -34.96
C ILE B 358 6.33 -31.92 -33.71
N ALA B 359 5.72 -32.04 -32.53
CA ALA B 359 6.35 -31.60 -31.30
C ALA B 359 6.36 -32.66 -30.20
N SER B 360 7.31 -32.54 -29.28
CA SER B 360 7.35 -33.36 -28.08
C SER B 360 6.21 -32.95 -27.14
N ALA B 361 5.54 -33.93 -26.55
CA ALA B 361 4.42 -33.67 -25.64
C ALA B 361 4.93 -33.20 -24.29
N VAL B 362 5.45 -31.97 -24.28
CA VAL B 362 6.10 -31.41 -23.09
C VAL B 362 5.71 -29.95 -22.88
N GLY B 363 5.52 -29.57 -21.61
CA GLY B 363 5.27 -28.18 -21.22
C GLY B 363 4.22 -27.44 -22.03
N GLY B 364 4.61 -26.30 -22.58
CA GLY B 364 3.69 -25.43 -23.32
C GLY B 364 3.17 -25.98 -24.63
N LEU B 365 3.93 -26.88 -25.26
CA LEU B 365 3.48 -27.53 -26.51
C LEU B 365 2.19 -28.33 -26.32
N ARG B 366 2.00 -28.88 -25.12
CA ARG B 366 0.73 -29.54 -24.77
C ARG B 366 -0.43 -28.55 -24.74
N ASP B 367 -0.17 -27.33 -24.25
CA ASP B 367 -1.19 -26.27 -24.24
C ASP B 367 -1.45 -25.71 -25.64
N ILE B 368 -0.42 -25.64 -26.47
CA ILE B 368 -0.54 -25.06 -27.81
C ILE B 368 -1.09 -26.05 -28.82
N ILE B 369 -0.47 -27.24 -28.89
CA ILE B 369 -0.83 -28.24 -29.89
C ILE B 369 -1.91 -29.20 -29.39
N THR B 370 -2.87 -29.51 -30.25
CA THR B 370 -3.90 -30.51 -29.98
C THR B 370 -3.89 -31.55 -31.10
N ASN B 371 -4.83 -32.51 -31.03
CA ASN B 371 -4.95 -33.55 -32.05
C ASN B 371 -5.36 -32.98 -33.41
N GLU B 372 -6.17 -31.93 -33.38
CA GLU B 372 -6.69 -31.29 -34.60
C GLU B 372 -5.74 -30.24 -35.19
N THR B 373 -4.60 -29.98 -34.53
CA THR B 373 -3.67 -28.94 -34.97
C THR B 373 -2.20 -29.36 -34.92
N GLY B 374 -1.92 -30.66 -35.03
CA GLY B 374 -0.54 -31.16 -35.04
C GLY B 374 -0.36 -32.54 -34.45
N ILE B 375 0.90 -33.00 -34.40
CA ILE B 375 1.25 -34.33 -33.91
C ILE B 375 2.13 -34.24 -32.67
N LEU B 376 1.68 -34.81 -31.56
CA LEU B 376 2.47 -34.88 -30.33
C LEU B 376 3.20 -36.22 -30.24
N VAL B 377 4.40 -36.20 -29.65
CA VAL B 377 5.27 -37.37 -29.58
C VAL B 377 5.99 -37.45 -28.22
N LYS B 378 6.39 -38.65 -27.83
CA LYS B 378 7.14 -38.87 -26.60
C LYS B 378 8.54 -38.24 -26.71
N ALA B 379 8.89 -37.41 -25.73
CA ALA B 379 10.15 -36.67 -25.75
C ALA B 379 11.35 -37.55 -25.46
N GLY B 380 12.48 -37.21 -26.10
CA GLY B 380 13.74 -37.94 -25.89
C GLY B 380 13.82 -39.32 -26.50
N ASP B 381 12.86 -39.65 -27.38
CA ASP B 381 12.81 -40.96 -28.01
C ASP B 381 12.95 -40.81 -29.54
N PRO B 382 14.14 -41.09 -30.09
CA PRO B 382 14.36 -41.03 -31.54
C PRO B 382 13.46 -41.97 -32.35
N GLY B 383 13.08 -43.10 -31.76
CA GLY B 383 12.22 -44.08 -32.42
C GLY B 383 10.84 -43.55 -32.75
N GLU B 384 10.17 -42.96 -31.76
CA GLU B 384 8.82 -42.43 -31.94
C GLU B 384 8.80 -41.13 -32.74
N LEU B 385 9.91 -40.38 -32.71
CA LEU B 385 10.06 -39.20 -33.56
C LEU B 385 10.11 -39.62 -35.02
N ALA B 386 10.92 -40.65 -35.31
CA ALA B 386 11.02 -41.23 -36.65
C ALA B 386 9.67 -41.79 -37.11
N ASN B 387 8.94 -42.41 -36.17
CA ASN B 387 7.63 -42.97 -36.45
C ASN B 387 6.58 -41.90 -36.81
N ALA B 388 6.63 -40.77 -36.11
CA ALA B 388 5.71 -39.66 -36.36
C ALA B 388 5.96 -38.99 -37.71
N ILE B 389 7.22 -38.98 -38.14
CA ILE B 389 7.61 -38.40 -39.43
C ILE B 389 7.04 -39.21 -40.61
N LEU B 390 6.98 -40.53 -40.44
CA LEU B 390 6.38 -41.41 -41.44
C LEU B 390 4.86 -41.25 -41.47
N LYS B 391 4.25 -41.03 -40.31
CA LYS B 391 2.81 -40.73 -40.22
C LYS B 391 2.49 -39.37 -40.85
N ALA B 392 3.47 -38.46 -40.83
CA ALA B 392 3.34 -37.16 -41.50
C ALA B 392 3.39 -37.31 -43.02
N LEU B 393 4.18 -38.27 -43.50
CA LEU B 393 4.29 -38.56 -44.93
C LEU B 393 3.03 -39.24 -45.47
N GLU B 394 2.31 -39.96 -44.60
CA GLU B 394 1.05 -40.60 -44.98
C GLU B 394 -0.05 -39.57 -45.23
N LEU B 395 -0.04 -38.50 -44.43
CA LEU B 395 -1.03 -37.43 -44.57
C LEU B 395 -0.74 -36.50 -45.76
N SER B 396 0.51 -36.44 -46.19
CA SER B 396 0.93 -35.54 -47.28
C SER B 396 0.19 -35.81 -48.61
N ARG B 397 -0.29 -37.04 -48.80
CA ARG B 397 -1.10 -37.38 -49.97
C ARG B 397 -2.51 -36.79 -49.83
N SER B 398 -3.09 -36.90 -48.64
CA SER B 398 -4.40 -36.32 -48.35
C SER B 398 -4.28 -34.81 -48.22
N ASP B 399 -5.23 -34.07 -48.78
CA ASP B 399 -5.24 -32.62 -48.68
C ASP B 399 -5.57 -32.25 -47.23
N LEU B 400 -4.52 -32.09 -46.42
CA LEU B 400 -4.67 -31.82 -44.99
C LEU B 400 -4.89 -30.32 -44.71
N SER B 401 -5.76 -29.71 -45.50
CA SER B 401 -5.98 -28.26 -45.42
C SER B 401 -6.60 -27.83 -44.10
N LYS B 402 -7.36 -28.74 -43.47
CA LYS B 402 -7.96 -28.45 -42.16
C LYS B 402 -6.91 -28.32 -41.06
N PHE B 403 -5.88 -29.16 -41.10
CA PHE B 403 -4.74 -29.02 -40.19
C PHE B 403 -4.18 -27.60 -40.31
N ARG B 404 -3.90 -27.17 -41.54
CA ARG B 404 -3.35 -25.84 -41.81
C ARG B 404 -4.31 -24.73 -41.40
N GLU B 405 -5.61 -24.95 -41.63
CA GLU B 405 -6.63 -23.95 -41.32
C GLU B 405 -6.91 -23.88 -39.83
N ASN B 406 -6.96 -25.05 -39.17
CA ASN B 406 -7.14 -25.12 -37.72
C ASN B 406 -5.92 -24.58 -36.97
N CYS B 407 -4.74 -24.79 -37.55
CA CYS B 407 -3.50 -24.23 -36.99
C CYS B 407 -3.52 -22.71 -37.02
N LYS B 408 -3.89 -22.14 -38.17
CA LYS B 408 -4.04 -20.68 -38.31
C LYS B 408 -4.99 -20.09 -37.28
N LYS B 409 -6.20 -20.65 -37.22
CA LYS B 409 -7.24 -20.16 -36.32
C LYS B 409 -6.86 -20.34 -34.84
N ARG B 410 -6.22 -21.46 -34.52
CA ARG B 410 -5.77 -21.72 -33.16
C ARG B 410 -4.61 -20.79 -32.76
N ALA B 411 -3.67 -20.59 -33.68
CA ALA B 411 -2.53 -19.71 -33.42
C ALA B 411 -2.97 -18.26 -33.20
N MET B 412 -3.99 -17.82 -33.94
CA MET B 412 -4.51 -16.45 -33.81
C MET B 412 -5.17 -16.17 -32.47
N SER B 413 -5.67 -17.21 -31.80
CA SER B 413 -6.30 -17.05 -30.49
C SER B 413 -5.29 -16.75 -29.38
N PHE B 414 -4.05 -17.20 -29.54
CA PHE B 414 -2.95 -16.84 -28.64
C PHE B 414 -2.40 -15.46 -29.02
N SER B 415 -3.15 -14.40 -28.72
CA SER B 415 -2.70 -13.04 -29.03
C SER B 415 -1.92 -12.44 -27.87
N TRP B 416 -0.99 -11.55 -28.19
CA TRP B 416 -0.22 -10.84 -27.16
C TRP B 416 -1.11 -9.90 -26.35
N GLU B 417 -2.20 -9.44 -26.96
CA GLU B 417 -3.17 -8.60 -26.26
C GLU B 417 -3.73 -9.33 -25.05
N LYS B 418 -4.15 -10.58 -25.22
CA LYS B 418 -4.62 -11.42 -24.11
C LYS B 418 -3.55 -11.59 -23.03
N SER B 419 -2.32 -11.83 -23.46
CA SER B 419 -1.19 -11.94 -22.55
C SER B 419 -0.98 -10.64 -21.77
N ALA B 420 -1.09 -9.51 -22.47
CA ALA B 420 -0.95 -8.19 -21.85
C ALA B 420 -2.06 -7.94 -20.84
N GLU B 421 -3.30 -8.17 -21.28
CA GLU B 421 -4.47 -8.07 -20.41
C GLU B 421 -4.30 -8.88 -19.11
N ARG B 422 -3.74 -10.08 -19.24
CA ARG B 422 -3.57 -10.97 -18.10
C ARG B 422 -2.39 -10.58 -17.20
N TYR B 423 -1.36 -9.96 -17.76
CA TYR B 423 -0.25 -9.45 -16.95
C TYR B 423 -0.71 -8.26 -16.10
N VAL B 424 -1.61 -7.45 -16.64
CA VAL B 424 -2.19 -6.31 -15.91
C VAL B 424 -2.96 -6.80 -14.68
N LYS B 425 -3.61 -7.96 -14.82
CA LYS B 425 -4.30 -8.60 -13.71
C LYS B 425 -3.28 -8.98 -12.62
N ALA B 426 -2.16 -9.56 -13.06
CA ALA B 426 -1.09 -9.97 -12.14
C ALA B 426 -0.53 -8.79 -11.34
N TYR B 427 -0.32 -7.67 -12.03
CA TYR B 427 0.31 -6.48 -11.40
C TYR B 427 -0.46 -5.94 -10.19
N THR B 428 -1.79 -6.10 -10.18
CA THR B 428 -2.63 -5.66 -9.06
C THR B 428 -3.00 -6.81 -8.13
N GLY B 429 -2.60 -8.03 -8.49
CA GLY B 429 -2.95 -9.22 -7.72
C GLY B 429 -4.26 -9.87 -8.17
N SER B 430 -5.01 -9.19 -9.02
CA SER B 430 -6.33 -9.68 -9.44
C SER B 430 -6.24 -10.81 -10.46
N ILE B 431 -5.65 -11.94 -10.07
CA ILE B 431 -5.43 -13.07 -10.97
C ILE B 431 -5.56 -14.40 -10.21
N ASP B 432 -6.01 -15.44 -10.90
CA ASP B 432 -6.05 -16.78 -10.32
C ASP B 432 -4.65 -17.35 -10.21
N ARG B 433 -4.45 -18.25 -9.24
CA ARG B 433 -3.14 -18.80 -8.95
C ARG B 433 -3.24 -20.26 -8.47
N ALA B 434 -2.11 -20.96 -8.51
CA ALA B 434 -2.06 -22.38 -8.16
C ALA B 434 -1.88 -22.56 -6.66
N PHE B 435 -2.77 -23.34 -6.06
CA PHE B 435 -2.72 -23.65 -4.64
C PHE B 435 -2.45 -25.14 -4.42
N ASP B 436 -1.79 -25.46 -3.32
CA ASP B 436 -1.42 -26.83 -2.99
C ASP B 436 -2.66 -27.67 -2.68
N PHE B 437 -3.62 -27.06 -1.99
CA PHE B 437 -4.83 -27.76 -1.54
C PHE B 437 -5.93 -27.77 -2.61
N ILE B 438 -5.76 -26.98 -3.68
CA ILE B 438 -6.70 -27.00 -4.80
C ILE B 438 -6.23 -28.03 -5.82
N LEU B 439 -6.95 -29.14 -5.88
CA LEU B 439 -6.56 -30.28 -6.72
C LEU B 439 -6.87 -30.01 -8.19
N ARG C 1 -3.52 14.55 -8.75
CA ARG C 1 -2.86 15.86 -8.48
C ARG C 1 -2.90 16.23 -6.99
N HIS C 2 -4.10 16.51 -6.47
CA HIS C 2 -4.26 17.13 -5.16
C HIS C 2 -4.22 16.15 -4.00
N MET C 3 -3.72 16.60 -2.86
CA MET C 3 -3.47 15.76 -1.69
C MET C 3 -3.95 16.42 -0.41
N LYS C 4 -4.05 15.62 0.65
CA LYS C 4 -4.39 16.09 1.98
C LYS C 4 -3.23 15.79 2.91
N VAL C 5 -2.55 16.84 3.36
CA VAL C 5 -1.33 16.69 4.15
C VAL C 5 -1.56 17.05 5.62
N LEU C 6 -1.05 16.20 6.50
CA LEU C 6 -1.00 16.48 7.93
C LEU C 6 0.43 16.84 8.30
N LEU C 7 0.65 18.10 8.64
CA LEU C 7 1.98 18.59 9.02
C LEU C 7 2.10 18.74 10.54
N LEU C 8 3.01 17.98 11.13
CA LEU C 8 3.29 18.07 12.57
C LEU C 8 4.53 18.93 12.79
N GLY C 9 4.34 20.09 13.42
CA GLY C 9 5.45 20.99 13.75
C GLY C 9 5.38 21.37 15.21
N PHE C 10 6.53 21.34 15.88
CA PHE C 10 6.60 21.65 17.30
C PHE C 10 6.51 23.14 17.57
N GLU C 11 6.85 23.96 16.57
CA GLU C 11 6.59 25.39 16.62
C GLU C 11 6.10 25.91 15.28
N PHE C 12 5.29 26.96 15.34
CA PHE C 12 4.60 27.53 14.19
C PHE C 12 4.33 28.99 14.53
N LEU C 13 4.27 29.84 13.52
CA LEU C 13 3.98 31.26 13.74
C LEU C 13 2.59 31.41 14.34
N PRO C 14 2.37 32.41 15.22
CA PRO C 14 3.30 33.43 15.73
C PRO C 14 4.28 33.02 16.84
N VAL C 15 4.29 31.76 17.26
CA VAL C 15 5.30 31.30 18.22
C VAL C 15 6.65 31.30 17.51
N LYS C 16 7.63 31.97 18.10
CA LYS C 16 8.92 32.22 17.45
C LYS C 16 10.03 31.95 18.45
N VAL C 17 10.89 30.96 18.17
CA VAL C 17 12.07 30.71 19.00
C VAL C 17 13.33 30.85 18.15
N GLY C 18 13.56 29.88 17.25
CA GLY C 18 14.67 29.96 16.31
C GLY C 18 14.15 30.40 14.95
N GLY C 19 14.54 29.66 13.90
CA GLY C 19 14.05 29.92 12.55
C GLY C 19 13.03 28.90 12.06
N LEU C 20 12.79 27.85 12.84
CA LEU C 20 11.94 26.75 12.41
C LEU C 20 10.48 27.20 12.22
N ALA C 21 9.96 27.97 13.18
CA ALA C 21 8.57 28.42 13.14
C ALA C 21 8.26 29.08 11.79
N GLU C 22 9.11 30.02 11.40
CA GLU C 22 8.99 30.70 10.10
C GLU C 22 9.10 29.72 8.94
N ALA C 23 10.03 28.78 9.04
CA ALA C 23 10.27 27.79 7.99
C ALA C 23 9.08 26.85 7.75
N LEU C 24 8.46 26.37 8.83
CA LEU C 24 7.33 25.45 8.71
C LEU C 24 6.08 26.16 8.19
N THR C 25 5.88 27.41 8.59
CA THR C 25 4.76 28.21 8.12
C THR C 25 4.87 28.53 6.62
N ALA C 26 6.10 28.72 6.14
CA ALA C 26 6.34 28.96 4.71
C ALA C 26 6.04 27.72 3.88
N ILE C 27 6.52 26.57 4.34
CA ILE C 27 6.22 25.28 3.71
C ILE C 27 4.71 25.02 3.69
N SER C 28 4.07 25.24 4.83
CA SER C 28 2.63 25.00 4.98
C SER C 28 1.79 25.93 4.09
N GLU C 29 2.19 27.20 4.01
CA GLU C 29 1.53 28.16 3.12
C GLU C 29 1.74 27.81 1.65
N ALA C 30 2.96 27.40 1.31
CA ALA C 30 3.33 27.09 -0.07
C ALA C 30 2.54 25.88 -0.59
N LEU C 31 2.47 24.83 0.22
CA LEU C 31 1.64 23.66 -0.08
C LEU C 31 0.19 24.04 -0.35
N ALA C 32 -0.37 24.88 0.53
CA ALA C 32 -1.74 25.37 0.38
C ALA C 32 -1.94 26.13 -0.94
N SER C 33 -0.93 26.90 -1.34
CA SER C 33 -1.00 27.67 -2.59
C SER C 33 -1.00 26.79 -3.84
N LEU C 34 -0.44 25.58 -3.74
CA LEU C 34 -0.45 24.62 -4.83
C LEU C 34 -1.79 23.89 -4.98
N GLY C 35 -2.71 24.11 -4.04
CA GLY C 35 -4.05 23.52 -4.10
C GLY C 35 -4.27 22.37 -3.14
N HIS C 36 -3.26 22.05 -2.34
CA HIS C 36 -3.35 20.95 -1.38
C HIS C 36 -4.04 21.40 -0.10
N GLU C 37 -4.87 20.52 0.46
CA GLU C 37 -5.45 20.75 1.79
C GLU C 37 -4.39 20.42 2.83
N VAL C 38 -4.03 21.39 3.64
CA VAL C 38 -2.93 21.23 4.60
C VAL C 38 -3.43 21.43 6.04
N LEU C 39 -3.29 20.38 6.86
CA LEU C 39 -3.66 20.44 8.28
C LEU C 39 -2.39 20.52 9.12
N VAL C 40 -2.35 21.49 10.03
CA VAL C 40 -1.18 21.69 10.89
C VAL C 40 -1.54 21.42 12.34
N PHE C 41 -0.86 20.44 12.94
CA PHE C 41 -0.96 20.17 14.37
C PHE C 41 0.29 20.73 15.03
N THR C 42 0.11 21.58 16.04
CA THR C 42 1.23 22.18 16.75
C THR C 42 0.81 22.55 18.17
N PRO C 43 1.73 22.47 19.15
CA PRO C 43 1.35 22.88 20.50
C PRO C 43 1.08 24.38 20.61
N SER C 44 0.21 24.77 21.53
CA SER C 44 -0.12 26.19 21.71
C SER C 44 0.94 26.96 22.49
N HIS C 45 1.67 26.26 23.37
CA HIS C 45 2.72 26.87 24.19
C HIS C 45 2.22 28.08 24.99
N GLY C 46 0.97 28.03 25.44
CA GLY C 46 0.39 29.12 26.22
C GLY C 46 0.01 30.37 25.46
N ARG C 47 0.20 30.38 24.14
CA ARG C 47 -0.15 31.55 23.31
C ARG C 47 -1.65 31.64 23.07
N PHE C 48 -2.30 30.48 22.92
CA PHE C 48 -3.72 30.41 22.57
C PHE C 48 -4.53 29.71 23.65
N GLN C 49 -5.77 30.18 23.84
CA GLN C 49 -6.67 29.63 24.86
C GLN C 49 -7.91 29.04 24.19
N GLY C 50 -7.87 27.73 23.94
CA GLY C 50 -8.86 27.07 23.09
C GLY C 50 -10.01 26.38 23.82
N GLU C 51 -10.79 25.63 23.03
CA GLU C 51 -11.97 24.91 23.54
C GLU C 51 -11.60 23.47 23.88
N GLU C 52 -12.13 22.96 24.99
CA GLU C 52 -11.88 21.59 25.45
C GLU C 52 -12.58 20.58 24.56
N ILE C 53 -11.81 19.69 23.94
CA ILE C 53 -12.36 18.68 23.01
C ILE C 53 -12.45 17.28 23.63
N GLY C 54 -11.56 16.97 24.58
CA GLY C 54 -11.56 15.65 25.20
C GLY C 54 -10.55 15.49 26.32
N LYS C 55 -10.38 14.25 26.79
CA LYS C 55 -9.45 13.93 27.87
C LYS C 55 -8.53 12.77 27.48
N ILE C 56 -7.26 12.85 27.87
CA ILE C 56 -6.32 11.74 27.65
C ILE C 56 -5.54 11.40 28.93
N ARG C 57 -5.14 10.14 29.04
CA ARG C 57 -4.26 9.67 30.11
C ARG C 57 -2.82 9.77 29.65
N VAL C 58 -2.00 10.52 30.39
CA VAL C 58 -0.58 10.68 30.08
C VAL C 58 0.24 10.68 31.37
N PHE C 59 1.30 9.86 31.39
CA PHE C 59 2.16 9.70 32.58
C PHE C 59 1.37 9.37 33.85
N GLY C 60 0.42 8.45 33.72
CA GLY C 60 -0.43 8.04 34.84
C GLY C 60 -1.29 9.16 35.40
N GLU C 61 -1.69 10.10 34.55
CA GLU C 61 -2.49 11.25 34.98
C GLU C 61 -3.43 11.74 33.88
N GLU C 62 -4.59 12.24 34.29
CA GLU C 62 -5.59 12.75 33.37
C GLU C 62 -5.19 14.13 32.86
N VAL C 63 -5.50 14.41 31.59
CA VAL C 63 -5.20 15.70 30.98
C VAL C 63 -6.31 16.10 30.01
N GLN C 64 -6.88 17.28 30.19
CA GLN C 64 -7.91 17.80 29.28
C GLN C 64 -7.23 18.46 28.09
N VAL C 65 -7.53 17.97 26.89
CA VAL C 65 -6.96 18.53 25.67
C VAL C 65 -7.83 19.69 25.18
N LYS C 66 -7.18 20.80 24.85
CA LYS C 66 -7.86 21.99 24.32
C LYS C 66 -7.34 22.27 22.90
N VAL C 67 -8.18 22.89 22.08
CA VAL C 67 -7.83 23.18 20.69
C VAL C 67 -8.25 24.57 20.25
N SER C 68 -7.30 25.32 19.71
CA SER C 68 -7.58 26.61 19.05
C SER C 68 -7.47 26.40 17.55
N TYR C 69 -8.40 26.99 16.79
CA TYR C 69 -8.53 26.72 15.36
C TYR C 69 -8.48 27.99 14.53
N GLU C 70 -7.68 27.96 13.45
CA GLU C 70 -7.64 29.02 12.44
C GLU C 70 -7.68 28.39 11.06
N GLU C 71 -8.31 29.07 10.11
CA GLU C 71 -8.37 28.62 8.73
C GLU C 71 -8.05 29.75 7.76
N ARG C 72 -7.01 29.57 6.95
CA ARG C 72 -6.65 30.51 5.89
C ARG C 72 -6.51 29.79 4.56
N GLY C 73 -7.54 29.88 3.73
CA GLY C 73 -7.56 29.20 2.44
C GLY C 73 -7.59 27.70 2.63
N ASN C 74 -6.67 27.01 1.98
CA ASN C 74 -6.56 25.55 2.09
C ASN C 74 -5.79 25.10 3.34
N LEU C 75 -5.23 26.06 4.08
CA LEU C 75 -4.49 25.75 5.30
C LEU C 75 -5.39 25.79 6.53
N ARG C 76 -5.41 24.67 7.28
CA ARG C 76 -6.16 24.58 8.54
C ARG C 76 -5.18 24.35 9.69
N ILE C 77 -5.20 25.23 10.67
CA ILE C 77 -4.23 25.22 11.77
C ILE C 77 -4.89 24.83 13.09
N TYR C 78 -4.24 23.93 13.83
CA TYR C 78 -4.72 23.49 15.14
C TYR C 78 -3.63 23.65 16.20
N ARG C 79 -3.83 24.61 17.10
CA ARG C 79 -2.94 24.76 18.26
C ARG C 79 -3.50 23.96 19.44
N ILE C 80 -2.82 22.87 19.79
CA ILE C 80 -3.26 21.96 20.83
C ILE C 80 -2.73 22.39 22.20
N GLY C 81 -3.64 22.57 23.16
CA GLY C 81 -3.28 22.92 24.54
C GLY C 81 -3.65 21.81 25.50
N GLY C 82 -3.23 21.97 26.75
CA GLY C 82 -3.56 21.02 27.82
C GLY C 82 -2.32 20.43 28.47
N GLY C 83 -2.19 20.63 29.78
CA GLY C 83 -1.05 20.11 30.53
C GLY C 83 0.21 20.89 30.23
N LEU C 84 1.28 20.16 29.91
CA LEU C 84 2.57 20.79 29.59
C LEU C 84 2.60 21.50 28.23
N LEU C 85 1.55 21.30 27.42
CA LEU C 85 1.42 22.03 26.15
C LEU C 85 1.08 23.50 26.35
N ASP C 86 0.58 23.85 27.53
CA ASP C 86 0.31 25.24 27.90
C ASP C 86 1.54 25.96 28.48
N SER C 87 2.62 25.22 28.72
CA SER C 87 3.87 25.82 29.22
C SER C 87 4.50 26.74 28.18
N GLU C 88 4.78 27.97 28.58
CA GLU C 88 5.34 28.98 27.68
C GLU C 88 6.76 28.68 27.23
N ASP C 89 7.54 28.02 28.09
CA ASP C 89 8.89 27.59 27.71
C ASP C 89 8.77 26.59 26.57
N VAL C 90 8.88 27.10 25.34
CA VAL C 90 8.59 26.31 24.14
C VAL C 90 9.34 24.99 24.14
N TYR C 91 10.66 25.05 24.29
CA TYR C 91 11.48 23.85 24.43
C TYR C 91 11.84 23.67 25.90
N GLY C 92 10.82 23.38 26.69
CA GLY C 92 10.94 23.22 28.13
C GLY C 92 9.61 22.82 28.73
N PRO C 93 9.45 22.94 30.06
CA PRO C 93 10.41 23.46 31.03
C PRO C 93 11.43 22.39 31.43
N GLY C 94 12.69 22.61 31.09
CA GLY C 94 13.75 21.66 31.41
C GLY C 94 13.78 20.50 30.44
N TRP C 95 14.86 19.73 30.47
CA TRP C 95 15.03 18.56 29.60
C TRP C 95 13.92 17.52 29.84
N ASP C 96 13.48 17.39 31.09
CA ASP C 96 12.42 16.46 31.45
C ASP C 96 11.05 16.92 30.94
N GLY C 97 10.71 18.18 31.22
CA GLY C 97 9.43 18.75 30.80
C GLY C 97 9.23 18.77 29.30
N LEU C 98 10.29 19.08 28.56
CA LEU C 98 10.24 19.12 27.09
C LEU C 98 9.91 17.74 26.49
N ILE C 99 10.47 16.69 27.08
CA ILE C 99 10.22 15.32 26.61
C ILE C 99 8.79 14.90 26.93
N ARG C 100 8.34 15.20 28.15
CA ARG C 100 6.96 14.95 28.57
C ARG C 100 5.97 15.74 27.70
N LYS C 101 6.37 16.97 27.35
CA LYS C 101 5.58 17.84 26.49
C LYS C 101 5.41 17.22 25.11
N ALA C 102 6.50 16.66 24.60
CA ALA C 102 6.51 15.96 23.32
C ALA C 102 5.63 14.70 23.34
N VAL C 103 5.66 13.98 24.46
CA VAL C 103 4.86 12.77 24.63
C VAL C 103 3.37 13.10 24.73
N THR C 104 3.04 14.17 25.45
CA THR C 104 1.66 14.62 25.57
C THR C 104 1.14 15.08 24.21
N PHE C 105 1.97 15.82 23.47
CA PHE C 105 1.63 16.25 22.12
C PHE C 105 1.33 15.06 21.19
N GLY C 106 2.02 13.95 21.43
CA GLY C 106 1.81 12.75 20.63
C GLY C 106 0.43 12.14 20.83
N ARG C 107 0.04 11.97 22.09
CA ARG C 107 -1.26 11.41 22.41
C ARG C 107 -2.41 12.37 22.15
N ALA C 108 -2.15 13.67 22.28
CA ALA C 108 -3.15 14.70 21.98
C ALA C 108 -3.43 14.76 20.48
N SER C 109 -2.39 14.58 19.66
CA SER C 109 -2.54 14.55 18.20
C SER C 109 -3.38 13.37 17.71
N VAL C 110 -3.25 12.23 18.37
CA VAL C 110 -4.06 11.05 18.04
C VAL C 110 -5.52 11.30 18.40
N LEU C 111 -5.77 11.94 19.54
CA LEU C 111 -7.12 12.28 19.97
C LEU C 111 -7.80 13.21 18.96
N LEU C 112 -7.09 14.25 18.56
CA LEU C 112 -7.64 15.28 17.66
C LEU C 112 -7.94 14.71 16.27
N LEU C 113 -6.97 14.00 15.70
CA LEU C 113 -7.15 13.36 14.40
C LEU C 113 -8.32 12.40 14.44
N ASN C 114 -8.43 11.63 15.51
CA ASN C 114 -9.50 10.66 15.70
C ASN C 114 -10.88 11.33 15.63
N ASP C 115 -11.00 12.51 16.22
CA ASP C 115 -12.25 13.29 16.17
C ASP C 115 -12.55 13.80 14.77
N LEU C 116 -11.51 14.13 14.00
CA LEU C 116 -11.68 14.63 12.63
C LEU C 116 -12.15 13.53 11.68
N LEU C 117 -11.65 12.31 11.87
CA LEU C 117 -12.07 11.16 11.05
C LEU C 117 -13.54 10.80 11.25
N ARG C 118 -14.17 11.43 12.23
CA ARG C 118 -15.60 11.32 12.46
C ARG C 118 -16.41 11.95 11.33
N GLU C 119 -15.86 12.99 10.70
CA GLU C 119 -16.57 13.74 9.65
C GLU C 119 -15.80 13.93 8.34
N GLU C 120 -14.56 13.46 8.26
CA GLU C 120 -13.74 13.65 7.03
C GLU C 120 -12.77 12.49 6.80
N PRO C 121 -12.21 12.37 5.58
CA PRO C 121 -11.34 11.23 5.29
C PRO C 121 -9.93 11.36 5.86
N LEU C 122 -9.20 10.25 5.80
CA LEU C 122 -7.84 10.16 6.33
C LEU C 122 -6.88 10.99 5.46
N PRO C 123 -5.93 11.69 6.09
CA PRO C 123 -4.92 12.40 5.30
C PRO C 123 -4.03 11.46 4.47
N ASP C 124 -3.54 11.96 3.34
CA ASP C 124 -2.70 11.17 2.41
C ASP C 124 -1.31 10.91 2.96
N VAL C 125 -0.81 11.84 3.78
CA VAL C 125 0.54 11.71 4.35
C VAL C 125 0.61 12.43 5.70
N VAL C 126 1.55 12.02 6.53
CA VAL C 126 1.86 12.72 7.78
C VAL C 126 3.31 13.18 7.74
N HIS C 127 3.49 14.49 7.55
CA HIS C 127 4.80 15.10 7.45
C HIS C 127 5.17 15.69 8.80
N PHE C 128 6.17 15.13 9.46
CA PHE C 128 6.57 15.60 10.79
C PHE C 128 8.03 16.02 10.84
N HIS C 129 8.32 17.07 11.61
CA HIS C 129 9.60 17.77 11.57
C HIS C 129 10.33 17.75 12.90
N ASP C 130 11.60 17.32 12.86
CA ASP C 130 12.49 17.24 14.03
C ASP C 130 12.06 16.21 15.08
N TRP C 131 12.98 15.91 16.00
CA TRP C 131 12.78 14.82 16.98
C TRP C 131 11.66 15.09 17.98
N HIS C 132 11.28 16.36 18.15
CA HIS C 132 10.24 16.74 19.10
C HIS C 132 8.84 16.25 18.69
N THR C 133 8.66 16.00 17.39
CA THR C 133 7.38 15.52 16.86
C THR C 133 7.38 14.01 16.59
N VAL C 134 8.43 13.31 17.01
CA VAL C 134 8.59 11.88 16.67
C VAL C 134 7.50 11.03 17.30
N PHE C 135 7.17 11.31 18.57
CA PHE C 135 6.14 10.55 19.28
C PHE C 135 4.80 10.66 18.57
N ALA C 136 4.47 11.87 18.12
CA ALA C 136 3.23 12.10 17.37
C ALA C 136 3.23 11.35 16.05
N GLY C 137 4.29 11.53 15.27
CA GLY C 137 4.43 10.87 13.97
C GLY C 137 4.47 9.36 14.09
N ALA C 138 5.18 8.86 15.09
CA ALA C 138 5.25 7.42 15.35
C ALA C 138 3.88 6.85 15.70
N LEU C 139 3.16 7.53 16.60
CA LEU C 139 1.82 7.08 17.03
C LEU C 139 0.82 7.09 15.88
N ILE C 140 0.79 8.18 15.11
CA ILE C 140 -0.12 8.30 13.97
C ILE C 140 0.17 7.22 12.93
N LYS C 141 1.45 7.02 12.65
CA LYS C 141 1.91 5.95 11.77
C LYS C 141 1.46 4.59 12.30
N LYS C 142 1.71 4.35 13.59
CA LYS C 142 1.43 3.07 14.24
C LYS C 142 -0.05 2.68 14.16
N TYR C 143 -0.95 3.60 14.49
CA TYR C 143 -2.37 3.28 14.60
C TYR C 143 -3.13 3.44 13.28
N PHE C 144 -2.91 4.55 12.59
CA PHE C 144 -3.67 4.83 11.37
C PHE C 144 -3.03 4.34 10.07
N LYS C 145 -1.76 3.95 10.13
CA LYS C 145 -1.07 3.25 9.03
C LYS C 145 -0.96 4.06 7.72
N ILE C 146 -0.87 5.38 7.81
CA ILE C 146 -0.71 6.22 6.62
C ILE C 146 0.77 6.52 6.38
N PRO C 147 1.14 6.84 5.12
CA PRO C 147 2.54 7.16 4.81
C PRO C 147 3.11 8.29 5.68
N ALA C 148 4.39 8.17 6.05
CA ALA C 148 5.05 9.13 6.92
C ALA C 148 6.34 9.65 6.29
N VAL C 149 6.54 10.97 6.38
CA VAL C 149 7.75 11.63 5.92
C VAL C 149 8.37 12.38 7.10
N PHE C 150 9.66 12.13 7.34
CA PHE C 150 10.39 12.74 8.44
C PHE C 150 11.43 13.72 7.91
N THR C 151 11.32 14.99 8.31
CA THR C 151 12.29 16.01 7.92
C THR C 151 13.12 16.42 9.13
N ILE C 152 14.44 16.33 8.98
CA ILE C 152 15.37 16.77 10.02
C ILE C 152 15.98 18.10 9.58
N HIS C 153 15.71 19.15 10.34
CA HIS C 153 16.26 20.47 10.06
C HIS C 153 17.65 20.65 10.66
N ARG C 154 17.95 19.85 11.69
CA ARG C 154 19.24 19.91 12.37
C ARG C 154 19.34 18.71 13.31
N LEU C 155 20.47 18.01 13.25
CA LEU C 155 20.72 16.86 14.12
C LEU C 155 21.05 17.33 15.55
N ASN C 156 20.29 16.84 16.52
CA ASN C 156 20.53 17.15 17.92
C ASN C 156 21.55 16.20 18.56
N LYS C 157 21.54 14.94 18.12
CA LYS C 157 22.47 13.92 18.62
C LYS C 157 22.41 13.78 20.14
N SER C 158 21.31 13.23 20.63
CA SER C 158 21.13 12.98 22.06
C SER C 158 20.06 11.93 22.29
N LYS C 159 20.31 11.02 23.24
CA LYS C 159 19.43 9.87 23.47
C LYS C 159 18.48 10.12 24.64
N LEU C 160 17.27 9.57 24.55
CA LEU C 160 16.27 9.66 25.61
C LEU C 160 16.12 8.30 26.29
N PRO C 161 15.95 8.29 27.63
CA PRO C 161 15.70 7.04 28.33
C PRO C 161 14.48 6.29 27.78
N ALA C 162 14.53 4.97 27.82
CA ALA C 162 13.43 4.13 27.31
C ALA C 162 12.10 4.48 27.98
N PHE C 163 12.16 4.85 29.26
CA PHE C 163 10.99 5.26 30.04
C PHE C 163 9.96 6.08 29.26
N TYR C 164 10.42 7.11 28.55
CA TYR C 164 9.53 8.04 27.84
C TYR C 164 8.81 7.40 26.65
N PHE C 165 9.45 6.42 26.01
CA PHE C 165 8.83 5.66 24.92
C PHE C 165 7.74 4.70 25.42
N HIS C 166 7.98 4.08 26.58
N HIS C 166 7.98 4.09 26.58
CA HIS C 166 7.00 3.21 27.21
CA HIS C 166 6.99 3.21 27.21
C HIS C 166 5.72 3.98 27.58
C HIS C 166 5.72 3.98 27.58
N GLU C 167 5.89 5.21 28.07
CA GLU C 167 4.77 6.05 28.47
C GLU C 167 3.97 6.58 27.28
N ALA C 168 4.66 6.77 26.14
CA ALA C 168 4.01 7.23 24.92
C ALA C 168 3.27 6.10 24.18
N GLY C 169 3.37 4.87 24.67
CA GLY C 169 2.73 3.72 24.02
C GLY C 169 3.52 3.26 22.80
N LEU C 170 4.84 3.42 22.86
CA LEU C 170 5.74 3.02 21.78
C LEU C 170 6.89 2.20 22.36
N SER C 171 6.54 1.17 23.13
CA SER C 171 7.52 0.32 23.82
C SER C 171 8.40 -0.46 22.85
N GLU C 172 7.79 -0.95 21.77
CA GLU C 172 8.49 -1.75 20.76
C GLU C 172 9.64 -0.97 20.08
N LEU C 173 9.53 0.35 20.05
CA LEU C 173 10.57 1.22 19.50
C LEU C 173 11.71 1.49 20.49
N ALA C 174 11.60 0.94 21.71
CA ALA C 174 12.61 1.15 22.75
C ALA C 174 13.16 -0.17 23.30
N PRO C 175 13.91 -0.92 22.47
CA PRO C 175 14.52 -2.17 22.92
C PRO C 175 15.79 -2.00 23.76
N TYR C 176 16.31 -0.77 23.84
CA TYR C 176 17.52 -0.49 24.62
C TYR C 176 17.22 0.53 25.73
N PRO C 177 18.09 0.61 26.76
CA PRO C 177 17.88 1.56 27.86
C PRO C 177 17.83 3.04 27.44
N ASP C 178 18.49 3.38 26.33
CA ASP C 178 18.47 4.73 25.77
C ASP C 178 18.27 4.67 24.26
N ILE C 179 17.49 5.59 23.73
CA ILE C 179 17.17 5.63 22.29
C ILE C 179 17.34 7.03 21.71
N ASP C 180 17.95 7.10 20.54
CA ASP C 180 18.05 8.35 19.76
C ASP C 180 16.73 8.53 19.01
N PRO C 181 15.95 9.58 19.37
CA PRO C 181 14.64 9.77 18.74
C PRO C 181 14.69 10.12 17.25
N GLU C 182 15.84 10.60 16.77
CA GLU C 182 16.03 10.89 15.35
C GLU C 182 16.26 9.60 14.55
N HIS C 183 16.88 8.61 15.18
CA HIS C 183 17.01 7.28 14.59
C HIS C 183 15.65 6.58 14.53
N THR C 184 14.83 6.80 15.56
CA THR C 184 13.49 6.21 15.62
C THR C 184 12.57 6.81 14.58
N GLY C 185 12.62 8.14 14.42
CA GLY C 185 11.82 8.82 13.40
C GLY C 185 12.19 8.43 11.98
N GLY C 186 13.48 8.25 11.72
CA GLY C 186 13.95 7.77 10.43
C GLY C 186 13.59 6.32 10.16
N TYR C 187 13.51 5.53 11.22
CA TYR C 187 13.19 4.10 11.12
C TYR C 187 11.73 3.87 10.76
N ILE C 188 10.83 4.63 11.40
CA ILE C 188 9.39 4.47 11.18
C ILE C 188 8.91 5.18 9.91
N ALA C 189 9.66 6.18 9.44
CA ALA C 189 9.28 6.96 8.26
C ALA C 189 9.49 6.17 6.97
N ASP C 190 8.68 6.49 5.96
CA ASP C 190 8.80 5.89 4.63
C ASP C 190 9.89 6.59 3.82
N ILE C 191 9.84 7.92 3.80
CA ILE C 191 10.92 8.75 3.24
C ILE C 191 11.44 9.71 4.31
N VAL C 192 12.76 9.81 4.42
CA VAL C 192 13.41 10.78 5.29
C VAL C 192 14.00 11.88 4.43
N THR C 193 13.92 13.13 4.90
CA THR C 193 14.53 14.25 4.18
C THR C 193 15.37 15.14 5.10
N THR C 194 16.26 15.90 4.48
CA THR C 194 16.97 16.97 5.17
C THR C 194 17.05 18.20 4.27
N VAL C 195 17.47 19.32 4.85
CA VAL C 195 17.29 20.63 4.25
C VAL C 195 18.39 21.07 3.25
N SER C 196 19.42 20.25 3.05
CA SER C 196 20.39 20.50 1.99
C SER C 196 21.13 19.22 1.58
N ARG C 197 21.69 19.25 0.38
CA ARG C 197 22.44 18.13 -0.15
C ARG C 197 23.80 18.01 0.53
N GLY C 198 24.40 19.15 0.88
CA GLY C 198 25.70 19.17 1.51
C GLY C 198 25.66 18.68 2.95
N TYR C 199 24.62 19.10 3.68
CA TYR C 199 24.42 18.67 5.07
C TYR C 199 24.19 17.16 5.15
N LEU C 200 23.44 16.64 4.17
CA LEU C 200 23.24 15.20 4.02
C LEU C 200 24.58 14.46 3.88
N ILE C 201 25.48 15.03 3.07
CA ILE C 201 26.81 14.47 2.86
C ILE C 201 27.71 14.62 4.10
N ASP C 202 27.68 15.79 4.72
CA ASP C 202 28.47 16.05 5.94
C ASP C 202 28.11 15.11 7.09
N GLU C 203 26.82 14.80 7.21
CA GLU C 203 26.32 13.93 8.29
C GLU C 203 25.95 12.54 7.79
N TRP C 204 26.70 12.03 6.81
CA TRP C 204 26.38 10.75 6.20
C TRP C 204 26.55 9.60 7.20
N GLY C 205 27.54 9.71 8.08
CA GLY C 205 27.72 8.74 9.17
C GLY C 205 26.43 8.36 9.89
N PHE C 206 25.53 9.33 10.04
CA PHE C 206 24.21 9.10 10.61
C PHE C 206 23.18 8.75 9.53
N PHE C 207 23.07 9.60 8.52
CA PHE C 207 22.05 9.44 7.47
C PHE C 207 22.17 8.12 6.69
N ARG C 208 23.38 7.57 6.66
CA ARG C 208 23.66 6.27 6.02
C ARG C 208 22.69 5.15 6.43
N ASN C 209 22.19 5.22 7.66
CA ASN C 209 21.22 4.24 8.17
C ASN C 209 19.87 4.26 7.44
N PHE C 210 19.63 5.26 6.59
CA PHE C 210 18.40 5.37 5.83
C PHE C 210 18.68 5.42 4.33
N GLU C 211 19.78 4.78 3.93
CA GLU C 211 20.20 4.70 2.54
C GLU C 211 19.07 4.21 1.66
N GLY C 212 18.76 4.97 0.61
CA GLY C 212 17.71 4.61 -0.34
C GLY C 212 16.32 5.13 0.00
N LYS C 213 16.16 5.72 1.18
CA LYS C 213 14.94 6.47 1.51
C LYS C 213 15.22 7.84 2.13
N ILE C 214 16.50 8.23 2.14
CA ILE C 214 16.92 9.54 2.59
C ILE C 214 17.15 10.43 1.37
N THR C 215 16.65 11.66 1.42
CA THR C 215 16.87 12.63 0.35
C THR C 215 17.02 14.05 0.89
N TYR C 216 17.21 15.01 0.01
CA TYR C 216 17.33 16.41 0.41
C TYR C 216 16.21 17.24 -0.22
N VAL C 217 15.66 18.18 0.55
CA VAL C 217 14.72 19.16 0.03
C VAL C 217 15.07 20.53 0.59
N PHE C 218 15.54 21.42 -0.28
CA PHE C 218 16.00 22.75 0.14
C PHE C 218 14.89 23.58 0.76
N ASN C 219 15.26 24.38 1.75
CA ASN C 219 14.41 25.46 2.24
C ASN C 219 14.35 26.55 1.16
N GLY C 220 13.54 27.57 1.40
CA GLY C 220 13.43 28.70 0.49
C GLY C 220 13.68 30.01 1.19
N ILE C 221 13.77 31.08 0.40
CA ILE C 221 13.87 32.43 0.92
C ILE C 221 12.72 33.27 0.37
N ASP C 222 12.20 34.15 1.22
CA ASP C 222 11.15 35.07 0.82
C ASP C 222 11.79 36.35 0.28
N CYS C 223 12.24 36.32 -0.98
CA CYS C 223 12.87 37.50 -1.60
C CYS C 223 11.83 38.48 -2.17
N SER C 224 10.61 38.39 -1.62
CA SER C 224 9.62 39.47 -1.70
C SER C 224 9.94 40.53 -0.66
N PHE C 225 10.48 40.11 0.48
CA PHE C 225 11.01 41.03 1.49
C PHE C 225 12.47 41.35 1.17
N TRP C 226 13.30 40.32 1.09
CA TRP C 226 14.74 40.48 0.86
C TRP C 226 14.98 40.86 -0.61
N ASN C 227 15.00 42.16 -0.87
CA ASN C 227 14.92 42.70 -2.22
C ASN C 227 15.35 44.17 -2.26
N GLU C 228 16.02 44.57 -3.34
CA GLU C 228 16.62 45.90 -3.41
C GLU C 228 15.65 47.04 -3.72
N SER C 229 14.41 46.72 -4.05
CA SER C 229 13.40 47.75 -4.35
C SER C 229 13.09 48.66 -3.14
N TYR C 230 13.28 48.14 -1.94
CA TYR C 230 13.05 48.92 -0.71
C TYR C 230 14.20 49.88 -0.40
N LEU C 231 15.32 49.74 -1.10
CA LEU C 231 16.50 50.58 -0.90
C LEU C 231 16.55 51.67 -1.98
N THR C 232 16.98 52.87 -1.58
CA THR C 232 17.09 54.00 -2.50
C THR C 232 18.54 54.29 -2.86
N GLY C 233 18.73 54.98 -4.00
CA GLY C 233 20.07 55.34 -4.47
C GLY C 233 20.80 54.18 -5.12
N SER C 234 22.07 54.42 -5.48
CA SER C 234 22.94 53.37 -6.01
C SER C 234 23.76 52.74 -4.88
N ARG C 235 24.37 51.60 -5.16
CA ARG C 235 25.09 50.84 -4.14
C ARG C 235 26.25 51.63 -3.53
N ASP C 236 27.00 52.35 -4.36
CA ASP C 236 28.10 53.20 -3.88
C ASP C 236 27.60 54.25 -2.91
N GLU C 237 26.53 54.95 -3.30
CA GLU C 237 25.94 55.99 -2.45
C GLU C 237 25.44 55.41 -1.13
N ARG C 238 24.79 54.25 -1.18
CA ARG C 238 24.31 53.55 0.02
C ARG C 238 25.48 53.14 0.92
N LYS C 239 26.54 52.63 0.30
CA LYS C 239 27.73 52.16 1.02
C LYS C 239 28.50 53.31 1.68
N LYS C 240 28.60 54.44 0.98
CA LYS C 240 29.24 55.62 1.54
C LYS C 240 28.44 56.18 2.72
N SER C 241 27.11 56.14 2.57
CA SER C 241 26.19 56.63 3.60
C SER C 241 26.20 55.75 4.84
N LEU C 242 26.13 54.44 4.63
CA LEU C 242 26.18 53.47 5.74
C LEU C 242 27.45 53.66 6.57
N LEU C 243 28.59 53.69 5.87
CA LEU C 243 29.90 53.82 6.53
C LEU C 243 30.04 55.10 7.36
N SER C 244 29.41 56.19 6.89
CA SER C 244 29.37 57.44 7.65
C SER C 244 28.64 57.27 8.98
N LYS C 245 27.52 56.54 8.95
CA LYS C 245 26.76 56.26 10.18
C LYS C 245 27.62 55.48 11.18
N PHE C 246 28.48 54.58 10.67
CA PHE C 246 29.36 53.78 11.53
C PHE C 246 30.61 54.55 11.99
N GLY C 247 30.90 55.68 11.34
CA GLY C 247 32.09 56.46 11.66
C GLY C 247 33.33 55.90 10.99
N MET C 248 33.17 55.38 9.79
CA MET C 248 34.28 54.91 8.97
C MET C 248 34.20 55.57 7.59
N ASP C 249 35.34 55.63 6.90
CA ASP C 249 35.41 56.23 5.56
C ASP C 249 35.45 55.14 4.48
N GLU C 250 35.45 55.56 3.21
CA GLU C 250 35.35 54.63 2.07
C GLU C 250 36.39 53.51 2.10
N GLY C 251 35.91 52.28 1.91
CA GLY C 251 36.78 51.10 1.81
C GLY C 251 35.98 49.86 1.50
N VAL C 252 36.65 48.78 1.09
CA VAL C 252 35.98 47.52 0.79
C VAL C 252 35.41 46.94 2.08
N THR C 253 34.09 46.74 2.10
CA THR C 253 33.35 46.49 3.34
C THR C 253 32.95 45.01 3.51
N PHE C 254 33.28 44.44 4.66
CA PHE C 254 32.95 43.05 4.99
C PHE C 254 32.00 43.00 6.19
N MET C 255 31.06 42.04 6.18
CA MET C 255 30.02 41.96 7.21
C MET C 255 29.83 40.55 7.78
N PHE C 256 29.88 40.44 9.11
CA PHE C 256 29.51 39.21 9.80
C PHE C 256 28.25 39.45 10.63
N ILE C 257 27.29 38.54 10.52
CA ILE C 257 26.12 38.53 11.41
C ILE C 257 25.87 37.12 11.94
N GLY C 258 25.84 36.98 13.26
CA GLY C 258 25.64 35.67 13.87
C GLY C 258 25.97 35.63 15.35
N ARG C 259 25.66 34.49 15.95
CA ARG C 259 25.91 34.24 17.36
C ARG C 259 27.42 34.17 17.63
N PHE C 260 27.84 34.74 18.75
CA PHE C 260 29.24 34.66 19.18
C PHE C 260 29.39 33.41 20.03
N ASP C 261 29.76 32.29 19.40
CA ASP C 261 29.88 30.99 20.10
C ASP C 261 31.09 30.20 19.61
N ARG C 262 31.27 28.99 20.15
CA ARG C 262 32.44 28.15 19.85
C ARG C 262 32.09 26.93 19.01
N GLY C 263 32.88 26.68 17.97
CA GLY C 263 32.69 25.53 17.09
C GLY C 263 31.34 25.52 16.38
N GLN C 264 30.83 26.70 16.06
CA GLN C 264 29.50 26.84 15.47
C GLN C 264 29.48 27.90 14.35
N LYS C 265 29.30 29.17 14.71
CA LYS C 265 29.17 30.24 13.70
C LYS C 265 30.52 30.84 13.30
N GLY C 266 31.56 30.55 14.09
CA GLY C 266 32.93 30.86 13.71
C GLY C 266 33.36 32.32 13.79
N VAL C 267 32.70 33.10 14.65
CA VAL C 267 33.13 34.48 14.87
C VAL C 267 34.56 34.52 15.41
N ASP C 268 34.95 33.47 16.14
CA ASP C 268 36.32 33.35 16.65
C ASP C 268 37.35 33.19 15.51
N VAL C 269 36.98 32.45 14.47
CA VAL C 269 37.85 32.30 13.29
C VAL C 269 38.01 33.64 12.59
N LEU C 270 36.91 34.37 12.43
CA LEU C 270 36.93 35.70 11.82
C LEU C 270 37.81 36.66 12.59
N LEU C 271 37.69 36.66 13.91
CA LEU C 271 38.46 37.56 14.77
C LEU C 271 39.97 37.31 14.68
N LYS C 272 40.36 36.03 14.64
CA LYS C 272 41.77 35.66 14.46
C LYS C 272 42.25 36.03 13.06
N ALA C 273 41.37 35.89 12.06
CA ALA C 273 41.69 36.27 10.69
C ALA C 273 41.93 37.78 10.54
N ILE C 274 41.20 38.59 11.30
CA ILE C 274 41.43 40.05 11.34
C ILE C 274 42.79 40.38 11.96
N GLU C 275 43.16 39.65 13.02
CA GLU C 275 44.47 39.84 13.66
C GLU C 275 45.61 39.49 12.73
N ILE C 276 45.45 38.39 11.97
CA ILE C 276 46.44 38.01 10.96
C ILE C 276 46.63 39.12 9.94
N LEU C 277 45.53 39.65 9.43
CA LEU C 277 45.55 40.68 8.39
C LEU C 277 46.03 42.05 8.88
N SER C 278 45.91 42.31 10.19
CA SER C 278 46.25 43.64 10.75
C SER C 278 47.71 44.08 10.51
N SER C 279 48.61 43.13 10.27
CA SER C 279 50.00 43.45 9.96
C SER C 279 50.26 43.70 8.47
N LYS C 280 49.29 43.38 7.61
CA LYS C 280 49.42 43.57 6.16
C LYS C 280 49.18 45.02 5.76
N LYS C 281 49.77 45.42 4.64
CA LYS C 281 49.64 46.80 4.14
C LYS C 281 48.24 47.09 3.61
N GLU C 282 47.56 46.05 3.11
CA GLU C 282 46.22 46.21 2.53
C GLU C 282 45.10 46.06 3.57
N PHE C 283 45.47 45.99 4.86
CA PHE C 283 44.51 45.95 5.95
C PHE C 283 43.73 47.26 6.06
N GLN C 284 44.43 48.38 5.90
CA GLN C 284 43.81 49.69 6.06
C GLN C 284 42.96 50.08 4.84
N GLU C 285 42.78 49.14 3.92
CA GLU C 285 41.86 49.28 2.79
C GLU C 285 40.53 48.55 3.04
N MET C 286 40.44 47.83 4.16
CA MET C 286 39.30 46.97 4.46
C MET C 286 38.45 47.49 5.61
N ARG C 287 37.14 47.31 5.52
CA ARG C 287 36.21 47.73 6.57
C ARG C 287 35.43 46.53 7.08
N PHE C 288 35.31 46.43 8.41
CA PHE C 288 34.69 45.29 9.05
C PHE C 288 33.53 45.70 9.96
N ILE C 289 32.35 45.14 9.69
CA ILE C 289 31.19 45.29 10.55
C ILE C 289 30.84 43.92 11.13
N ILE C 290 30.95 43.80 12.45
CA ILE C 290 30.72 42.52 13.13
C ILE C 290 29.50 42.65 14.05
N ILE C 291 28.43 41.92 13.72
CA ILE C 291 27.17 42.02 14.46
C ILE C 291 26.82 40.72 15.17
N GLY C 292 26.42 40.82 16.43
CA GLY C 292 25.96 39.66 17.20
C GLY C 292 26.42 39.66 18.64
N LYS C 293 25.98 38.65 19.38
CA LYS C 293 26.36 38.52 20.78
C LYS C 293 26.29 37.07 21.25
N GLY C 294 26.84 36.83 22.43
CA GLY C 294 26.88 35.49 23.01
C GLY C 294 28.01 35.37 23.99
N ASP C 295 29.02 34.57 23.63
CA ASP C 295 30.21 34.35 24.46
C ASP C 295 30.82 35.71 24.83
N PRO C 296 30.82 36.06 26.12
CA PRO C 296 31.34 37.37 26.55
C PRO C 296 32.85 37.52 26.43
N GLU C 297 33.57 36.41 26.34
CA GLU C 297 35.00 36.45 26.07
C GLU C 297 35.25 36.85 24.61
N LEU C 298 34.39 36.37 23.71
CA LEU C 298 34.44 36.73 22.30
C LEU C 298 33.91 38.15 22.04
N GLU C 299 32.95 38.59 22.86
CA GLU C 299 32.47 39.98 22.80
C GLU C 299 33.55 40.95 23.22
N GLY C 300 34.31 40.57 24.25
CA GLY C 300 35.42 41.38 24.74
C GLY C 300 36.57 41.42 23.76
N TRP C 301 36.90 40.25 23.20
CA TRP C 301 37.91 40.15 22.15
C TRP C 301 37.50 40.99 20.94
N ALA C 302 36.21 40.92 20.59
CA ALA C 302 35.67 41.74 19.49
C ALA C 302 35.79 43.24 19.79
N ARG C 303 35.53 43.61 21.05
CA ARG C 303 35.62 45.01 21.48
C ARG C 303 37.05 45.52 21.65
N SER C 304 38.00 44.59 21.78
CA SER C 304 39.42 44.95 21.80
C SER C 304 39.90 45.38 20.42
N LEU C 305 39.42 44.71 19.39
CA LEU C 305 39.82 45.01 18.01
C LEU C 305 39.21 46.33 17.53
N GLU C 306 37.98 46.60 17.93
CA GLU C 306 37.34 47.89 17.67
C GLU C 306 38.14 49.02 18.32
N GLU C 307 38.62 48.77 19.53
CA GLU C 307 39.41 49.74 20.28
C GLU C 307 40.81 49.94 19.67
N LYS C 308 41.36 48.86 19.12
CA LYS C 308 42.70 48.89 18.50
C LYS C 308 42.67 49.27 17.03
N HIS C 309 41.52 49.12 16.37
CA HIS C 309 41.40 49.38 14.93
C HIS C 309 40.18 50.21 14.56
N GLY C 310 40.43 51.36 13.93
CA GLY C 310 39.36 52.26 13.50
C GLY C 310 38.57 51.78 12.31
N ASN C 311 39.08 50.78 11.61
CA ASN C 311 38.37 50.17 10.48
C ASN C 311 37.55 48.92 10.86
N VAL C 312 37.42 48.66 12.16
CA VAL C 312 36.60 47.56 12.68
C VAL C 312 35.53 48.13 13.61
N LYS C 313 34.30 47.68 13.43
CA LYS C 313 33.18 48.08 14.30
C LYS C 313 32.37 46.87 14.73
N VAL C 314 31.89 46.88 15.97
CA VAL C 314 31.15 45.78 16.55
C VAL C 314 29.83 46.26 17.14
N ILE C 315 28.75 45.51 16.88
CA ILE C 315 27.43 45.82 17.45
C ILE C 315 26.87 44.58 18.11
N THR C 316 26.73 44.63 19.44
CA THR C 316 26.23 43.50 20.23
C THR C 316 24.75 43.67 20.59
N GLU C 317 23.92 43.76 19.55
CA GLU C 317 22.46 43.80 19.71
C GLU C 317 21.80 43.09 18.54
N MET C 318 20.52 42.76 18.71
CA MET C 318 19.73 42.17 17.65
C MET C 318 19.11 43.30 16.83
N LEU C 319 19.57 43.44 15.60
CA LEU C 319 19.07 44.49 14.72
C LEU C 319 17.79 44.04 14.05
N SER C 320 17.01 44.99 13.55
CA SER C 320 15.78 44.69 12.83
C SER C 320 16.08 44.11 11.45
N ARG C 321 15.09 43.46 10.86
CA ARG C 321 15.24 42.87 9.53
C ARG C 321 15.35 43.96 8.47
N GLU C 322 14.66 45.07 8.69
CA GLU C 322 14.72 46.22 7.79
C GLU C 322 16.13 46.82 7.76
N PHE C 323 16.76 46.91 8.93
CA PHE C 323 18.13 47.44 9.02
C PHE C 323 19.16 46.47 8.46
N VAL C 324 18.94 45.16 8.63
CA VAL C 324 19.83 44.14 8.09
C VAL C 324 19.71 44.09 6.55
N ARG C 325 18.49 44.30 6.04
CA ARG C 325 18.27 44.38 4.60
C ARG C 325 19.11 45.50 3.99
N GLU C 326 19.13 46.65 4.65
CA GLU C 326 19.92 47.79 4.19
C GLU C 326 21.41 47.51 4.31
N LEU C 327 21.81 46.76 5.32
CA LEU C 327 23.21 46.37 5.48
C LEU C 327 23.66 45.44 4.35
N TYR C 328 22.86 44.42 4.05
CA TYR C 328 23.17 43.51 2.95
C TYR C 328 23.22 44.25 1.60
N GLY C 329 22.39 45.28 1.46
CA GLY C 329 22.36 46.08 0.23
C GLY C 329 23.44 47.14 0.12
N SER C 330 24.23 47.33 1.19
CA SER C 330 25.28 48.35 1.21
C SER C 330 26.69 47.76 1.22
N VAL C 331 26.91 46.72 2.03
CA VAL C 331 28.23 46.10 2.14
C VAL C 331 28.63 45.39 0.84
N ASP C 332 29.93 45.12 0.69
CA ASP C 332 30.45 44.43 -0.49
C ASP C 332 30.41 42.92 -0.32
N PHE C 333 30.78 42.45 0.87
CA PHE C 333 30.88 41.02 1.14
C PHE C 333 30.25 40.66 2.48
N VAL C 334 29.73 39.44 2.56
CA VAL C 334 29.25 38.88 3.83
C VAL C 334 30.11 37.66 4.16
N ILE C 335 30.66 37.62 5.38
CA ILE C 335 31.52 36.53 5.81
C ILE C 335 30.75 35.55 6.67
N ILE C 336 30.78 34.27 6.28
CA ILE C 336 29.99 33.23 6.93
C ILE C 336 30.91 32.05 7.30
N PRO C 337 31.71 32.21 8.35
CA PRO C 337 32.74 31.24 8.71
C PRO C 337 32.22 30.09 9.60
N SER C 338 31.12 29.47 9.19
CA SER C 338 30.47 28.45 10.00
C SER C 338 31.26 27.14 10.02
N TYR C 339 31.27 26.46 11.16
CA TYR C 339 31.85 25.12 11.27
C TYR C 339 30.91 24.08 10.68
N PHE C 340 29.61 24.37 10.69
CA PHE C 340 28.60 23.55 10.01
C PHE C 340 27.36 24.39 9.72
N GLU C 341 26.62 24.02 8.68
CA GLU C 341 25.43 24.79 8.27
C GLU C 341 24.40 23.89 7.58
N PRO C 342 23.33 23.53 8.30
CA PRO C 342 22.22 22.76 7.72
C PRO C 342 21.69 23.31 6.40
N PHE C 343 21.45 24.62 6.33
CA PHE C 343 20.98 25.26 5.10
C PHE C 343 21.83 26.46 4.73
N GLY C 344 21.70 27.56 5.48
CA GLY C 344 22.47 28.77 5.22
C GLY C 344 21.64 29.91 4.67
N LEU C 345 20.60 30.28 5.41
CA LEU C 345 19.68 31.34 4.99
C LEU C 345 20.38 32.70 4.86
N VAL C 346 21.36 32.95 5.73
CA VAL C 346 22.11 34.21 5.72
C VAL C 346 22.77 34.47 4.35
N ALA C 347 23.28 33.41 3.73
CA ALA C 347 23.85 33.50 2.39
C ALA C 347 22.81 33.99 1.38
N LEU C 348 21.66 33.32 1.35
CA LEU C 348 20.57 33.70 0.43
C LEU C 348 20.11 35.14 0.66
N GLU C 349 19.92 35.51 1.93
CA GLU C 349 19.51 36.87 2.28
C GLU C 349 20.49 37.92 1.77
N ALA C 350 21.78 37.66 1.95
CA ALA C 350 22.84 38.54 1.45
C ALA C 350 22.88 38.55 -0.07
N MET C 351 22.81 37.37 -0.68
CA MET C 351 22.86 37.24 -2.14
C MET C 351 21.69 37.95 -2.84
N CYS C 352 20.51 37.89 -2.25
CA CYS C 352 19.32 38.56 -2.81
C CYS C 352 19.44 40.08 -2.82
N LEU C 353 20.21 40.63 -1.88
CA LEU C 353 20.47 42.06 -1.82
C LEU C 353 21.82 42.44 -2.42
N GLY C 354 22.42 41.50 -3.15
CA GLY C 354 23.61 41.77 -3.95
C GLY C 354 24.94 41.66 -3.23
N ALA C 355 24.94 41.27 -1.96
CA ALA C 355 26.19 41.11 -1.20
C ALA C 355 26.86 39.78 -1.58
N ILE C 356 28.18 39.81 -1.72
CA ILE C 356 28.94 38.65 -2.19
C ILE C 356 29.44 37.81 -1.00
N PRO C 357 28.99 36.55 -0.91
CA PRO C 357 29.35 35.72 0.25
C PRO C 357 30.75 35.12 0.19
N ILE C 358 31.49 35.24 1.29
CA ILE C 358 32.72 34.49 1.53
C ILE C 358 32.42 33.53 2.68
N ALA C 359 32.27 32.25 2.38
CA ALA C 359 31.72 31.29 3.34
C ALA C 359 32.57 30.03 3.49
N SER C 360 32.36 29.33 4.60
CA SER C 360 32.96 28.02 4.82
C SER C 360 32.31 27.00 3.90
N ALA C 361 33.13 26.09 3.36
CA ALA C 361 32.63 25.06 2.46
C ALA C 361 32.00 23.92 3.27
N VAL C 362 30.90 24.22 3.96
CA VAL C 362 30.23 23.24 4.82
C VAL C 362 28.72 23.22 4.58
N GLY C 363 28.16 22.01 4.60
CA GLY C 363 26.72 21.83 4.53
C GLY C 363 26.06 22.46 3.31
N GLY C 364 24.96 23.17 3.54
CA GLY C 364 24.18 23.78 2.46
C GLY C 364 24.83 24.97 1.79
N LEU C 365 25.84 25.55 2.44
CA LEU C 365 26.59 26.67 1.85
C LEU C 365 27.31 26.26 0.56
N ARG C 366 27.70 24.98 0.48
CA ARG C 366 28.28 24.42 -0.76
C ARG C 366 27.27 24.36 -1.90
N ASP C 367 26.02 24.05 -1.58
CA ASP C 367 24.95 24.00 -2.57
C ASP C 367 24.54 25.39 -3.03
N ILE C 368 24.48 26.33 -2.08
CA ILE C 368 24.05 27.70 -2.36
C ILE C 368 25.09 28.49 -3.14
N ILE C 369 26.35 28.41 -2.72
CA ILE C 369 27.43 29.22 -3.29
C ILE C 369 28.19 28.45 -4.38
N THR C 370 28.55 29.16 -5.45
CA THR C 370 29.28 28.57 -6.57
C THR C 370 30.44 29.46 -7.02
N ASN C 371 31.21 28.98 -8.00
CA ASN C 371 32.34 29.73 -8.57
C ASN C 371 31.98 31.15 -9.00
N GLU C 372 30.78 31.32 -9.53
CA GLU C 372 30.36 32.57 -10.15
C GLU C 372 29.35 33.34 -9.28
N THR C 373 29.28 32.99 -7.99
CA THR C 373 28.40 33.67 -7.04
C THR C 373 29.01 33.87 -5.65
N GLY C 374 30.29 33.56 -5.46
CA GLY C 374 30.93 33.73 -4.15
C GLY C 374 32.21 32.95 -3.96
N ILE C 375 32.79 33.07 -2.77
CA ILE C 375 34.05 32.40 -2.44
C ILE C 375 33.84 31.39 -1.30
N LEU C 376 34.23 30.14 -1.53
CA LEU C 376 34.21 29.12 -0.48
C LEU C 376 35.61 28.90 0.08
N VAL C 377 35.67 28.47 1.33
CA VAL C 377 36.94 28.33 2.04
C VAL C 377 36.88 27.16 3.03
N LYS C 378 38.05 26.62 3.36
CA LYS C 378 38.16 25.54 4.33
C LYS C 378 37.73 26.04 5.71
N ALA C 379 36.85 25.29 6.37
CA ALA C 379 36.23 25.71 7.63
C ALA C 379 37.17 25.55 8.82
N GLY C 380 37.10 26.50 9.76
CA GLY C 380 37.88 26.46 10.99
C GLY C 380 39.36 26.77 10.83
N ASP C 381 39.69 27.62 9.86
CA ASP C 381 41.08 27.97 9.55
C ASP C 381 41.18 29.47 9.33
N PRO C 382 41.71 30.21 10.33
CA PRO C 382 41.82 31.66 10.21
C PRO C 382 42.73 32.14 9.08
N GLY C 383 43.87 31.47 8.91
CA GLY C 383 44.83 31.82 7.87
C GLY C 383 44.23 31.75 6.47
N GLU C 384 43.46 30.70 6.22
CA GLU C 384 42.84 30.49 4.91
C GLU C 384 41.65 31.43 4.68
N LEU C 385 41.01 31.88 5.77
CA LEU C 385 39.97 32.90 5.68
C LEU C 385 40.59 34.26 5.37
N ALA C 386 41.66 34.59 6.08
CA ALA C 386 42.40 35.83 5.86
C ALA C 386 42.87 35.93 4.41
N ASN C 387 43.31 34.80 3.86
CA ASN C 387 43.74 34.72 2.47
C ASN C 387 42.57 34.90 1.49
N ALA C 388 41.41 34.35 1.85
CA ALA C 388 40.20 34.52 1.06
C ALA C 388 39.77 36.00 1.01
N ILE C 389 39.89 36.67 2.15
CA ILE C 389 39.59 38.11 2.25
C ILE C 389 40.55 38.95 1.40
N LEU C 390 41.82 38.56 1.36
CA LEU C 390 42.82 39.24 0.52
C LEU C 390 42.51 39.06 -0.97
N LYS C 391 42.04 37.87 -1.34
CA LYS C 391 41.63 37.58 -2.72
C LYS C 391 40.34 38.33 -3.08
N ALA C 392 39.47 38.52 -2.11
CA ALA C 392 38.24 39.31 -2.32
C ALA C 392 38.53 40.79 -2.56
N LEU C 393 39.66 41.27 -2.04
CA LEU C 393 40.04 42.68 -2.18
C LEU C 393 40.55 43.01 -3.59
N GLU C 394 41.33 42.09 -4.17
CA GLU C 394 41.85 42.27 -5.53
C GLU C 394 40.74 42.19 -6.56
N LEU C 395 39.76 41.33 -6.30
CA LEU C 395 38.56 41.23 -7.13
C LEU C 395 37.83 42.58 -7.18
N SER C 396 37.74 43.22 -6.02
CA SER C 396 36.99 44.48 -5.83
C SER C 396 37.41 45.63 -6.75
N ARG C 397 38.66 45.63 -7.22
CA ARG C 397 39.14 46.67 -8.12
C ARG C 397 38.59 46.47 -9.54
N SER C 398 38.11 45.26 -9.83
CA SER C 398 37.37 44.98 -11.05
C SER C 398 35.91 45.30 -10.84
N ASP C 399 35.12 45.26 -11.91
CA ASP C 399 33.69 45.48 -11.82
C ASP C 399 33.02 44.19 -11.34
N LEU C 400 32.54 44.20 -10.09
CA LEU C 400 31.91 43.04 -9.48
C LEU C 400 30.41 42.96 -9.79
N SER C 401 29.93 43.84 -10.67
CA SER C 401 28.50 43.88 -11.01
C SER C 401 27.96 42.55 -11.51
N LYS C 402 28.81 41.77 -12.20
CA LYS C 402 28.42 40.45 -12.69
C LYS C 402 28.28 39.45 -11.55
N PHE C 403 29.23 39.48 -10.60
CA PHE C 403 29.10 38.67 -9.38
C PHE C 403 27.76 38.92 -8.69
N ARG C 404 27.45 40.20 -8.47
CA ARG C 404 26.27 40.59 -7.71
C ARG C 404 24.98 40.17 -8.40
N GLU C 405 24.92 40.34 -9.71
CA GLU C 405 23.76 39.94 -10.51
C GLU C 405 23.53 38.43 -10.46
N ASN C 406 24.62 37.67 -10.56
CA ASN C 406 24.54 36.21 -10.49
C ASN C 406 24.05 35.74 -9.12
N CYS C 407 24.43 36.46 -8.06
CA CYS C 407 23.96 36.17 -6.72
C CYS C 407 22.45 36.38 -6.57
N LYS C 408 21.96 37.49 -7.12
CA LYS C 408 20.54 37.82 -7.05
C LYS C 408 19.69 36.85 -7.88
N LYS C 409 20.16 36.51 -9.07
CA LYS C 409 19.46 35.53 -9.92
C LYS C 409 19.38 34.17 -9.23
N ARG C 410 20.50 33.72 -8.65
CA ARG C 410 20.54 32.40 -8.03
C ARG C 410 19.72 32.34 -6.74
N ALA C 411 19.93 33.29 -5.85
CA ALA C 411 19.22 33.33 -4.56
C ALA C 411 17.71 33.28 -4.73
N MET C 412 17.21 34.00 -5.73
CA MET C 412 15.77 34.03 -6.01
C MET C 412 15.23 32.73 -6.62
N SER C 413 16.13 31.87 -7.13
CA SER C 413 15.73 30.55 -7.62
C SER C 413 15.33 29.60 -6.49
N PHE C 414 15.89 29.83 -5.29
CA PHE C 414 15.50 29.07 -4.10
C PHE C 414 14.16 29.56 -3.54
N SER C 415 13.08 29.22 -4.24
CA SER C 415 11.74 29.63 -3.83
C SER C 415 11.12 28.59 -2.89
N TRP C 416 10.12 29.03 -2.12
CA TRP C 416 9.36 28.11 -1.27
C TRP C 416 8.40 27.24 -2.10
N GLU C 417 8.03 27.71 -3.29
CA GLU C 417 7.22 26.93 -4.21
C GLU C 417 7.97 25.71 -4.72
N LYS C 418 9.23 25.90 -5.11
CA LYS C 418 10.09 24.78 -5.51
C LYS C 418 10.24 23.77 -4.38
N SER C 419 10.43 24.30 -3.17
CA SER C 419 10.55 23.49 -1.96
C SER C 419 9.27 22.67 -1.71
N ALA C 420 8.11 23.33 -1.85
CA ALA C 420 6.82 22.68 -1.64
C ALA C 420 6.54 21.59 -2.69
N GLU C 421 6.77 21.93 -3.96
CA GLU C 421 6.58 20.98 -5.07
C GLU C 421 7.36 19.69 -4.89
N ARG C 422 8.54 19.80 -4.28
CA ARG C 422 9.42 18.65 -4.10
C ARG C 422 9.03 17.80 -2.87
N TYR C 423 8.39 18.42 -1.88
CA TYR C 423 7.84 17.66 -0.76
C TYR C 423 6.67 16.79 -1.25
N VAL C 424 5.83 17.35 -2.11
CA VAL C 424 4.71 16.59 -2.72
C VAL C 424 5.23 15.32 -3.41
N LYS C 425 6.40 15.42 -4.01
CA LYS C 425 7.08 14.25 -4.57
C LYS C 425 7.47 13.25 -3.48
N ALA C 426 8.06 13.74 -2.39
CA ALA C 426 8.47 12.88 -1.27
C ALA C 426 7.27 12.14 -0.65
N TYR C 427 6.12 12.80 -0.63
CA TYR C 427 4.91 12.24 -0.03
C TYR C 427 4.43 10.94 -0.68
N THR C 428 4.75 10.75 -1.95
CA THR C 428 4.38 9.52 -2.68
C THR C 428 5.59 8.65 -3.04
N GLY C 429 6.78 9.05 -2.59
CA GLY C 429 8.01 8.34 -2.93
C GLY C 429 8.49 8.59 -4.35
N SER C 430 7.88 9.55 -5.04
CA SER C 430 8.24 9.88 -6.41
C SER C 430 9.38 10.89 -6.39
N ILE C 431 10.50 10.48 -5.79
CA ILE C 431 11.62 11.36 -5.57
C ILE C 431 12.92 10.56 -5.56
N ASP C 432 14.03 11.20 -5.91
CA ASP C 432 15.34 10.57 -5.85
C ASP C 432 15.85 10.54 -4.41
N ARG C 433 16.85 9.71 -4.16
CA ARG C 433 17.39 9.52 -2.80
C ARG C 433 18.88 9.18 -2.83
N ALA C 434 19.52 9.22 -1.67
CA ALA C 434 20.97 9.08 -1.56
C ALA C 434 21.39 7.61 -1.44
N PHE C 435 22.19 7.14 -2.39
CA PHE C 435 22.77 5.80 -2.36
C PHE C 435 24.30 5.87 -2.31
N ASP C 436 24.88 5.13 -1.39
CA ASP C 436 26.32 5.12 -1.18
C ASP C 436 27.13 4.78 -2.44
N PHE C 437 26.57 3.89 -3.27
CA PHE C 437 27.28 3.38 -4.45
C PHE C 437 27.19 4.27 -5.70
N ILE C 438 26.51 5.41 -5.60
CA ILE C 438 26.48 6.39 -6.69
C ILE C 438 27.66 7.36 -6.54
N LEU C 439 28.46 7.48 -7.61
CA LEU C 439 29.67 8.31 -7.63
C LEU C 439 29.52 9.50 -8.56
#